data_8XZM
# 
_entry.id   8XZM 
# 
_audit_conform.dict_name       mmcif_pdbx.dic 
_audit_conform.dict_version    5.395 
_audit_conform.dict_location   http://mmcif.pdb.org/dictionaries/ascii/mmcif_pdbx.dic 
# 
loop_
_database_2.database_id 
_database_2.database_code 
_database_2.pdbx_database_accession 
_database_2.pdbx_DOI 
PDB   8XZM         pdb_00008xzm 10.2210/pdb8xzm/pdb 
WWPDB D_1300044555 ?            ?                   
# 
loop_
_pdbx_audit_revision_history.ordinal 
_pdbx_audit_revision_history.data_content_type 
_pdbx_audit_revision_history.major_revision 
_pdbx_audit_revision_history.minor_revision 
_pdbx_audit_revision_history.revision_date 
1 'Structure model' 1 0 2024-07-24 
2 'Structure model' 1 1 2024-08-21 
# 
_pdbx_audit_revision_details.ordinal             1 
_pdbx_audit_revision_details.revision_ordinal    1 
_pdbx_audit_revision_details.data_content_type   'Structure model' 
_pdbx_audit_revision_details.provider            repository 
_pdbx_audit_revision_details.type                'Initial release' 
_pdbx_audit_revision_details.description         ? 
_pdbx_audit_revision_details.details             ? 
# 
_pdbx_audit_revision_group.ordinal             1 
_pdbx_audit_revision_group.revision_ordinal    2 
_pdbx_audit_revision_group.data_content_type   'Structure model' 
_pdbx_audit_revision_group.group               'Database references' 
# 
_pdbx_audit_revision_category.ordinal             1 
_pdbx_audit_revision_category.revision_ordinal    2 
_pdbx_audit_revision_category.data_content_type   'Structure model' 
_pdbx_audit_revision_category.category            citation 
# 
loop_
_pdbx_audit_revision_item.ordinal 
_pdbx_audit_revision_item.revision_ordinal 
_pdbx_audit_revision_item.data_content_type 
_pdbx_audit_revision_item.item 
1 2 'Structure model' '_citation.journal_volume' 
2 2 'Structure model' '_citation.page_first'     
3 2 'Structure model' '_citation.page_last'      
# 
_pdbx_database_status.status_code                     REL 
_pdbx_database_status.status_code_sf                  REL 
_pdbx_database_status.status_code_mr                  ? 
_pdbx_database_status.entry_id                        8XZM 
_pdbx_database_status.recvd_initial_deposition_date   2024-01-21 
_pdbx_database_status.SG_entry                        N 
_pdbx_database_status.deposit_site                    PDBJ 
_pdbx_database_status.process_site                    PDBJ 
_pdbx_database_status.status_code_cs                  ? 
_pdbx_database_status.status_code_nmr_data            ? 
_pdbx_database_status.methods_development_category    ? 
_pdbx_database_status.pdb_format_compatible           Y 
# 
_pdbx_contact_author.id                 2 
_pdbx_contact_author.email              aimingren@zju.edu.cn 
_pdbx_contact_author.name_first         Aiming 
_pdbx_contact_author.name_last          Ren 
_pdbx_contact_author.name_mi            ? 
_pdbx_contact_author.role               'principal investigator/group leader' 
_pdbx_contact_author.identifier_ORCID   0000-0002-5420-4899 
# 
loop_
_audit_author.name 
_audit_author.pdbx_ordinal 
_audit_author.identifier_ORCID 
'Li, C.Y.'  1 ? 
'Ren, A.M.' 2 ? 
# 
_citation.abstract                  ? 
_citation.abstract_id_CAS           ? 
_citation.book_id_ISBN              ? 
_citation.book_publisher            ? 
_citation.book_publisher_city       ? 
_citation.book_title                ? 
_citation.coordinate_linkage        ? 
_citation.country                   UK 
_citation.database_id_Medline       ? 
_citation.details                   ? 
_citation.id                        primary 
_citation.journal_abbrev            'Nucleic Acids Res.' 
_citation.journal_id_ASTM           NARHAD 
_citation.journal_id_CSD            0389 
_citation.journal_id_ISSN           1362-4962 
_citation.journal_full              ? 
_citation.journal_issue             ? 
_citation.journal_volume            52 
_citation.language                  ? 
_citation.page_first                8454 
_citation.page_last                 8465 
_citation.title                     
'Structure-based characterization and compound identification of the wild-type THF class-II riboswitch.' 
_citation.year                      2024 
_citation.database_id_CSD           ? 
_citation.pdbx_database_id_DOI      10.1093/nar/gkae377 
_citation.pdbx_database_id_PubMed   38769061 
_citation.pdbx_database_id_patent   ? 
_citation.unpublished_flag          ? 
# 
loop_
_citation_author.citation_id 
_citation_author.name 
_citation_author.ordinal 
_citation_author.identifier_ORCID 
primary 'Li, C.'    1  ?                   
primary 'Xu, X.'    2  ?                   
primary 'Geng, Z.'  3  ?                   
primary 'Zheng, L.' 4  ?                   
primary 'Song, Q.'  5  ?                   
primary 'Shen, X.'  6  ?                   
primary 'Wu, J.'    7  ?                   
primary 'Zhao, J.'  8  ?                   
primary 'Li, H.'    9  ?                   
primary 'He, M.'    10 ?                   
primary 'Tai, X.'   11 ?                   
primary 'Zhang, L.' 12 0000-0001-8139-0474 
primary 'Ma, J.'    13 ?                   
primary 'Dong, Y.'  14 ?                   
primary 'Ren, A.'   15 0000-0002-5420-4899 
# 
loop_
_entity.id 
_entity.type 
_entity.src_method 
_entity.pdbx_description 
_entity.formula_weight 
_entity.pdbx_number_of_molecules 
_entity.pdbx_ec 
_entity.pdbx_mutation 
_entity.pdbx_fragment 
_entity.details 
1 polymer     man 'RNA (53-MER)'                                                     17174.043 1  ? ? ? ? 
2 non-polymer syn 'MAGNESIUM ION'                                                    24.305    5  ? ? ? ? 
3 non-polymer syn '2-AMINO-7,8-DIHYDRO-6-(1,2,3-TRIHYDROXYPROPYL)-4(1H)-PTERIDINONE' 255.231   1  ? ? ? ? 
4 non-polymer syn SPERMINE                                                           202.340   1  ? ? ? ? 
5 water       nat water                                                              18.015    34 ? ? ? ? 
# 
_entity_name_com.entity_id   1 
_entity_name_com.name        env6 
# 
_entity_poly.entity_id                      1 
_entity_poly.type                           polyribonucleotide 
_entity_poly.nstd_linkage                   no 
_entity_poly.nstd_monomer                   yes 
_entity_poly.pdbx_seq_one_letter_code       '(GTP)GGUGUGUACCGUUCAACUCGUCCCAGCUUCGACUGGGACUACGGGAGCGCCU' 
_entity_poly.pdbx_seq_one_letter_code_can   GGGUGUGUACCGUUCAACUCGUCCCAGCUUCGACUGGGACUACGGGAGCGCCU 
_entity_poly.pdbx_strand_id                 A 
_entity_poly.pdbx_target_identifier         ? 
# 
loop_
_pdbx_entity_nonpoly.entity_id 
_pdbx_entity_nonpoly.name 
_pdbx_entity_nonpoly.comp_id 
2 'MAGNESIUM ION'                                                    MG  
3 '2-AMINO-7,8-DIHYDRO-6-(1,2,3-TRIHYDROXYPROPYL)-4(1H)-PTERIDINONE' NPR 
4 SPERMINE                                                           SPM 
5 water                                                              HOH 
# 
loop_
_entity_poly_seq.entity_id 
_entity_poly_seq.num 
_entity_poly_seq.mon_id 
_entity_poly_seq.hetero 
1 1  GTP n 
1 2  G   n 
1 3  G   n 
1 4  U   n 
1 5  G   n 
1 6  U   n 
1 7  G   n 
1 8  U   n 
1 9  A   n 
1 10 C   n 
1 11 C   n 
1 12 G   n 
1 13 U   n 
1 14 U   n 
1 15 C   n 
1 16 A   n 
1 17 A   n 
1 18 C   n 
1 19 U   n 
1 20 C   n 
1 21 G   n 
1 22 U   n 
1 23 C   n 
1 24 C   n 
1 25 C   n 
1 26 A   n 
1 27 G   n 
1 28 C   n 
1 29 U   n 
1 30 U   n 
1 31 C   n 
1 32 G   n 
1 33 A   n 
1 34 C   n 
1 35 U   n 
1 36 G   n 
1 37 G   n 
1 38 G   n 
1 39 A   n 
1 40 C   n 
1 41 U   n 
1 42 A   n 
1 43 C   n 
1 44 G   n 
1 45 G   n 
1 46 G   n 
1 47 A   n 
1 48 G   n 
1 49 C   n 
1 50 G   n 
1 51 C   n 
1 52 C   n 
1 53 U   n 
# 
_entity_src_gen.entity_id                          1 
_entity_src_gen.pdbx_src_id                        1 
_entity_src_gen.pdbx_alt_source_flag               sample 
_entity_src_gen.pdbx_seq_type                      'Biological sequence' 
_entity_src_gen.pdbx_beg_seq_num                   1 
_entity_src_gen.pdbx_end_seq_num                   53 
_entity_src_gen.gene_src_common_name               ? 
_entity_src_gen.gene_src_genus                     ? 
_entity_src_gen.pdbx_gene_src_gene                 ? 
_entity_src_gen.gene_src_species                   ? 
_entity_src_gen.gene_src_strain                    ? 
_entity_src_gen.gene_src_tissue                    ? 
_entity_src_gen.gene_src_tissue_fraction           ? 
_entity_src_gen.gene_src_details                   ? 
_entity_src_gen.pdbx_gene_src_fragment             ? 
_entity_src_gen.pdbx_gene_src_scientific_name      'unidentified eubacterium clone A70' 
_entity_src_gen.pdbx_gene_src_ncbi_taxonomy_id     41312 
_entity_src_gen.pdbx_gene_src_variant              ? 
_entity_src_gen.pdbx_gene_src_cell_line            ? 
_entity_src_gen.pdbx_gene_src_atcc                 ? 
_entity_src_gen.pdbx_gene_src_organ                ? 
_entity_src_gen.pdbx_gene_src_organelle            ? 
_entity_src_gen.pdbx_gene_src_cell                 ? 
_entity_src_gen.pdbx_gene_src_cellular_location    ? 
_entity_src_gen.host_org_common_name               ? 
_entity_src_gen.pdbx_host_org_scientific_name      'in vitro transcription vector pT7-TP(deltai)' 
_entity_src_gen.pdbx_host_org_ncbi_taxonomy_id     905931 
_entity_src_gen.host_org_genus                     ? 
_entity_src_gen.pdbx_host_org_gene                 ? 
_entity_src_gen.pdbx_host_org_organ                ? 
_entity_src_gen.host_org_species                   ? 
_entity_src_gen.pdbx_host_org_tissue               ? 
_entity_src_gen.pdbx_host_org_tissue_fraction      ? 
_entity_src_gen.pdbx_host_org_strain               ? 
_entity_src_gen.pdbx_host_org_variant              ? 
_entity_src_gen.pdbx_host_org_cell_line            ? 
_entity_src_gen.pdbx_host_org_atcc                 ? 
_entity_src_gen.pdbx_host_org_culture_collection   ? 
_entity_src_gen.pdbx_host_org_cell                 ? 
_entity_src_gen.pdbx_host_org_organelle            ? 
_entity_src_gen.pdbx_host_org_cellular_location    ? 
_entity_src_gen.pdbx_host_org_vector_type          ? 
_entity_src_gen.pdbx_host_org_vector               ? 
_entity_src_gen.host_org_details                   ? 
_entity_src_gen.expression_system_id               ? 
_entity_src_gen.plasmid_name                       ? 
_entity_src_gen.plasmid_details                    ? 
_entity_src_gen.pdbx_description                   ? 
# 
loop_
_chem_comp.id 
_chem_comp.type 
_chem_comp.mon_nstd_flag 
_chem_comp.name 
_chem_comp.pdbx_synonyms 
_chem_comp.formula 
_chem_comp.formula_weight 
A   'RNA linking' y "ADENOSINE-5'-MONOPHOSPHATE"                                       ?                    'C10 H14 N5 O7 P'   
347.221 
C   'RNA linking' y "CYTIDINE-5'-MONOPHOSPHATE"                                        ?                    'C9 H14 N3 O8 P'    
323.197 
G   'RNA linking' y "GUANOSINE-5'-MONOPHOSPHATE"                                       ?                    'C10 H14 N5 O8 P'   
363.221 
GTP non-polymer   n "GUANOSINE-5'-TRIPHOSPHATE"                                        ?                    'C10 H16 N5 O14 P3' 
523.180 
HOH non-polymer   . WATER                                                              ?                    'H2 O'              
18.015  
MG  non-polymer   . 'MAGNESIUM ION'                                                    ?                    'Mg 2'              
24.305  
NPR non-polymer   . '2-AMINO-7,8-DIHYDRO-6-(1,2,3-TRIHYDROXYPROPYL)-4(1H)-PTERIDINONE' 7,8-DIHYDRONEOPTERIN 'C9 H13 N5 O4'      
255.231 
SPM non-polymer   . SPERMINE                                                           ?                    'C10 H26 N4'        
202.340 
U   'RNA linking' y "URIDINE-5'-MONOPHOSPHATE"                                         ?                    'C9 H13 N2 O9 P'    
324.181 
# 
loop_
_pdbx_poly_seq_scheme.asym_id 
_pdbx_poly_seq_scheme.entity_id 
_pdbx_poly_seq_scheme.seq_id 
_pdbx_poly_seq_scheme.mon_id 
_pdbx_poly_seq_scheme.ndb_seq_num 
_pdbx_poly_seq_scheme.pdb_seq_num 
_pdbx_poly_seq_scheme.auth_seq_num 
_pdbx_poly_seq_scheme.pdb_mon_id 
_pdbx_poly_seq_scheme.auth_mon_id 
_pdbx_poly_seq_scheme.pdb_strand_id 
_pdbx_poly_seq_scheme.pdb_ins_code 
_pdbx_poly_seq_scheme.hetero 
A 1 1  GTP 1  1  1  GTP GTP A . n 
A 1 2  G   2  2  2  G   G   A . n 
A 1 3  G   3  3  3  G   G   A . n 
A 1 4  U   4  4  4  U   U   A . n 
A 1 5  G   5  5  5  G   G   A . n 
A 1 6  U   6  6  6  U   U   A . n 
A 1 7  G   7  7  7  G   G   A . n 
A 1 8  U   8  8  8  U   U   A . n 
A 1 9  A   9  9  9  A   A   A . n 
A 1 10 C   10 10 10 C   C   A . n 
A 1 11 C   11 11 11 C   C   A . n 
A 1 12 G   12 12 12 G   G   A . n 
A 1 13 U   13 13 13 U   U   A . n 
A 1 14 U   14 14 14 U   U   A . n 
A 1 15 C   15 15 15 C   C   A . n 
A 1 16 A   16 16 16 A   A   A . n 
A 1 17 A   17 17 17 A   A   A . n 
A 1 18 C   18 18 18 C   C   A . n 
A 1 19 U   19 19 19 U   U   A . n 
A 1 20 C   20 20 20 C   C   A . n 
A 1 21 G   21 21 21 G   G   A . n 
A 1 22 U   22 22 22 U   U   A . n 
A 1 23 C   23 23 23 C   C   A . n 
A 1 24 C   24 24 24 C   C   A . n 
A 1 25 C   25 25 25 C   C   A . n 
A 1 26 A   26 26 26 A   A   A . n 
A 1 27 G   27 27 27 G   G   A . n 
A 1 28 C   28 28 28 C   C   A . n 
A 1 29 U   29 29 29 U   U   A . n 
A 1 30 U   30 30 30 U   U   A . n 
A 1 31 C   31 31 31 C   C   A . n 
A 1 32 G   32 32 32 G   G   A . n 
A 1 33 A   33 33 33 A   A   A . n 
A 1 34 C   34 34 34 C   C   A . n 
A 1 35 U   35 35 35 U   U   A . n 
A 1 36 G   36 36 36 G   G   A . n 
A 1 37 G   37 37 37 G   G   A . n 
A 1 38 G   38 38 38 G   G   A . n 
A 1 39 A   39 39 39 A   A   A . n 
A 1 40 C   40 40 40 C   C   A . n 
A 1 41 U   41 41 41 U   U   A . n 
A 1 42 A   42 42 42 A   A   A . n 
A 1 43 C   43 43 43 C   C   A . n 
A 1 44 G   44 44 44 G   G   A . n 
A 1 45 G   45 45 45 G   G   A . n 
A 1 46 G   46 46 46 G   G   A . n 
A 1 47 A   47 47 47 A   A   A . n 
A 1 48 G   48 48 48 G   G   A . n 
A 1 49 C   49 49 49 C   C   A . n 
A 1 50 G   50 50 50 G   G   A . n 
A 1 51 C   51 51 51 C   C   A . n 
A 1 52 C   52 52 52 C   C   A . n 
A 1 53 U   53 53 53 U   U   A . n 
# 
loop_
_pdbx_nonpoly_scheme.asym_id 
_pdbx_nonpoly_scheme.entity_id 
_pdbx_nonpoly_scheme.mon_id 
_pdbx_nonpoly_scheme.ndb_seq_num 
_pdbx_nonpoly_scheme.pdb_seq_num 
_pdbx_nonpoly_scheme.auth_seq_num 
_pdbx_nonpoly_scheme.pdb_mon_id 
_pdbx_nonpoly_scheme.auth_mon_id 
_pdbx_nonpoly_scheme.pdb_strand_id 
_pdbx_nonpoly_scheme.pdb_ins_code 
B 2 MG  1  101 1   MG  MG  A . 
C 2 MG  1  102 2   MG  MG  A . 
D 2 MG  1  103 3   MG  MG  A . 
E 2 MG  1  104 4   MG  MG  A . 
F 2 MG  1  105 5   MG  MG  A . 
G 3 NPR 1  106 101 NPR NPR A . 
H 4 SPM 1  107 201 SPM SPM A . 
I 5 HOH 1  201 28  HOH HOH A . 
I 5 HOH 2  202 2   HOH HOH A . 
I 5 HOH 3  203 7   HOH HOH A . 
I 5 HOH 4  204 9   HOH HOH A . 
I 5 HOH 5  205 10  HOH HOH A . 
I 5 HOH 6  206 31  HOH HOH A . 
I 5 HOH 7  207 5   HOH HOH A . 
I 5 HOH 8  208 17  HOH HOH A . 
I 5 HOH 9  209 29  HOH HOH A . 
I 5 HOH 10 210 18  HOH HOH A . 
I 5 HOH 11 211 22  HOH HOH A . 
I 5 HOH 12 212 12  HOH HOH A . 
I 5 HOH 13 213 27  HOH HOH A . 
I 5 HOH 14 214 14  HOH HOH A . 
I 5 HOH 15 215 32  HOH HOH A . 
I 5 HOH 16 216 11  HOH HOH A . 
I 5 HOH 17 217 1   HOH HOH A . 
I 5 HOH 18 218 21  HOH HOH A . 
I 5 HOH 19 219 24  HOH HOH A . 
I 5 HOH 20 220 19  HOH HOH A . 
I 5 HOH 21 221 6   HOH HOH A . 
I 5 HOH 22 222 16  HOH HOH A . 
I 5 HOH 23 223 23  HOH HOH A . 
I 5 HOH 24 224 34  HOH HOH A . 
I 5 HOH 25 225 8   HOH HOH A . 
I 5 HOH 26 226 15  HOH HOH A . 
I 5 HOH 27 227 25  HOH HOH A . 
I 5 HOH 28 228 30  HOH HOH A . 
I 5 HOH 29 229 13  HOH HOH A . 
I 5 HOH 30 230 4   HOH HOH A . 
I 5 HOH 31 231 20  HOH HOH A . 
I 5 HOH 32 232 33  HOH HOH A . 
I 5 HOH 33 233 3   HOH HOH A . 
I 5 HOH 34 234 26  HOH HOH A . 
# 
loop_
_software.citation_id 
_software.classification 
_software.compiler_name 
_software.compiler_version 
_software.contact_author 
_software.contact_author_email 
_software.date 
_software.description 
_software.dependencies 
_software.hardware 
_software.language 
_software.location 
_software.mods 
_software.name 
_software.os 
_software.os_version 
_software.type 
_software.version 
_software.pdbx_ordinal 
? refinement       ? ? ? ? ? ? ? ? ? ? ? PHENIX   ? ? ? '(1.18.2_3874: ???)' 1 
? 'data scaling'   ? ? ? ? ? ? ? ? ? ? ? HKL-3000 ? ? ? .                    2 
? 'data reduction' ? ? ? ? ? ? ? ? ? ? ? HKL-3000 ? ? ? .                    3 
? phasing          ? ? ? ? ? ? ? ? ? ? ? PHASER   ? ? ? .                    4 
# 
_cell.angle_alpha                  90.00 
_cell.angle_alpha_esd              ? 
_cell.angle_beta                   90.00 
_cell.angle_beta_esd               ? 
_cell.angle_gamma                  90.00 
_cell.angle_gamma_esd              ? 
_cell.entry_id                     8XZM 
_cell.details                      ? 
_cell.formula_units_Z              ? 
_cell.length_a                     48.808 
_cell.length_a_esd                 ? 
_cell.length_b                     57.085 
_cell.length_b_esd                 ? 
_cell.length_c                     63.422 
_cell.length_c_esd                 ? 
_cell.volume                       ? 
_cell.volume_esd                   ? 
_cell.Z_PDB                        4 
_cell.reciprocal_angle_alpha       ? 
_cell.reciprocal_angle_beta        ? 
_cell.reciprocal_angle_gamma       ? 
_cell.reciprocal_angle_alpha_esd   ? 
_cell.reciprocal_angle_beta_esd    ? 
_cell.reciprocal_angle_gamma_esd   ? 
_cell.reciprocal_length_a          ? 
_cell.reciprocal_length_b          ? 
_cell.reciprocal_length_c          ? 
_cell.reciprocal_length_a_esd      ? 
_cell.reciprocal_length_b_esd      ? 
_cell.reciprocal_length_c_esd      ? 
_cell.pdbx_unique_axis             ? 
_cell.pdbx_esd_method              ? 
# 
_symmetry.entry_id                         8XZM 
_symmetry.cell_setting                     ? 
_symmetry.Int_Tables_number                19 
_symmetry.space_group_name_Hall            ? 
_symmetry.space_group_name_H-M             'P 21 21 21' 
_symmetry.pdbx_full_space_group_name_H-M   ? 
# 
_exptl.absorpt_coefficient_mu     ? 
_exptl.absorpt_correction_T_max   ? 
_exptl.absorpt_correction_T_min   ? 
_exptl.absorpt_correction_type    ? 
_exptl.absorpt_process_details    ? 
_exptl.entry_id                   8XZM 
_exptl.crystals_number            1 
_exptl.details                    ? 
_exptl.method                     'X-RAY DIFFRACTION' 
_exptl.method_details             ? 
# 
_exptl_crystal.colour                       ? 
_exptl_crystal.density_diffrn               ? 
_exptl_crystal.density_Matthews             2.65 
_exptl_crystal.density_method               ? 
_exptl_crystal.density_percent_sol          53.59 
_exptl_crystal.description                  ? 
_exptl_crystal.F_000                        ? 
_exptl_crystal.id                           1 
_exptl_crystal.preparation                  ? 
_exptl_crystal.size_max                     ? 
_exptl_crystal.size_mid                     ? 
_exptl_crystal.size_min                     ? 
_exptl_crystal.size_rad                     ? 
_exptl_crystal.colour_lustre                ? 
_exptl_crystal.colour_modifier              ? 
_exptl_crystal.colour_primary               ? 
_exptl_crystal.density_meas                 ? 
_exptl_crystal.density_meas_esd             ? 
_exptl_crystal.density_meas_gt              ? 
_exptl_crystal.density_meas_lt              ? 
_exptl_crystal.density_meas_temp            ? 
_exptl_crystal.density_meas_temp_esd        ? 
_exptl_crystal.density_meas_temp_gt         ? 
_exptl_crystal.density_meas_temp_lt         ? 
_exptl_crystal.pdbx_crystal_image_url       ? 
_exptl_crystal.pdbx_crystal_image_format    ? 
_exptl_crystal.pdbx_mosaicity               ? 
_exptl_crystal.pdbx_mosaicity_esd           ? 
_exptl_crystal.pdbx_mosaic_method           ? 
_exptl_crystal.pdbx_mosaic_block_size       ? 
_exptl_crystal.pdbx_mosaic_block_size_esd   ? 
# 
_exptl_crystal_grow.apparatus       ? 
_exptl_crystal_grow.atmosphere      ? 
_exptl_crystal_grow.crystal_id      1 
_exptl_crystal_grow.details         ? 
_exptl_crystal_grow.method          'VAPOR DIFFUSION, SITTING DROP' 
_exptl_crystal_grow.method_ref      ? 
_exptl_crystal_grow.pH              ? 
_exptl_crystal_grow.pressure        ? 
_exptl_crystal_grow.pressure_esd    ? 
_exptl_crystal_grow.seeding         ? 
_exptl_crystal_grow.seeding_ref     ? 
_exptl_crystal_grow.temp_details    ? 
_exptl_crystal_grow.temp_esd        ? 
_exptl_crystal_grow.time            ? 
_exptl_crystal_grow.pdbx_details    
'0.08 M Sodium chloride, 0.04 M Sodium cacodylate trihydrate pH 7.0, 30% v/v MPD, 0.012 M Spermine tetrahydrochloride' 
_exptl_crystal_grow.pdbx_pH_range   ? 
_exptl_crystal_grow.temp            289 
# 
_diffrn.ambient_environment              ? 
_diffrn.ambient_temp                     100 
_diffrn.ambient_temp_details             ? 
_diffrn.ambient_temp_esd                 ? 
_diffrn.crystal_id                       1 
_diffrn.crystal_support                  ? 
_diffrn.crystal_treatment                ? 
_diffrn.details                          ? 
_diffrn.id                               1 
_diffrn.ambient_pressure                 ? 
_diffrn.ambient_pressure_esd             ? 
_diffrn.ambient_pressure_gt              ? 
_diffrn.ambient_pressure_lt              ? 
_diffrn.ambient_temp_gt                  ? 
_diffrn.ambient_temp_lt                  ? 
_diffrn.pdbx_serial_crystal_experiment   N 
# 
_diffrn_detector.details                      ? 
_diffrn_detector.detector                     PIXEL 
_diffrn_detector.diffrn_id                    1 
_diffrn_detector.type                         'DECTRIS PILATUS 6M' 
_diffrn_detector.area_resol_mean              ? 
_diffrn_detector.dtime                        ? 
_diffrn_detector.pdbx_frames_total            ? 
_diffrn_detector.pdbx_collection_time_total   ? 
_diffrn_detector.pdbx_collection_date         2021-12-11 
_diffrn_detector.pdbx_frequency               ? 
_diffrn_detector.id                           ? 
_diffrn_detector.number_of_axes               ? 
# 
_diffrn_radiation.collimation                      ? 
_diffrn_radiation.diffrn_id                        1 
_diffrn_radiation.filter_edge                      ? 
_diffrn_radiation.inhomogeneity                    ? 
_diffrn_radiation.monochromator                    ? 
_diffrn_radiation.polarisn_norm                    ? 
_diffrn_radiation.polarisn_ratio                   ? 
_diffrn_radiation.probe                            ? 
_diffrn_radiation.type                             ? 
_diffrn_radiation.xray_symbol                      ? 
_diffrn_radiation.wavelength_id                    1 
_diffrn_radiation.pdbx_monochromatic_or_laue_m_l   M 
_diffrn_radiation.pdbx_wavelength_list             ? 
_diffrn_radiation.pdbx_wavelength                  ? 
_diffrn_radiation.pdbx_diffrn_protocol             'SINGLE WAVELENGTH' 
_diffrn_radiation.pdbx_analyzer                    ? 
_diffrn_radiation.pdbx_scattering_type             x-ray 
# 
_diffrn_radiation_wavelength.id           1 
_diffrn_radiation_wavelength.wavelength   0.97853 
_diffrn_radiation_wavelength.wt           1.0 
# 
_diffrn_source.current                     ? 
_diffrn_source.details                     ? 
_diffrn_source.diffrn_id                   1 
_diffrn_source.power                       ? 
_diffrn_source.size                        ? 
_diffrn_source.source                      SYNCHROTRON 
_diffrn_source.target                      ? 
_diffrn_source.type                        'SSRF BEAMLINE BL18U1' 
_diffrn_source.voltage                     ? 
_diffrn_source.take-off_angle              ? 
_diffrn_source.pdbx_wavelength_list        0.97853 
_diffrn_source.pdbx_wavelength             ? 
_diffrn_source.pdbx_synchrotron_beamline   BL18U1 
_diffrn_source.pdbx_synchrotron_site       SSRF 
# 
_reflns.B_iso_Wilson_estimate                          ? 
_reflns.entry_id                                       8XZM 
_reflns.data_reduction_details                         ? 
_reflns.data_reduction_method                          ? 
_reflns.d_resolution_high                              1.98 
_reflns.d_resolution_low                               50.00 
_reflns.details                                        ? 
_reflns.limit_h_max                                    ? 
_reflns.limit_h_min                                    ? 
_reflns.limit_k_max                                    ? 
_reflns.limit_k_min                                    ? 
_reflns.limit_l_max                                    ? 
_reflns.limit_l_min                                    ? 
_reflns.number_all                                     ? 
_reflns.number_obs                                     12927 
_reflns.observed_criterion                             ? 
_reflns.observed_criterion_F_max                       ? 
_reflns.observed_criterion_F_min                       ? 
_reflns.observed_criterion_I_max                       ? 
_reflns.observed_criterion_I_min                       ? 
_reflns.observed_criterion_sigma_F                     ? 
_reflns.observed_criterion_sigma_I                     ? 
_reflns.percent_possible_obs                           99.9 
_reflns.R_free_details                                 ? 
_reflns.Rmerge_F_all                                   ? 
_reflns.Rmerge_F_obs                                   ? 
_reflns.Friedel_coverage                               ? 
_reflns.number_gt                                      ? 
_reflns.threshold_expression                           ? 
_reflns.pdbx_redundancy                                11.6 
_reflns.pdbx_netI_over_av_sigmaI                       ? 
_reflns.pdbx_netI_over_sigmaI                          5.7 
_reflns.pdbx_res_netI_over_av_sigmaI_2                 ? 
_reflns.pdbx_res_netI_over_sigmaI_2                    ? 
_reflns.pdbx_chi_squared                               2.265 
_reflns.pdbx_scaling_rejects                           ? 
_reflns.pdbx_d_res_high_opt                            ? 
_reflns.pdbx_d_res_low_opt                             ? 
_reflns.pdbx_d_res_opt_method                          ? 
_reflns.phase_calculation_details                      ? 
_reflns.pdbx_Rrim_I_all                                0.127 
_reflns.pdbx_Rpim_I_all                                0.041 
_reflns.pdbx_d_opt                                     ? 
_reflns.pdbx_number_measured_all                       149384 
_reflns.pdbx_diffrn_id                                 1 
_reflns.pdbx_ordinal                                   1 
_reflns.pdbx_CC_half                                   0.989 
_reflns.pdbx_CC_star                                   0.997 
_reflns.pdbx_R_split                                   ? 
_reflns.pdbx_Rmerge_I_obs                              0.120 
_reflns.pdbx_Rmerge_I_all                              ? 
_reflns.pdbx_Rsym_value                                ? 
_reflns.pdbx_CC_split_method                           ? 
_reflns.pdbx_aniso_diffraction_limit_axis_1_ortho[1]   ? 
_reflns.pdbx_aniso_diffraction_limit_axis_1_ortho[2]   ? 
_reflns.pdbx_aniso_diffraction_limit_axis_1_ortho[3]   ? 
_reflns.pdbx_aniso_diffraction_limit_axis_2_ortho[1]   ? 
_reflns.pdbx_aniso_diffraction_limit_axis_2_ortho[2]   ? 
_reflns.pdbx_aniso_diffraction_limit_axis_2_ortho[3]   ? 
_reflns.pdbx_aniso_diffraction_limit_axis_3_ortho[1]   ? 
_reflns.pdbx_aniso_diffraction_limit_axis_3_ortho[2]   ? 
_reflns.pdbx_aniso_diffraction_limit_axis_3_ortho[3]   ? 
_reflns.pdbx_aniso_diffraction_limit_1                 ? 
_reflns.pdbx_aniso_diffraction_limit_2                 ? 
_reflns.pdbx_aniso_diffraction_limit_3                 ? 
_reflns.pdbx_aniso_B_tensor_eigenvector_1_ortho[1]     ? 
_reflns.pdbx_aniso_B_tensor_eigenvector_1_ortho[2]     ? 
_reflns.pdbx_aniso_B_tensor_eigenvector_1_ortho[3]     ? 
_reflns.pdbx_aniso_B_tensor_eigenvector_2_ortho[1]     ? 
_reflns.pdbx_aniso_B_tensor_eigenvector_2_ortho[2]     ? 
_reflns.pdbx_aniso_B_tensor_eigenvector_2_ortho[3]     ? 
_reflns.pdbx_aniso_B_tensor_eigenvector_3_ortho[1]     ? 
_reflns.pdbx_aniso_B_tensor_eigenvector_3_ortho[2]     ? 
_reflns.pdbx_aniso_B_tensor_eigenvector_3_ortho[3]     ? 
_reflns.pdbx_aniso_B_tensor_eigenvalue_1               ? 
_reflns.pdbx_aniso_B_tensor_eigenvalue_2               ? 
_reflns.pdbx_aniso_B_tensor_eigenvalue_3               ? 
_reflns.pdbx_orthogonalization_convention              ? 
_reflns.pdbx_percent_possible_ellipsoidal              ? 
_reflns.pdbx_percent_possible_spherical                ? 
_reflns.pdbx_percent_possible_ellipsoidal_anomalous    ? 
_reflns.pdbx_percent_possible_spherical_anomalous      ? 
_reflns.pdbx_redundancy_anomalous                      ? 
_reflns.pdbx_CC_half_anomalous                         ? 
_reflns.pdbx_absDiff_over_sigma_anomalous              ? 
_reflns.pdbx_percent_possible_anomalous                ? 
_reflns.pdbx_observed_signal_threshold                 ? 
_reflns.pdbx_signal_type                               ? 
_reflns.pdbx_signal_details                            ? 
_reflns.pdbx_signal_software_id                        ? 
# 
loop_
_reflns_shell.d_res_high 
_reflns_shell.d_res_low 
_reflns_shell.meanI_over_sigI_all 
_reflns_shell.meanI_over_sigI_obs 
_reflns_shell.number_measured_all 
_reflns_shell.number_measured_obs 
_reflns_shell.number_possible 
_reflns_shell.number_unique_all 
_reflns_shell.number_unique_obs 
_reflns_shell.percent_possible_obs 
_reflns_shell.Rmerge_F_all 
_reflns_shell.Rmerge_F_obs 
_reflns_shell.meanI_over_sigI_gt 
_reflns_shell.meanI_over_uI_all 
_reflns_shell.meanI_over_uI_gt 
_reflns_shell.number_measured_gt 
_reflns_shell.number_unique_gt 
_reflns_shell.percent_possible_gt 
_reflns_shell.Rmerge_F_gt 
_reflns_shell.Rmerge_I_gt 
_reflns_shell.pdbx_redundancy 
_reflns_shell.pdbx_chi_squared 
_reflns_shell.pdbx_netI_over_sigmaI_all 
_reflns_shell.pdbx_netI_over_sigmaI_obs 
_reflns_shell.pdbx_Rrim_I_all 
_reflns_shell.pdbx_Rpim_I_all 
_reflns_shell.pdbx_rejects 
_reflns_shell.pdbx_ordinal 
_reflns_shell.pdbx_diffrn_id 
_reflns_shell.pdbx_CC_half 
_reflns_shell.pdbx_CC_star 
_reflns_shell.pdbx_R_split 
_reflns_shell.percent_possible_all 
_reflns_shell.Rmerge_I_all 
_reflns_shell.Rmerge_I_obs 
_reflns_shell.pdbx_Rsym_value 
_reflns_shell.pdbx_percent_possible_ellipsoidal 
_reflns_shell.pdbx_percent_possible_spherical 
_reflns_shell.pdbx_percent_possible_ellipsoidal_anomalous 
_reflns_shell.pdbx_percent_possible_spherical_anomalous 
_reflns_shell.pdbx_redundancy_anomalous 
_reflns_shell.pdbx_CC_half_anomalous 
_reflns_shell.pdbx_absDiff_over_sigma_anomalous 
_reflns_shell.pdbx_percent_possible_anomalous 
1.98 2.01  ? ? ? ? ? ? 614 ? ? ? ? ? ? ? ? ? ? ? 12.4 0.632 ? ? 0.702 0.197 ? 1  1 0.925 0.980 ? 100.0 ? 0.673 ? ? ? ? ? ? ? ? ? 
2.01 2.05  ? ? ? ? ? ? 660 ? ? ? ? ? ? ? ? ? ? ? 12.2 0.683 ? ? 0.584 0.167 ? 2  1 0.955 0.988 ? 99.8  ? 0.559 ? ? ? ? ? ? ? ? ? 
2.05 2.09  ? ? ? ? ? ? 613 ? ? ? ? ? ? ? ? ? ? ? 11.6 0.790 ? ? 0.515 0.151 ? 3  1 0.905 0.975 ? 99.8  ? 0.491 ? ? ? ? ? ? ? ? ? 
2.09 2.13  ? ? ? ? ? ? 638 ? ? ? ? ? ? ? ? ? ? ? 11.0 0.866 ? ? 0.485 0.143 ? 4  1 0.932 0.982 ? 99.8  ? 0.462 ? ? ? ? ? ? ? ? ? 
2.13 2.18  ? ? ? ? ? ? 628 ? ? ? ? ? ? ? ? ? ? ? 12.8 0.943 ? ? 0.449 0.125 ? 5  1 0.947 0.986 ? 100.0 ? 0.431 ? ? ? ? ? ? ? ? ? 
2.18 2.23  ? ? ? ? ? ? 644 ? ? ? ? ? ? ? ? ? ? ? 13.0 1.050 ? ? 0.397 0.110 ? 6  1 0.968 0.992 ? 100.0 ? 0.382 ? ? ? ? ? ? ? ? ? 
2.23 2.29  ? ? ? ? ? ? 635 ? ? ? ? ? ? ? ? ? ? ? 12.9 1.187 ? ? 0.377 0.105 ? 7  1 0.963 0.990 ? 100.0 ? 0.362 ? ? ? ? ? ? ? ? ? 
2.29 2.35  ? ? ? ? ? ? 635 ? ? ? ? ? ? ? ? ? ? ? 12.8 1.336 ? ? 0.322 0.091 ? 8  1 0.976 0.994 ? 100.0 ? 0.308 ? ? ? ? ? ? ? ? ? 
2.35 2.42  ? ? ? ? ? ? 615 ? ? ? ? ? ? ? ? ? ? ? 12.7 1.484 ? ? 0.296 0.083 ? 9  1 0.980 0.995 ? 100.0 ? 0.284 ? ? ? ? ? ? ? ? ? 
2.42 2.49  ? ? ? ? ? ? 654 ? ? ? ? ? ? ? ? ? ? ? 12.6 1.791 ? ? 0.271 0.076 ? 10 1 0.977 0.994 ? 100.0 ? 0.260 ? ? ? ? ? ? ? ? ? 
2.49 2.58  ? ? ? ? ? ? 655 ? ? ? ? ? ? ? ? ? ? ? 12.1 2.087 ? ? 0.252 0.073 ? 11 1 0.976 0.994 ? 100.0 ? 0.241 ? ? ? ? ? ? ? ? ? 
2.58 2.69  ? ? ? ? ? ? 621 ? ? ? ? ? ? ? ? ? ? ? 11.0 2.525 ? ? 0.218 0.067 ? 12 1 0.986 0.997 ? 100.0 ? 0.208 ? ? ? ? ? ? ? ? ? 
2.69 2.81  ? ? ? ? ? ? 639 ? ? ? ? ? ? ? ? ? ? ? 11.9 2.862 ? ? 0.205 0.060 ? 13 1 0.989 0.997 ? 99.8  ? 0.196 ? ? ? ? ? ? ? ? ? 
2.81 2.96  ? ? ? ? ? ? 656 ? ? ? ? ? ? ? ? ? ? ? 12.3 3.138 ? ? 0.175 0.051 ? 14 1 0.994 0.999 ? 100.0 ? 0.167 ? ? ? ? ? ? ? ? ? 
2.96 3.14  ? ? ? ? ? ? 642 ? ? ? ? ? ? ? ? ? ? ? 11.7 3.691 ? ? 0.139 0.042 ? 15 1 0.997 0.999 ? 100.0 ? 0.132 ? ? ? ? ? ? ? ? ? 
3.14 3.39  ? ? ? ? ? ? 652 ? ? ? ? ? ? ? ? ? ? ? 10.8 4.150 ? ? 0.121 0.038 ? 16 1 0.996 0.999 ? 100.0 ? 0.114 ? ? ? ? ? ? ? ? ? 
3.39 3.73  ? ? ? ? ? ? 655 ? ? ? ? ? ? ? ? ? ? ? 10.1 4.409 ? ? 0.121 0.039 ? 17 1 0.996 0.999 ? 99.7  ? 0.114 ? ? ? ? ? ? ? ? ? 
3.73 4.26  ? ? ? ? ? ? 665 ? ? ? ? ? ? ? ? ? ? ? 9.4  4.660 ? ? 0.115 0.038 ? 18 1 0.994 0.999 ? 99.7  ? 0.108 ? ? ? ? ? ? ? ? ? 
4.26 5.37  ? ? ? ? ? ? 678 ? ? ? ? ? ? ? ? ? ? ? 9.9  4.529 ? ? 0.117 0.038 ? 19 1 0.994 0.998 ? 100.0 ? 0.111 ? ? ? ? ? ? ? ? ? 
5.37 50.00 ? ? ? ? ? ? 728 ? ? ? ? ? ? ? ? ? ? ? 8.6  4.512 ? ? 0.098 0.034 ? 20 1 0.997 0.999 ? 99.5  ? 0.091 ? ? ? ? ? ? ? ? ? 
# 
_refine.aniso_B[1][1]                            ? 
_refine.aniso_B[1][2]                            ? 
_refine.aniso_B[1][3]                            ? 
_refine.aniso_B[2][2]                            ? 
_refine.aniso_B[2][3]                            ? 
_refine.aniso_B[3][3]                            ? 
_refine.B_iso_max                                ? 
_refine.B_iso_mean                               ? 
_refine.B_iso_min                                ? 
_refine.correlation_coeff_Fo_to_Fc               ? 
_refine.correlation_coeff_Fo_to_Fc_free          ? 
_refine.details                                  ? 
_refine.diff_density_max                         ? 
_refine.diff_density_max_esd                     ? 
_refine.diff_density_min                         ? 
_refine.diff_density_min_esd                     ? 
_refine.diff_density_rms                         ? 
_refine.diff_density_rms_esd                     ? 
_refine.entry_id                                 8XZM 
_refine.pdbx_refine_id                           'X-RAY DIFFRACTION' 
_refine.ls_abs_structure_details                 ? 
_refine.ls_abs_structure_Flack                   ? 
_refine.ls_abs_structure_Flack_esd               ? 
_refine.ls_abs_structure_Rogers                  ? 
_refine.ls_abs_structure_Rogers_esd              ? 
_refine.ls_d_res_high                            1.98 
_refine.ls_d_res_low                             28.54 
_refine.ls_extinction_coef                       ? 
_refine.ls_extinction_coef_esd                   ? 
_refine.ls_extinction_expression                 ? 
_refine.ls_extinction_method                     ? 
_refine.ls_goodness_of_fit_all                   ? 
_refine.ls_goodness_of_fit_all_esd               ? 
_refine.ls_goodness_of_fit_obs                   ? 
_refine.ls_goodness_of_fit_obs_esd               ? 
_refine.ls_hydrogen_treatment                    ? 
_refine.ls_matrix_type                           ? 
_refine.ls_number_constraints                    ? 
_refine.ls_number_parameters                     ? 
_refine.ls_number_reflns_all                     ? 
_refine.ls_number_reflns_obs                     12861 
_refine.ls_number_reflns_R_free                  638 
_refine.ls_number_reflns_R_work                  ? 
_refine.ls_number_restraints                     ? 
_refine.ls_percent_reflns_obs                    99.61 
_refine.ls_percent_reflns_R_free                 4.96 
_refine.ls_R_factor_all                          ? 
_refine.ls_R_factor_obs                          0.2096 
_refine.ls_R_factor_R_free                       0.2380 
_refine.ls_R_factor_R_free_error                 ? 
_refine.ls_R_factor_R_free_error_details         ? 
_refine.ls_R_factor_R_work                       0.2082 
_refine.ls_R_Fsqd_factor_obs                     ? 
_refine.ls_R_I_factor_obs                        ? 
_refine.ls_redundancy_reflns_all                 ? 
_refine.ls_redundancy_reflns_obs                 ? 
_refine.ls_restrained_S_all                      ? 
_refine.ls_restrained_S_obs                      ? 
_refine.ls_shift_over_esd_max                    ? 
_refine.ls_shift_over_esd_mean                   ? 
_refine.ls_structure_factor_coef                 ? 
_refine.ls_weighting_details                     ? 
_refine.ls_weighting_scheme                      ? 
_refine.ls_wR_factor_all                         ? 
_refine.ls_wR_factor_obs                         ? 
_refine.ls_wR_factor_R_free                      ? 
_refine.ls_wR_factor_R_work                      ? 
_refine.occupancy_max                            ? 
_refine.occupancy_min                            ? 
_refine.solvent_model_details                    'FLAT BULK SOLVENT MODEL' 
_refine.solvent_model_param_bsol                 ? 
_refine.solvent_model_param_ksol                 ? 
_refine.pdbx_R_complete                          ? 
_refine.ls_R_factor_gt                           ? 
_refine.ls_goodness_of_fit_gt                    ? 
_refine.ls_goodness_of_fit_ref                   ? 
_refine.ls_shift_over_su_max                     ? 
_refine.ls_shift_over_su_max_lt                  ? 
_refine.ls_shift_over_su_mean                    ? 
_refine.ls_shift_over_su_mean_lt                 ? 
_refine.pdbx_ls_sigma_I                          ? 
_refine.pdbx_ls_sigma_F                          1.38 
_refine.pdbx_ls_sigma_Fsqd                       ? 
_refine.pdbx_data_cutoff_high_absF               ? 
_refine.pdbx_data_cutoff_high_rms_absF           ? 
_refine.pdbx_data_cutoff_low_absF                ? 
_refine.pdbx_isotropic_thermal_model             ? 
_refine.pdbx_ls_cross_valid_method               THROUGHOUT 
_refine.pdbx_method_to_determine_struct          'MOLECULAR REPLACEMENT' 
_refine.pdbx_starting_model                      ? 
_refine.pdbx_stereochemistry_target_values       ML 
_refine.pdbx_R_Free_selection_details            ? 
_refine.pdbx_stereochem_target_val_spec_case     ? 
_refine.pdbx_overall_ESU_R                       ? 
_refine.pdbx_overall_ESU_R_Free                  ? 
_refine.pdbx_solvent_vdw_probe_radii             1.11 
_refine.pdbx_solvent_ion_probe_radii             ? 
_refine.pdbx_solvent_shrinkage_radii             0.90 
_refine.pdbx_real_space_R                        ? 
_refine.pdbx_density_correlation                 ? 
_refine.pdbx_pd_number_of_powder_patterns        ? 
_refine.pdbx_pd_number_of_points                 ? 
_refine.pdbx_pd_meas_number_of_points            ? 
_refine.pdbx_pd_proc_ls_prof_R_factor            ? 
_refine.pdbx_pd_proc_ls_prof_wR_factor           ? 
_refine.pdbx_pd_Marquardt_correlation_coeff      ? 
_refine.pdbx_pd_Fsqrd_R_factor                   ? 
_refine.pdbx_pd_ls_matrix_band_width             ? 
_refine.pdbx_overall_phase_error                 29.85 
_refine.pdbx_overall_SU_R_free_Cruickshank_DPI   ? 
_refine.pdbx_overall_SU_R_free_Blow_DPI          ? 
_refine.pdbx_overall_SU_R_Blow_DPI               ? 
_refine.pdbx_TLS_residual_ADP_flag               ? 
_refine.pdbx_diffrn_id                           1 
_refine.overall_SU_B                             ? 
_refine.overall_SU_ML                            0.26 
_refine.overall_SU_R_Cruickshank_DPI             ? 
_refine.overall_SU_R_free                        ? 
_refine.overall_FOM_free_R_set                   ? 
_refine.overall_FOM_work_R_set                   ? 
_refine.pdbx_average_fsc_overall                 ? 
_refine.pdbx_average_fsc_work                    ? 
_refine.pdbx_average_fsc_free                    ? 
# 
_refine_hist.pdbx_refine_id                   'X-RAY DIFFRACTION' 
_refine_hist.cycle_id                         LAST 
_refine_hist.pdbx_number_atoms_protein        0 
_refine_hist.pdbx_number_atoms_nucleic_acid   1104 
_refine_hist.pdbx_number_atoms_ligand         69 
_refine_hist.number_atoms_solvent             34 
_refine_hist.number_atoms_total               1207 
_refine_hist.d_res_high                       1.98 
_refine_hist.d_res_low                        28.54 
# 
loop_
_refine_ls_restr.pdbx_refine_id 
_refine_ls_restr.criterion 
_refine_ls_restr.dev_ideal 
_refine_ls_restr.dev_ideal_target 
_refine_ls_restr.number 
_refine_ls_restr.rejects 
_refine_ls_restr.type 
_refine_ls_restr.weight 
_refine_ls_restr.pdbx_restraint_function 
'X-RAY DIFFRACTION' ? 0.004  ? 1297 ? f_bond_d           ? ? 
'X-RAY DIFFRACTION' ? 1.088  ? 2009 ? f_angle_d          ? ? 
'X-RAY DIFFRACTION' ? 12.615 ? 649  ? f_dihedral_angle_d ? ? 
'X-RAY DIFFRACTION' ? 0.043  ? 266  ? f_chiral_restr     ? ? 
'X-RAY DIFFRACTION' ? 0.007  ? 54   ? f_plane_restr      ? ? 
# 
loop_
_refine_ls_shell.pdbx_refine_id 
_refine_ls_shell.d_res_high 
_refine_ls_shell.d_res_low 
_refine_ls_shell.number_reflns_all 
_refine_ls_shell.number_reflns_obs 
_refine_ls_shell.number_reflns_R_free 
_refine_ls_shell.number_reflns_R_work 
_refine_ls_shell.percent_reflns_obs 
_refine_ls_shell.percent_reflns_R_free 
_refine_ls_shell.R_factor_all 
_refine_ls_shell.R_factor_obs 
_refine_ls_shell.R_factor_R_free_error 
_refine_ls_shell.R_factor_R_work 
_refine_ls_shell.redundancy_reflns_all 
_refine_ls_shell.redundancy_reflns_obs 
_refine_ls_shell.wR_factor_all 
_refine_ls_shell.wR_factor_obs 
_refine_ls_shell.wR_factor_R_free 
_refine_ls_shell.wR_factor_R_work 
_refine_ls_shell.pdbx_R_complete 
_refine_ls_shell.pdbx_total_number_of_bins_used 
_refine_ls_shell.pdbx_phase_error 
_refine_ls_shell.pdbx_fsc_work 
_refine_ls_shell.pdbx_fsc_free 
_refine_ls_shell.R_factor_R_free 
'X-RAY DIFFRACTION' 1.98 2.13  . . 133 2371 99.00  . . . . 0.2719 . . . . . . . . . . . 0.3144 
'X-RAY DIFFRACTION' 2.13 2.34  . . 142 2396 100.00 . . . . 0.2744 . . . . . . . . . . . 0.3520 
'X-RAY DIFFRACTION' 2.34 2.68  . . 121 2428 100.00 . . . . 0.2865 . . . . . . . . . . . 0.3586 
'X-RAY DIFFRACTION' 2.68 3.38  . . 119 2448 100.00 . . . . 0.2499 . . . . . . . . . . . 0.2546 
'X-RAY DIFFRACTION' 3.38 28.54 . . 123 2580 100.00 . . . . 0.1650 . . . . . . . . . . . 0.1838 
# 
_struct.entry_id                     8XZM 
_struct.title                        'Crystal structure of folE riboswitch with DHN' 
_struct.pdbx_model_details           ? 
_struct.pdbx_formula_weight          ? 
_struct.pdbx_formula_weight_method   ? 
_struct.pdbx_model_type_details      ? 
_struct.pdbx_CASP_flag               N 
# 
_struct_keywords.entry_id        8XZM 
_struct_keywords.text            'riboswitch, DHN, RNA' 
_struct_keywords.pdbx_keywords   RNA 
# 
loop_
_struct_asym.id 
_struct_asym.pdbx_blank_PDB_chainid_flag 
_struct_asym.pdbx_modified 
_struct_asym.entity_id 
_struct_asym.details 
A N N 1 ? 
B N N 2 ? 
C N N 2 ? 
D N N 2 ? 
E N N 2 ? 
F N N 2 ? 
G N N 3 ? 
H N N 4 ? 
I N N 5 ? 
# 
_struct_ref.id                         1 
_struct_ref.db_name                    PDB 
_struct_ref.db_code                    8XZM 
_struct_ref.pdbx_db_accession          8XZM 
_struct_ref.pdbx_db_isoform            ? 
_struct_ref.entity_id                  1 
_struct_ref.pdbx_seq_one_letter_code   ? 
_struct_ref.pdbx_align_begin           1 
# 
_struct_ref_seq.align_id                      1 
_struct_ref_seq.ref_id                        1 
_struct_ref_seq.pdbx_PDB_id_code              8XZM 
_struct_ref_seq.pdbx_strand_id                A 
_struct_ref_seq.seq_align_beg                 1 
_struct_ref_seq.pdbx_seq_align_beg_ins_code   ? 
_struct_ref_seq.seq_align_end                 53 
_struct_ref_seq.pdbx_seq_align_end_ins_code   ? 
_struct_ref_seq.pdbx_db_accession             8XZM 
_struct_ref_seq.db_align_beg                  1 
_struct_ref_seq.pdbx_db_align_beg_ins_code    ? 
_struct_ref_seq.db_align_end                  53 
_struct_ref_seq.pdbx_db_align_end_ins_code    ? 
_struct_ref_seq.pdbx_auth_seq_align_beg       1 
_struct_ref_seq.pdbx_auth_seq_align_end       53 
# 
_pdbx_struct_assembly.id                   1 
_pdbx_struct_assembly.details              author_defined_assembly 
_pdbx_struct_assembly.method_details       ? 
_pdbx_struct_assembly.oligomeric_details   monomeric 
_pdbx_struct_assembly.oligomeric_count     1 
# 
_pdbx_struct_assembly_gen.assembly_id       1 
_pdbx_struct_assembly_gen.oper_expression   1 
_pdbx_struct_assembly_gen.asym_id_list      A,B,C,D,E,F,G,H,I 
# 
_pdbx_struct_assembly_auth_evidence.id                     1 
_pdbx_struct_assembly_auth_evidence.assembly_id            1 
_pdbx_struct_assembly_auth_evidence.experimental_support   'isothermal titration calorimetry' 
_pdbx_struct_assembly_auth_evidence.details                ? 
# 
_pdbx_struct_oper_list.id                   1 
_pdbx_struct_oper_list.type                 'identity operation' 
_pdbx_struct_oper_list.name                 1_555 
_pdbx_struct_oper_list.symmetry_operation   x,y,z 
_pdbx_struct_oper_list.matrix[1][1]         1.0000000000 
_pdbx_struct_oper_list.matrix[1][2]         0.0000000000 
_pdbx_struct_oper_list.matrix[1][3]         0.0000000000 
_pdbx_struct_oper_list.vector[1]            0.0000000000 
_pdbx_struct_oper_list.matrix[2][1]         0.0000000000 
_pdbx_struct_oper_list.matrix[2][2]         1.0000000000 
_pdbx_struct_oper_list.matrix[2][3]         0.0000000000 
_pdbx_struct_oper_list.vector[2]            0.0000000000 
_pdbx_struct_oper_list.matrix[3][1]         0.0000000000 
_pdbx_struct_oper_list.matrix[3][2]         0.0000000000 
_pdbx_struct_oper_list.matrix[3][3]         1.0000000000 
_pdbx_struct_oper_list.vector[3]            0.0000000000 
# 
loop_
_struct_conn.id 
_struct_conn.conn_type_id 
_struct_conn.pdbx_leaving_atom_flag 
_struct_conn.pdbx_PDB_id 
_struct_conn.ptnr1_label_asym_id 
_struct_conn.ptnr1_label_comp_id 
_struct_conn.ptnr1_label_seq_id 
_struct_conn.ptnr1_label_atom_id 
_struct_conn.pdbx_ptnr1_label_alt_id 
_struct_conn.pdbx_ptnr1_PDB_ins_code 
_struct_conn.pdbx_ptnr1_standard_comp_id 
_struct_conn.ptnr1_symmetry 
_struct_conn.ptnr2_label_asym_id 
_struct_conn.ptnr2_label_comp_id 
_struct_conn.ptnr2_label_seq_id 
_struct_conn.ptnr2_label_atom_id 
_struct_conn.pdbx_ptnr2_label_alt_id 
_struct_conn.pdbx_ptnr2_PDB_ins_code 
_struct_conn.ptnr1_auth_asym_id 
_struct_conn.ptnr1_auth_comp_id 
_struct_conn.ptnr1_auth_seq_id 
_struct_conn.ptnr2_auth_asym_id 
_struct_conn.ptnr2_auth_comp_id 
_struct_conn.ptnr2_auth_seq_id 
_struct_conn.ptnr2_symmetry 
_struct_conn.pdbx_ptnr3_label_atom_id 
_struct_conn.pdbx_ptnr3_label_seq_id 
_struct_conn.pdbx_ptnr3_label_comp_id 
_struct_conn.pdbx_ptnr3_label_asym_id 
_struct_conn.pdbx_ptnr3_label_alt_id 
_struct_conn.pdbx_ptnr3_PDB_ins_code 
_struct_conn.details 
_struct_conn.pdbx_dist_value 
_struct_conn.pdbx_value_order 
_struct_conn.pdbx_role 
covale1  covale both ? A GTP 1  "O3'" ? ? ? 1_555 A G   2  P  ? ? A GTP 1   A G   2   1_555 ? ? ? ? ? ? ?             1.556 ? ? 
metalc1  metalc ?    ? A U   6  O4    ? ? ? 1_555 D MG  .  MG ? ? A U   6   A MG  103 1_555 ? ? ? ? ? ? ?             2.777 ? ? 
metalc2  metalc ?    ? A G   7  O6    ? ? ? 1_555 D MG  .  MG ? ? A G   7   A MG  103 1_555 ? ? ? ? ? ? ?             2.689 ? ? 
metalc3  metalc ?    ? A U   22 O4    ? ? ? 1_555 F MG  .  MG ? ? A U   22  A MG  105 1_555 ? ? ? ? ? ? ?             2.627 ? ? 
metalc4  metalc ?    ? A U   53 "O3'" ? ? ? 1_555 B MG  .  MG ? ? A U   53  A MG  101 1_555 ? ? ? ? ? ? ?             1.946 ? ? 
metalc5  metalc ?    ? A U   53 "O2'" ? ? ? 1_555 B MG  .  MG ? ? A U   53  A MG  101 1_555 ? ? ? ? ? ? ?             2.051 ? ? 
metalc6  metalc ?    ? B MG  .  MG    ? ? ? 1_555 I HOH .  O  ? ? A MG  101 A HOH 202 1_555 ? ? ? ? ? ? ?             2.093 ? ? 
metalc7  metalc ?    ? C MG  .  MG    ? ? ? 1_555 I HOH .  O  ? ? A MG  102 A HOH 214 1_555 ? ? ? ? ? ? ?             2.481 ? ? 
metalc8  metalc ?    ? C MG  .  MG    ? ? ? 1_555 I HOH .  O  ? ? A MG  102 A HOH 229 1_555 ? ? ? ? ? ? ?             1.941 ? ? 
metalc9  metalc ?    ? D MG  .  MG    ? ? ? 1_555 I HOH .  O  ? ? A MG  103 A HOH 221 1_555 ? ? ? ? ? ? ?             2.612 ? ? 
metalc10 metalc ?    ? E MG  .  MG    ? ? ? 1_555 I HOH .  O  ? ? A MG  104 A HOH 219 1_555 ? ? ? ? ? ? ?             2.299 ? ? 
metalc11 metalc ?    ? E MG  .  MG    ? ? ? 1_555 I HOH .  O  ? ? A MG  104 A HOH 226 1_555 ? ? ? ? ? ? ?             2.348 ? ? 
metalc12 metalc ?    ? E MG  .  MG    ? ? ? 1_555 I HOH .  O  ? ? A MG  104 A HOH 227 1_555 ? ? ? ? ? ? ?             2.074 ? ? 
metalc13 metalc ?    ? F MG  .  MG    ? ? ? 1_555 I HOH .  O  ? ? A MG  105 A HOH 218 1_555 ? ? ? ? ? ? ?             2.731 ? ? 
metalc14 metalc ?    ? F MG  .  MG    ? ? ? 1_555 I HOH .  O  ? ? A MG  105 A HOH 224 1_555 ? ? ? ? ? ? ?             2.588 ? ? 
metalc15 metalc ?    ? F MG  .  MG    ? ? ? 1_555 I HOH .  O  ? ? A MG  105 A HOH 231 1_555 ? ? ? ? ? ? ?             2.802 ? ? 
hydrog1  hydrog ?    ? A GTP 1  N1    ? ? ? 1_555 A U   53 O2 ? ? A GTP 1   A U   53  1_555 ? ? ? ? ? ? TYPE_28_PAIR  ?     ? ? 
hydrog2  hydrog ?    ? A GTP 1  O6    ? ? ? 1_555 A U   53 N3 ? ? A GTP 1   A U   53  1_555 ? ? ? ? ? ? TYPE_28_PAIR  ?     ? ? 
hydrog3  hydrog ?    ? A G   2  N1    ? ? ? 1_555 A C   52 N3 ? ? A G   2   A C   52  1_555 ? ? ? ? ? ? WATSON-CRICK  ?     ? ? 
hydrog4  hydrog ?    ? A G   2  N2    ? ? ? 1_555 A C   52 O2 ? ? A G   2   A C   52  1_555 ? ? ? ? ? ? WATSON-CRICK  ?     ? ? 
hydrog5  hydrog ?    ? A G   2  O6    ? ? ? 1_555 A C   52 N4 ? ? A G   2   A C   52  1_555 ? ? ? ? ? ? WATSON-CRICK  ?     ? ? 
hydrog6  hydrog ?    ? A G   3  N1    ? ? ? 1_555 A C   51 N3 ? ? A G   3   A C   51  1_555 ? ? ? ? ? ? WATSON-CRICK  ?     ? ? 
hydrog7  hydrog ?    ? A G   3  N2    ? ? ? 1_555 A C   51 O2 ? ? A G   3   A C   51  1_555 ? ? ? ? ? ? WATSON-CRICK  ?     ? ? 
hydrog8  hydrog ?    ? A G   3  O6    ? ? ? 1_555 A C   51 N4 ? ? A G   3   A C   51  1_555 ? ? ? ? ? ? WATSON-CRICK  ?     ? ? 
hydrog9  hydrog ?    ? A U   4  N3    ? ? ? 1_555 A G   50 O6 ? ? A U   4   A G   50  1_555 ? ? ? ? ? ? TYPE_28_PAIR  ?     ? ? 
hydrog10 hydrog ?    ? A U   4  O2    ? ? ? 1_555 A G   50 N1 ? ? A U   4   A G   50  1_555 ? ? ? ? ? ? TYPE_28_PAIR  ?     ? ? 
hydrog11 hydrog ?    ? A G   5  N1    ? ? ? 1_555 A C   49 N3 ? ? A G   5   A C   49  1_555 ? ? ? ? ? ? WATSON-CRICK  ?     ? ? 
hydrog12 hydrog ?    ? A G   5  N2    ? ? ? 1_555 A C   49 O2 ? ? A G   5   A C   49  1_555 ? ? ? ? ? ? WATSON-CRICK  ?     ? ? 
hydrog13 hydrog ?    ? A G   5  O6    ? ? ? 1_555 A C   49 N4 ? ? A G   5   A C   49  1_555 ? ? ? ? ? ? WATSON-CRICK  ?     ? ? 
hydrog14 hydrog ?    ? A U   6  N3    ? ? ? 1_555 A G   48 O6 ? ? A U   6   A G   48  1_555 ? ? ? ? ? ? TYPE_28_PAIR  ?     ? ? 
hydrog15 hydrog ?    ? A U   6  O2    ? ? ? 1_555 A G   48 N1 ? ? A U   6   A G   48  1_555 ? ? ? ? ? ? TYPE_28_PAIR  ?     ? ? 
hydrog16 hydrog ?    ? A G   7  N2    ? ? ? 1_555 A A   47 N7 ? ? A G   7   A A   47  1_555 ? ? ? ? ? ? TYPE_11_PAIR  ?     ? ? 
hydrog17 hydrog ?    ? A G   7  N3    ? ? ? 1_555 A A   47 N6 ? ? A G   7   A A   47  1_555 ? ? ? ? ? ? TYPE_11_PAIR  ?     ? ? 
hydrog18 hydrog ?    ? A A   9  N6    ? ? ? 1_555 A G   46 N3 ? ? A A   9   A G   46  1_555 ? ? ? ? ? ? TYPE_11_PAIR  ?     ? ? 
hydrog19 hydrog ?    ? A A   9  N7    ? ? ? 1_555 A G   46 N2 ? ? A A   9   A G   46  1_555 ? ? ? ? ? ? TYPE_11_PAIR  ?     ? ? 
hydrog20 hydrog ?    ? A C   10 N3    ? ? ? 1_555 A G   45 N1 ? ? A C   10  A G   45  1_555 ? ? ? ? ? ? WATSON-CRICK  ?     ? ? 
hydrog21 hydrog ?    ? A C   10 N4    ? ? ? 1_555 A G   45 O6 ? ? A C   10  A G   45  1_555 ? ? ? ? ? ? WATSON-CRICK  ?     ? ? 
hydrog22 hydrog ?    ? A C   10 O2    ? ? ? 1_555 A G   45 N2 ? ? A C   10  A G   45  1_555 ? ? ? ? ? ? WATSON-CRICK  ?     ? ? 
hydrog23 hydrog ?    ? A C   11 N3    ? ? ? 1_555 A G   44 N1 ? ? A C   11  A G   44  1_555 ? ? ? ? ? ? WATSON-CRICK  ?     ? ? 
hydrog24 hydrog ?    ? A C   11 N4    ? ? ? 1_555 A G   44 O6 ? ? A C   11  A G   44  1_555 ? ? ? ? ? ? WATSON-CRICK  ?     ? ? 
hydrog25 hydrog ?    ? A C   11 O2    ? ? ? 1_555 A G   44 N2 ? ? A C   11  A G   44  1_555 ? ? ? ? ? ? WATSON-CRICK  ?     ? ? 
hydrog26 hydrog ?    ? A G   12 N1    ? ? ? 1_555 A C   43 N3 ? ? A G   12  A C   43  1_555 ? ? ? ? ? ? WATSON-CRICK  ?     ? ? 
hydrog27 hydrog ?    ? A G   12 N2    ? ? ? 1_555 A C   43 O2 ? ? A G   12  A C   43  1_555 ? ? ? ? ? ? WATSON-CRICK  ?     ? ? 
hydrog28 hydrog ?    ? A G   12 O6    ? ? ? 1_555 A C   43 N4 ? ? A G   12  A C   43  1_555 ? ? ? ? ? ? WATSON-CRICK  ?     ? ? 
hydrog29 hydrog ?    ? A U   13 N3    ? ? ? 1_555 A A   42 N1 ? ? A U   13  A A   42  1_555 ? ? ? ? ? ? WATSON-CRICK  ?     ? ? 
hydrog30 hydrog ?    ? A U   13 O4    ? ? ? 1_555 A A   42 N6 ? ? A U   13  A A   42  1_555 ? ? ? ? ? ? WATSON-CRICK  ?     ? ? 
hydrog31 hydrog ?    ? A U   14 N3    ? ? ? 1_555 A A   17 N7 ? ? A U   14  A A   17  1_555 ? ? ? ? ? ? HOOGSTEEN     ?     ? ? 
hydrog32 hydrog ?    ? A U   14 O4    ? ? ? 1_555 A A   17 N6 ? ? A U   14  A A   17  1_555 ? ? ? ? ? ? HOOGSTEEN     ?     ? ? 
hydrog33 hydrog ?    ? A A   16 N6    ? ? ? 1_555 A C   43 O2 ? ? A A   16  A C   43  1_555 ? ? ? ? ? ? 'A-C MISPAIR' ?     ? ? 
hydrog34 hydrog ?    ? A A   17 N6    ? ? ? 1_555 A A   42 N3 ? ? A A   17  A A   42  1_555 ? ? ? ? ? ? 'A-A MISPAIR' ?     ? ? 
hydrog35 hydrog ?    ? A G   21 N1    ? ? ? 1_555 A C   40 N3 ? ? A G   21  A C   40  1_555 ? ? ? ? ? ? WATSON-CRICK  ?     ? ? 
hydrog36 hydrog ?    ? A G   21 N2    ? ? ? 1_555 A C   40 O2 ? ? A G   21  A C   40  1_555 ? ? ? ? ? ? WATSON-CRICK  ?     ? ? 
hydrog37 hydrog ?    ? A G   21 O6    ? ? ? 1_555 A C   40 N4 ? ? A G   21  A C   40  1_555 ? ? ? ? ? ? WATSON-CRICK  ?     ? ? 
hydrog38 hydrog ?    ? A U   22 N3    ? ? ? 1_555 A A   39 N1 ? ? A U   22  A A   39  1_555 ? ? ? ? ? ? WATSON-CRICK  ?     ? ? 
hydrog39 hydrog ?    ? A U   22 O4    ? ? ? 1_555 A A   39 N6 ? ? A U   22  A A   39  1_555 ? ? ? ? ? ? WATSON-CRICK  ?     ? ? 
hydrog40 hydrog ?    ? A C   23 N3    ? ? ? 1_555 A G   38 N1 ? ? A C   23  A G   38  1_555 ? ? ? ? ? ? WATSON-CRICK  ?     ? ? 
hydrog41 hydrog ?    ? A C   23 N4    ? ? ? 1_555 A G   38 O6 ? ? A C   23  A G   38  1_555 ? ? ? ? ? ? WATSON-CRICK  ?     ? ? 
hydrog42 hydrog ?    ? A C   23 O2    ? ? ? 1_555 A G   38 N2 ? ? A C   23  A G   38  1_555 ? ? ? ? ? ? WATSON-CRICK  ?     ? ? 
hydrog43 hydrog ?    ? A C   24 N3    ? ? ? 1_555 A G   37 N1 ? ? A C   24  A G   37  1_555 ? ? ? ? ? ? WATSON-CRICK  ?     ? ? 
hydrog44 hydrog ?    ? A C   24 N4    ? ? ? 1_555 A G   37 O6 ? ? A C   24  A G   37  1_555 ? ? ? ? ? ? WATSON-CRICK  ?     ? ? 
hydrog45 hydrog ?    ? A C   24 O2    ? ? ? 1_555 A G   37 N2 ? ? A C   24  A G   37  1_555 ? ? ? ? ? ? WATSON-CRICK  ?     ? ? 
hydrog46 hydrog ?    ? A C   25 N3    ? ? ? 1_555 A G   36 N1 ? ? A C   25  A G   36  1_555 ? ? ? ? ? ? WATSON-CRICK  ?     ? ? 
hydrog47 hydrog ?    ? A C   25 N4    ? ? ? 1_555 A G   36 O6 ? ? A C   25  A G   36  1_555 ? ? ? ? ? ? WATSON-CRICK  ?     ? ? 
hydrog48 hydrog ?    ? A C   25 O2    ? ? ? 1_555 A G   36 N2 ? ? A C   25  A G   36  1_555 ? ? ? ? ? ? WATSON-CRICK  ?     ? ? 
hydrog49 hydrog ?    ? A A   26 N1    ? ? ? 1_555 A U   35 N3 ? ? A A   26  A U   35  1_555 ? ? ? ? ? ? WATSON-CRICK  ?     ? ? 
hydrog50 hydrog ?    ? A A   26 N6    ? ? ? 1_555 A U   35 O4 ? ? A A   26  A U   35  1_555 ? ? ? ? ? ? WATSON-CRICK  ?     ? ? 
hydrog51 hydrog ?    ? A G   27 N1    ? ? ? 1_555 A C   34 N3 ? ? A G   27  A C   34  1_555 ? ? ? ? ? ? WATSON-CRICK  ?     ? ? 
hydrog52 hydrog ?    ? A G   27 N2    ? ? ? 1_555 A C   34 O2 ? ? A G   27  A C   34  1_555 ? ? ? ? ? ? WATSON-CRICK  ?     ? ? 
hydrog53 hydrog ?    ? A G   27 O6    ? ? ? 1_555 A C   34 N4 ? ? A G   27  A C   34  1_555 ? ? ? ? ? ? WATSON-CRICK  ?     ? ? 
hydrog54 hydrog ?    ? A C   28 N3    ? ? ? 1_555 A G   32 N1 ? ? A C   28  A G   32  1_555 ? ? ? ? ? ? WATSON-CRICK  ?     ? ? 
hydrog55 hydrog ?    ? A C   28 N4    ? ? ? 1_555 A G   32 O6 ? ? A C   28  A G   32  1_555 ? ? ? ? ? ? WATSON-CRICK  ?     ? ? 
hydrog56 hydrog ?    ? A C   28 O2    ? ? ? 1_555 A G   32 N2 ? ? A C   28  A G   32  1_555 ? ? ? ? ? ? WATSON-CRICK  ?     ? ? 
# 
loop_
_struct_conn_type.id 
_struct_conn_type.criteria 
_struct_conn_type.reference 
covale ? ? 
metalc ? ? 
hydrog ? ? 
# 
loop_
_pdbx_struct_conn_angle.id 
_pdbx_struct_conn_angle.ptnr1_label_atom_id 
_pdbx_struct_conn_angle.ptnr1_label_alt_id 
_pdbx_struct_conn_angle.ptnr1_label_asym_id 
_pdbx_struct_conn_angle.ptnr1_label_comp_id 
_pdbx_struct_conn_angle.ptnr1_label_seq_id 
_pdbx_struct_conn_angle.ptnr1_auth_atom_id 
_pdbx_struct_conn_angle.ptnr1_auth_asym_id 
_pdbx_struct_conn_angle.ptnr1_auth_comp_id 
_pdbx_struct_conn_angle.ptnr1_auth_seq_id 
_pdbx_struct_conn_angle.ptnr1_PDB_ins_code 
_pdbx_struct_conn_angle.ptnr1_symmetry 
_pdbx_struct_conn_angle.ptnr2_label_atom_id 
_pdbx_struct_conn_angle.ptnr2_label_alt_id 
_pdbx_struct_conn_angle.ptnr2_label_asym_id 
_pdbx_struct_conn_angle.ptnr2_label_comp_id 
_pdbx_struct_conn_angle.ptnr2_label_seq_id 
_pdbx_struct_conn_angle.ptnr2_auth_atom_id 
_pdbx_struct_conn_angle.ptnr2_auth_asym_id 
_pdbx_struct_conn_angle.ptnr2_auth_comp_id 
_pdbx_struct_conn_angle.ptnr2_auth_seq_id 
_pdbx_struct_conn_angle.ptnr2_PDB_ins_code 
_pdbx_struct_conn_angle.ptnr2_symmetry 
_pdbx_struct_conn_angle.ptnr3_label_atom_id 
_pdbx_struct_conn_angle.ptnr3_label_alt_id 
_pdbx_struct_conn_angle.ptnr3_label_asym_id 
_pdbx_struct_conn_angle.ptnr3_label_comp_id 
_pdbx_struct_conn_angle.ptnr3_label_seq_id 
_pdbx_struct_conn_angle.ptnr3_auth_atom_id 
_pdbx_struct_conn_angle.ptnr3_auth_asym_id 
_pdbx_struct_conn_angle.ptnr3_auth_comp_id 
_pdbx_struct_conn_angle.ptnr3_auth_seq_id 
_pdbx_struct_conn_angle.ptnr3_PDB_ins_code 
_pdbx_struct_conn_angle.ptnr3_symmetry 
_pdbx_struct_conn_angle.value 
_pdbx_struct_conn_angle.value_esd 
1  O4    ? A U   6  ? A U   6   ? 1_555 MG ? D MG . ? A MG 103 ? 1_555 O6    ? A G   7  ? A G   7   ? 1_555 69.8  ? 
2  O4    ? A U   6  ? A U   6   ? 1_555 MG ? D MG . ? A MG 103 ? 1_555 O     ? I HOH .  ? A HOH 221 ? 1_555 82.9  ? 
3  O6    ? A G   7  ? A G   7   ? 1_555 MG ? D MG . ? A MG 103 ? 1_555 O     ? I HOH .  ? A HOH 221 ? 1_555 147.8 ? 
4  O4    ? A U   22 ? A U   22  ? 1_555 MG ? F MG . ? A MG 105 ? 1_555 O     ? I HOH .  ? A HOH 218 ? 1_555 83.7  ? 
5  O4    ? A U   22 ? A U   22  ? 1_555 MG ? F MG . ? A MG 105 ? 1_555 O     ? I HOH .  ? A HOH 224 ? 1_555 104.4 ? 
6  O     ? I HOH .  ? A HOH 218 ? 1_555 MG ? F MG . ? A MG 105 ? 1_555 O     ? I HOH .  ? A HOH 224 ? 1_555 60.9  ? 
7  O4    ? A U   22 ? A U   22  ? 1_555 MG ? F MG . ? A MG 105 ? 1_555 O     ? I HOH .  ? A HOH 231 ? 1_555 109.8 ? 
8  O     ? I HOH .  ? A HOH 218 ? 1_555 MG ? F MG . ? A MG 105 ? 1_555 O     ? I HOH .  ? A HOH 231 ? 1_555 101.5 ? 
9  O     ? I HOH .  ? A HOH 224 ? 1_555 MG ? F MG . ? A MG 105 ? 1_555 O     ? I HOH .  ? A HOH 231 ? 1_555 139.4 ? 
10 "O3'" ? A U   53 ? A U   53  ? 1_555 MG ? B MG . ? A MG 101 ? 1_555 "O2'" ? A U   53 ? A U   53  ? 1_555 83.6  ? 
11 "O3'" ? A U   53 ? A U   53  ? 1_555 MG ? B MG . ? A MG 101 ? 1_555 O     ? I HOH .  ? A HOH 202 ? 1_555 64.3  ? 
12 "O2'" ? A U   53 ? A U   53  ? 1_555 MG ? B MG . ? A MG 101 ? 1_555 O     ? I HOH .  ? A HOH 202 ? 1_555 111.4 ? 
13 O     ? I HOH .  ? A HOH 214 ? 1_555 MG ? C MG . ? A MG 102 ? 1_555 O     ? I HOH .  ? A HOH 229 ? 1_555 74.4  ? 
14 O     ? I HOH .  ? A HOH 219 ? 1_555 MG ? E MG . ? A MG 104 ? 1_555 O     ? I HOH .  ? A HOH 226 ? 1_555 90.2  ? 
15 O     ? I HOH .  ? A HOH 219 ? 1_555 MG ? E MG . ? A MG 104 ? 1_555 O     ? I HOH .  ? A HOH 227 ? 1_555 69.6  ? 
16 O     ? I HOH .  ? A HOH 226 ? 1_555 MG ? E MG . ? A MG 104 ? 1_555 O     ? I HOH .  ? A HOH 227 ? 1_555 89.2  ? 
# 
loop_
_pdbx_validate_close_contact.id 
_pdbx_validate_close_contact.PDB_model_num 
_pdbx_validate_close_contact.auth_atom_id_1 
_pdbx_validate_close_contact.auth_asym_id_1 
_pdbx_validate_close_contact.auth_comp_id_1 
_pdbx_validate_close_contact.auth_seq_id_1 
_pdbx_validate_close_contact.PDB_ins_code_1 
_pdbx_validate_close_contact.label_alt_id_1 
_pdbx_validate_close_contact.auth_atom_id_2 
_pdbx_validate_close_contact.auth_asym_id_2 
_pdbx_validate_close_contact.auth_comp_id_2 
_pdbx_validate_close_contact.auth_seq_id_2 
_pdbx_validate_close_contact.PDB_ins_code_2 
_pdbx_validate_close_contact.label_alt_id_2 
_pdbx_validate_close_contact.dist 
1 1 N7    A A   33  ? ? O A HOH 201 ? ? 2.03 
2 1 O     A HOH 223 ? ? O A HOH 234 ? ? 2.12 
3 1 "O3'" A U   53  ? ? O A HOH 202 ? ? 2.15 
# 
loop_
_pdbx_validate_rmsd_angle.id 
_pdbx_validate_rmsd_angle.PDB_model_num 
_pdbx_validate_rmsd_angle.auth_atom_id_1 
_pdbx_validate_rmsd_angle.auth_asym_id_1 
_pdbx_validate_rmsd_angle.auth_comp_id_1 
_pdbx_validate_rmsd_angle.auth_seq_id_1 
_pdbx_validate_rmsd_angle.PDB_ins_code_1 
_pdbx_validate_rmsd_angle.label_alt_id_1 
_pdbx_validate_rmsd_angle.auth_atom_id_2 
_pdbx_validate_rmsd_angle.auth_asym_id_2 
_pdbx_validate_rmsd_angle.auth_comp_id_2 
_pdbx_validate_rmsd_angle.auth_seq_id_2 
_pdbx_validate_rmsd_angle.PDB_ins_code_2 
_pdbx_validate_rmsd_angle.label_alt_id_2 
_pdbx_validate_rmsd_angle.auth_atom_id_3 
_pdbx_validate_rmsd_angle.auth_asym_id_3 
_pdbx_validate_rmsd_angle.auth_comp_id_3 
_pdbx_validate_rmsd_angle.auth_seq_id_3 
_pdbx_validate_rmsd_angle.PDB_ins_code_3 
_pdbx_validate_rmsd_angle.label_alt_id_3 
_pdbx_validate_rmsd_angle.angle_value 
_pdbx_validate_rmsd_angle.angle_target_value 
_pdbx_validate_rmsd_angle.angle_deviation 
_pdbx_validate_rmsd_angle.angle_standard_deviation 
_pdbx_validate_rmsd_angle.linker_flag 
1 1 "C3'" A GTP 1 ? ? "O3'" A GTP 1 ? ? P   A G 2 ? ? 106.68 119.70 -13.02 1.20 Y 
2 1 "O3'" A GTP 1 ? ? P     A G   2 ? ? OP2 A G 2 ? ? 128.77 110.50 18.27  1.10 Y 
3 1 "O3'" A GTP 1 ? ? P     A G   2 ? ? OP1 A G 2 ? ? 91.41  105.20 -13.79 2.20 Y 
# 
_pdbx_entry_details.entry_id                 8XZM 
_pdbx_entry_details.has_ligand_of_interest   Y 
_pdbx_entry_details.compound_details         ? 
_pdbx_entry_details.source_details           ? 
_pdbx_entry_details.nonpolymer_details       ? 
_pdbx_entry_details.sequence_details         ? 
# 
loop_
_chem_comp_atom.comp_id 
_chem_comp_atom.atom_id 
_chem_comp_atom.type_symbol 
_chem_comp_atom.pdbx_aromatic_flag 
_chem_comp_atom.pdbx_stereo_config 
_chem_comp_atom.pdbx_ordinal 
A   OP3    O  N N 1   
A   P      P  N N 2   
A   OP1    O  N N 3   
A   OP2    O  N N 4   
A   "O5'"  O  N N 5   
A   "C5'"  C  N N 6   
A   "C4'"  C  N R 7   
A   "O4'"  O  N N 8   
A   "C3'"  C  N S 9   
A   "O3'"  O  N N 10  
A   "C2'"  C  N R 11  
A   "O2'"  O  N N 12  
A   "C1'"  C  N R 13  
A   N9     N  Y N 14  
A   C8     C  Y N 15  
A   N7     N  Y N 16  
A   C5     C  Y N 17  
A   C6     C  Y N 18  
A   N6     N  N N 19  
A   N1     N  Y N 20  
A   C2     C  Y N 21  
A   N3     N  Y N 22  
A   C4     C  Y N 23  
A   HOP3   H  N N 24  
A   HOP2   H  N N 25  
A   "H5'"  H  N N 26  
A   "H5''" H  N N 27  
A   "H4'"  H  N N 28  
A   "H3'"  H  N N 29  
A   "HO3'" H  N N 30  
A   "H2'"  H  N N 31  
A   "HO2'" H  N N 32  
A   "H1'"  H  N N 33  
A   H8     H  N N 34  
A   H61    H  N N 35  
A   H62    H  N N 36  
A   H2     H  N N 37  
C   OP3    O  N N 38  
C   P      P  N N 39  
C   OP1    O  N N 40  
C   OP2    O  N N 41  
C   "O5'"  O  N N 42  
C   "C5'"  C  N N 43  
C   "C4'"  C  N R 44  
C   "O4'"  O  N N 45  
C   "C3'"  C  N S 46  
C   "O3'"  O  N N 47  
C   "C2'"  C  N R 48  
C   "O2'"  O  N N 49  
C   "C1'"  C  N R 50  
C   N1     N  N N 51  
C   C2     C  N N 52  
C   O2     O  N N 53  
C   N3     N  N N 54  
C   C4     C  N N 55  
C   N4     N  N N 56  
C   C5     C  N N 57  
C   C6     C  N N 58  
C   HOP3   H  N N 59  
C   HOP2   H  N N 60  
C   "H5'"  H  N N 61  
C   "H5''" H  N N 62  
C   "H4'"  H  N N 63  
C   "H3'"  H  N N 64  
C   "HO3'" H  N N 65  
C   "H2'"  H  N N 66  
C   "HO2'" H  N N 67  
C   "H1'"  H  N N 68  
C   H41    H  N N 69  
C   H42    H  N N 70  
C   H5     H  N N 71  
C   H6     H  N N 72  
G   OP3    O  N N 73  
G   P      P  N N 74  
G   OP1    O  N N 75  
G   OP2    O  N N 76  
G   "O5'"  O  N N 77  
G   "C5'"  C  N N 78  
G   "C4'"  C  N R 79  
G   "O4'"  O  N N 80  
G   "C3'"  C  N S 81  
G   "O3'"  O  N N 82  
G   "C2'"  C  N R 83  
G   "O2'"  O  N N 84  
G   "C1'"  C  N R 85  
G   N9     N  Y N 86  
G   C8     C  Y N 87  
G   N7     N  Y N 88  
G   C5     C  Y N 89  
G   C6     C  N N 90  
G   O6     O  N N 91  
G   N1     N  N N 92  
G   C2     C  N N 93  
G   N2     N  N N 94  
G   N3     N  N N 95  
G   C4     C  Y N 96  
G   HOP3   H  N N 97  
G   HOP2   H  N N 98  
G   "H5'"  H  N N 99  
G   "H5''" H  N N 100 
G   "H4'"  H  N N 101 
G   "H3'"  H  N N 102 
G   "HO3'" H  N N 103 
G   "H2'"  H  N N 104 
G   "HO2'" H  N N 105 
G   "H1'"  H  N N 106 
G   H8     H  N N 107 
G   H1     H  N N 108 
G   H21    H  N N 109 
G   H22    H  N N 110 
GTP PG     P  N N 111 
GTP O1G    O  N N 112 
GTP O2G    O  N N 113 
GTP O3G    O  N N 114 
GTP O3B    O  N N 115 
GTP PB     P  N N 116 
GTP O1B    O  N N 117 
GTP O2B    O  N N 118 
GTP O3A    O  N N 119 
GTP PA     P  N N 120 
GTP O1A    O  N N 121 
GTP O2A    O  N N 122 
GTP "O5'"  O  N N 123 
GTP "C5'"  C  N N 124 
GTP "C4'"  C  N R 125 
GTP "O4'"  O  N N 126 
GTP "C3'"  C  N S 127 
GTP "O3'"  O  N N 128 
GTP "C2'"  C  N R 129 
GTP "O2'"  O  N N 130 
GTP "C1'"  C  N R 131 
GTP N9     N  Y N 132 
GTP C8     C  Y N 133 
GTP N7     N  Y N 134 
GTP C5     C  Y N 135 
GTP C6     C  N N 136 
GTP O6     O  N N 137 
GTP N1     N  N N 138 
GTP C2     C  N N 139 
GTP N2     N  N N 140 
GTP N3     N  N N 141 
GTP C4     C  Y N 142 
GTP HOG2   H  N N 143 
GTP HOG3   H  N N 144 
GTP HOB2   H  N N 145 
GTP HOA2   H  N N 146 
GTP "H5'"  H  N N 147 
GTP "H5''" H  N N 148 
GTP "H4'"  H  N N 149 
GTP "H3'"  H  N N 150 
GTP "HO3'" H  N N 151 
GTP "H2'"  H  N N 152 
GTP "HO2'" H  N N 153 
GTP "H1'"  H  N N 154 
GTP H8     H  N N 155 
GTP HN1    H  N N 156 
GTP HN21   H  N N 157 
GTP HN22   H  N N 158 
HOH O      O  N N 159 
HOH H1     H  N N 160 
HOH H2     H  N N 161 
MG  MG     MG N N 162 
NPR N1     N  N N 163 
NPR C2     C  Y N 164 
NPR N3     N  Y N 165 
NPR C4     C  Y N 166 
NPR O5     O  N N 167 
NPR C6     C  Y N 168 
NPR N7     N  N N 169 
NPR C8     C  N N 170 
NPR C9     C  N N 171 
NPR N10    N  N N 172 
NPR C11    C  Y N 173 
NPR N12    N  Y N 174 
NPR C13    C  N S 175 
NPR O14    O  N N 176 
NPR C15    C  N R 177 
NPR O16    O  N N 178 
NPR C17    C  N N 179 
NPR O18    O  N N 180 
NPR HN11   H  N N 181 
NPR HN12   H  N N 182 
NPR H91    H  N N 183 
NPR H92    H  N N 184 
NPR H10    H  N N 185 
NPR H12    H  N N 186 
NPR H13    H  N N 187 
NPR H14    H  N N 188 
NPR H15    H  N N 189 
NPR H16    H  N N 190 
NPR H171   H  N N 191 
NPR H172   H  N N 192 
NPR H18    H  N N 193 
SPM N1     N  N N 194 
SPM C2     C  N N 195 
SPM C3     C  N N 196 
SPM C4     C  N N 197 
SPM N5     N  N N 198 
SPM C6     C  N N 199 
SPM C7     C  N N 200 
SPM C8     C  N N 201 
SPM C9     C  N N 202 
SPM N10    N  N N 203 
SPM C11    C  N N 204 
SPM C12    C  N N 205 
SPM C13    C  N N 206 
SPM N14    N  N N 207 
SPM HN11   H  N N 208 
SPM HN12   H  N N 209 
SPM H21    H  N N 210 
SPM H22    H  N N 211 
SPM H31    H  N N 212 
SPM H32    H  N N 213 
SPM H41    H  N N 214 
SPM H42    H  N N 215 
SPM HN5    H  N N 216 
SPM H61    H  N N 217 
SPM H62    H  N N 218 
SPM H71    H  N N 219 
SPM H72    H  N N 220 
SPM H81    H  N N 221 
SPM H82    H  N N 222 
SPM H91    H  N N 223 
SPM H92    H  N N 224 
SPM HN0    H  N N 225 
SPM H111   H  N N 226 
SPM H112   H  N N 227 
SPM H121   H  N N 228 
SPM H122   H  N N 229 
SPM H131   H  N N 230 
SPM H132   H  N N 231 
SPM HN41   H  N N 232 
SPM HN42   H  N N 233 
U   OP3    O  N N 234 
U   P      P  N N 235 
U   OP1    O  N N 236 
U   OP2    O  N N 237 
U   "O5'"  O  N N 238 
U   "C5'"  C  N N 239 
U   "C4'"  C  N R 240 
U   "O4'"  O  N N 241 
U   "C3'"  C  N S 242 
U   "O3'"  O  N N 243 
U   "C2'"  C  N R 244 
U   "O2'"  O  N N 245 
U   "C1'"  C  N R 246 
U   N1     N  N N 247 
U   C2     C  N N 248 
U   O2     O  N N 249 
U   N3     N  N N 250 
U   C4     C  N N 251 
U   O4     O  N N 252 
U   C5     C  N N 253 
U   C6     C  N N 254 
U   HOP3   H  N N 255 
U   HOP2   H  N N 256 
U   "H5'"  H  N N 257 
U   "H5''" H  N N 258 
U   "H4'"  H  N N 259 
U   "H3'"  H  N N 260 
U   "HO3'" H  N N 261 
U   "H2'"  H  N N 262 
U   "HO2'" H  N N 263 
U   "H1'"  H  N N 264 
U   H3     H  N N 265 
U   H5     H  N N 266 
U   H6     H  N N 267 
# 
loop_
_chem_comp_bond.comp_id 
_chem_comp_bond.atom_id_1 
_chem_comp_bond.atom_id_2 
_chem_comp_bond.value_order 
_chem_comp_bond.pdbx_aromatic_flag 
_chem_comp_bond.pdbx_stereo_config 
_chem_comp_bond.pdbx_ordinal 
A   OP3   P      sing N N 1   
A   OP3   HOP3   sing N N 2   
A   P     OP1    doub N N 3   
A   P     OP2    sing N N 4   
A   P     "O5'"  sing N N 5   
A   OP2   HOP2   sing N N 6   
A   "O5'" "C5'"  sing N N 7   
A   "C5'" "C4'"  sing N N 8   
A   "C5'" "H5'"  sing N N 9   
A   "C5'" "H5''" sing N N 10  
A   "C4'" "O4'"  sing N N 11  
A   "C4'" "C3'"  sing N N 12  
A   "C4'" "H4'"  sing N N 13  
A   "O4'" "C1'"  sing N N 14  
A   "C3'" "O3'"  sing N N 15  
A   "C3'" "C2'"  sing N N 16  
A   "C3'" "H3'"  sing N N 17  
A   "O3'" "HO3'" sing N N 18  
A   "C2'" "O2'"  sing N N 19  
A   "C2'" "C1'"  sing N N 20  
A   "C2'" "H2'"  sing N N 21  
A   "O2'" "HO2'" sing N N 22  
A   "C1'" N9     sing N N 23  
A   "C1'" "H1'"  sing N N 24  
A   N9    C8     sing Y N 25  
A   N9    C4     sing Y N 26  
A   C8    N7     doub Y N 27  
A   C8    H8     sing N N 28  
A   N7    C5     sing Y N 29  
A   C5    C6     sing Y N 30  
A   C5    C4     doub Y N 31  
A   C6    N6     sing N N 32  
A   C6    N1     doub Y N 33  
A   N6    H61    sing N N 34  
A   N6    H62    sing N N 35  
A   N1    C2     sing Y N 36  
A   C2    N3     doub Y N 37  
A   C2    H2     sing N N 38  
A   N3    C4     sing Y N 39  
C   OP3   P      sing N N 40  
C   OP3   HOP3   sing N N 41  
C   P     OP1    doub N N 42  
C   P     OP2    sing N N 43  
C   P     "O5'"  sing N N 44  
C   OP2   HOP2   sing N N 45  
C   "O5'" "C5'"  sing N N 46  
C   "C5'" "C4'"  sing N N 47  
C   "C5'" "H5'"  sing N N 48  
C   "C5'" "H5''" sing N N 49  
C   "C4'" "O4'"  sing N N 50  
C   "C4'" "C3'"  sing N N 51  
C   "C4'" "H4'"  sing N N 52  
C   "O4'" "C1'"  sing N N 53  
C   "C3'" "O3'"  sing N N 54  
C   "C3'" "C2'"  sing N N 55  
C   "C3'" "H3'"  sing N N 56  
C   "O3'" "HO3'" sing N N 57  
C   "C2'" "O2'"  sing N N 58  
C   "C2'" "C1'"  sing N N 59  
C   "C2'" "H2'"  sing N N 60  
C   "O2'" "HO2'" sing N N 61  
C   "C1'" N1     sing N N 62  
C   "C1'" "H1'"  sing N N 63  
C   N1    C2     sing N N 64  
C   N1    C6     sing N N 65  
C   C2    O2     doub N N 66  
C   C2    N3     sing N N 67  
C   N3    C4     doub N N 68  
C   C4    N4     sing N N 69  
C   C4    C5     sing N N 70  
C   N4    H41    sing N N 71  
C   N4    H42    sing N N 72  
C   C5    C6     doub N N 73  
C   C5    H5     sing N N 74  
C   C6    H6     sing N N 75  
G   OP3   P      sing N N 76  
G   OP3   HOP3   sing N N 77  
G   P     OP1    doub N N 78  
G   P     OP2    sing N N 79  
G   P     "O5'"  sing N N 80  
G   OP2   HOP2   sing N N 81  
G   "O5'" "C5'"  sing N N 82  
G   "C5'" "C4'"  sing N N 83  
G   "C5'" "H5'"  sing N N 84  
G   "C5'" "H5''" sing N N 85  
G   "C4'" "O4'"  sing N N 86  
G   "C4'" "C3'"  sing N N 87  
G   "C4'" "H4'"  sing N N 88  
G   "O4'" "C1'"  sing N N 89  
G   "C3'" "O3'"  sing N N 90  
G   "C3'" "C2'"  sing N N 91  
G   "C3'" "H3'"  sing N N 92  
G   "O3'" "HO3'" sing N N 93  
G   "C2'" "O2'"  sing N N 94  
G   "C2'" "C1'"  sing N N 95  
G   "C2'" "H2'"  sing N N 96  
G   "O2'" "HO2'" sing N N 97  
G   "C1'" N9     sing N N 98  
G   "C1'" "H1'"  sing N N 99  
G   N9    C8     sing Y N 100 
G   N9    C4     sing Y N 101 
G   C8    N7     doub Y N 102 
G   C8    H8     sing N N 103 
G   N7    C5     sing Y N 104 
G   C5    C6     sing N N 105 
G   C5    C4     doub Y N 106 
G   C6    O6     doub N N 107 
G   C6    N1     sing N N 108 
G   N1    C2     sing N N 109 
G   N1    H1     sing N N 110 
G   C2    N2     sing N N 111 
G   C2    N3     doub N N 112 
G   N2    H21    sing N N 113 
G   N2    H22    sing N N 114 
G   N3    C4     sing N N 115 
GTP PG    O1G    doub N N 116 
GTP PG    O2G    sing N N 117 
GTP PG    O3G    sing N N 118 
GTP PG    O3B    sing N N 119 
GTP O2G   HOG2   sing N N 120 
GTP O3G   HOG3   sing N N 121 
GTP O3B   PB     sing N N 122 
GTP PB    O1B    doub N N 123 
GTP PB    O2B    sing N N 124 
GTP PB    O3A    sing N N 125 
GTP O2B   HOB2   sing N N 126 
GTP O3A   PA     sing N N 127 
GTP PA    O1A    doub N N 128 
GTP PA    O2A    sing N N 129 
GTP PA    "O5'"  sing N N 130 
GTP O2A   HOA2   sing N N 131 
GTP "O5'" "C5'"  sing N N 132 
GTP "C5'" "C4'"  sing N N 133 
GTP "C5'" "H5'"  sing N N 134 
GTP "C5'" "H5''" sing N N 135 
GTP "C4'" "O4'"  sing N N 136 
GTP "C4'" "C3'"  sing N N 137 
GTP "C4'" "H4'"  sing N N 138 
GTP "O4'" "C1'"  sing N N 139 
GTP "C3'" "O3'"  sing N N 140 
GTP "C3'" "C2'"  sing N N 141 
GTP "C3'" "H3'"  sing N N 142 
GTP "O3'" "HO3'" sing N N 143 
GTP "C2'" "O2'"  sing N N 144 
GTP "C2'" "C1'"  sing N N 145 
GTP "C2'" "H2'"  sing N N 146 
GTP "O2'" "HO2'" sing N N 147 
GTP "C1'" N9     sing N N 148 
GTP "C1'" "H1'"  sing N N 149 
GTP N9    C8     sing Y N 150 
GTP N9    C4     sing Y N 151 
GTP C8    N7     doub Y N 152 
GTP C8    H8     sing N N 153 
GTP N7    C5     sing Y N 154 
GTP C5    C6     sing N N 155 
GTP C5    C4     doub Y N 156 
GTP C6    O6     doub N N 157 
GTP C6    N1     sing N N 158 
GTP N1    C2     sing N N 159 
GTP N1    HN1    sing N N 160 
GTP C2    N2     sing N N 161 
GTP C2    N3     doub N N 162 
GTP N2    HN21   sing N N 163 
GTP N2    HN22   sing N N 164 
GTP N3    C4     sing N N 165 
HOH O     H1     sing N N 166 
HOH O     H2     sing N N 167 
NPR N1    C2     sing N N 168 
NPR N1    HN11   sing N N 169 
NPR N1    HN12   sing N N 170 
NPR C2    N3     doub Y N 171 
NPR C2    N12    sing Y N 172 
NPR N3    C4     sing Y N 173 
NPR C4    O5     doub N N 174 
NPR C4    C6     sing Y N 175 
NPR C6    N7     sing N N 176 
NPR C6    C11    doub Y N 177 
NPR N7    C8     doub N N 178 
NPR C8    C9     sing N N 179 
NPR C8    C13    sing N N 180 
NPR C9    N10    sing N N 181 
NPR C9    H91    sing N N 182 
NPR C9    H92    sing N N 183 
NPR N10   C11    sing N N 184 
NPR N10   H10    sing N N 185 
NPR C11   N12    sing Y N 186 
NPR N12   H12    sing N N 187 
NPR C13   O14    sing N N 188 
NPR C13   C15    sing N N 189 
NPR C13   H13    sing N N 190 
NPR O14   H14    sing N N 191 
NPR C15   O16    sing N N 192 
NPR C15   C17    sing N N 193 
NPR C15   H15    sing N N 194 
NPR O16   H16    sing N N 195 
NPR C17   O18    sing N N 196 
NPR C17   H171   sing N N 197 
NPR C17   H172   sing N N 198 
NPR O18   H18    sing N N 199 
SPM N1    C2     sing N N 200 
SPM N1    HN11   sing N N 201 
SPM N1    HN12   sing N N 202 
SPM C2    C3     sing N N 203 
SPM C2    H21    sing N N 204 
SPM C2    H22    sing N N 205 
SPM C3    C4     sing N N 206 
SPM C3    H31    sing N N 207 
SPM C3    H32    sing N N 208 
SPM C4    N5     sing N N 209 
SPM C4    H41    sing N N 210 
SPM C4    H42    sing N N 211 
SPM N5    C6     sing N N 212 
SPM N5    HN5    sing N N 213 
SPM C6    C7     sing N N 214 
SPM C6    H61    sing N N 215 
SPM C6    H62    sing N N 216 
SPM C7    C8     sing N N 217 
SPM C7    H71    sing N N 218 
SPM C7    H72    sing N N 219 
SPM C8    C9     sing N N 220 
SPM C8    H81    sing N N 221 
SPM C8    H82    sing N N 222 
SPM C9    N10    sing N N 223 
SPM C9    H91    sing N N 224 
SPM C9    H92    sing N N 225 
SPM N10   C11    sing N N 226 
SPM N10   HN0    sing N N 227 
SPM C11   C12    sing N N 228 
SPM C11   H111   sing N N 229 
SPM C11   H112   sing N N 230 
SPM C12   C13    sing N N 231 
SPM C12   H121   sing N N 232 
SPM C12   H122   sing N N 233 
SPM C13   N14    sing N N 234 
SPM C13   H131   sing N N 235 
SPM C13   H132   sing N N 236 
SPM N14   HN41   sing N N 237 
SPM N14   HN42   sing N N 238 
U   OP3   P      sing N N 239 
U   OP3   HOP3   sing N N 240 
U   P     OP1    doub N N 241 
U   P     OP2    sing N N 242 
U   P     "O5'"  sing N N 243 
U   OP2   HOP2   sing N N 244 
U   "O5'" "C5'"  sing N N 245 
U   "C5'" "C4'"  sing N N 246 
U   "C5'" "H5'"  sing N N 247 
U   "C5'" "H5''" sing N N 248 
U   "C4'" "O4'"  sing N N 249 
U   "C4'" "C3'"  sing N N 250 
U   "C4'" "H4'"  sing N N 251 
U   "O4'" "C1'"  sing N N 252 
U   "C3'" "O3'"  sing N N 253 
U   "C3'" "C2'"  sing N N 254 
U   "C3'" "H3'"  sing N N 255 
U   "O3'" "HO3'" sing N N 256 
U   "C2'" "O2'"  sing N N 257 
U   "C2'" "C1'"  sing N N 258 
U   "C2'" "H2'"  sing N N 259 
U   "O2'" "HO2'" sing N N 260 
U   "C1'" N1     sing N N 261 
U   "C1'" "H1'"  sing N N 262 
U   N1    C2     sing N N 263 
U   N1    C6     sing N N 264 
U   C2    O2     doub N N 265 
U   C2    N3     sing N N 266 
U   N3    C4     sing N N 267 
U   N3    H3     sing N N 268 
U   C4    O4     doub N N 269 
U   C4    C5     sing N N 270 
U   C5    C6     doub N N 271 
U   C5    H5     sing N N 272 
U   C6    H6     sing N N 273 
# 
loop_
_ndb_struct_conf_na.entry_id 
_ndb_struct_conf_na.feature 
8XZM 'double helix'         
8XZM 'a-form double helix'  
8XZM 'hairpin loop'         
8XZM 'bulge loop'           
8XZM 'mismatched base pair' 
8XZM 'triple helix'         
# 
loop_
_ndb_struct_na_base_pair.model_number 
_ndb_struct_na_base_pair.i_label_asym_id 
_ndb_struct_na_base_pair.i_label_comp_id 
_ndb_struct_na_base_pair.i_label_seq_id 
_ndb_struct_na_base_pair.i_symmetry 
_ndb_struct_na_base_pair.j_label_asym_id 
_ndb_struct_na_base_pair.j_label_comp_id 
_ndb_struct_na_base_pair.j_label_seq_id 
_ndb_struct_na_base_pair.j_symmetry 
_ndb_struct_na_base_pair.shear 
_ndb_struct_na_base_pair.stretch 
_ndb_struct_na_base_pair.stagger 
_ndb_struct_na_base_pair.buckle 
_ndb_struct_na_base_pair.propeller 
_ndb_struct_na_base_pair.opening 
_ndb_struct_na_base_pair.pair_number 
_ndb_struct_na_base_pair.pair_name 
_ndb_struct_na_base_pair.i_auth_asym_id 
_ndb_struct_na_base_pair.i_auth_seq_id 
_ndb_struct_na_base_pair.i_PDB_ins_code 
_ndb_struct_na_base_pair.j_auth_asym_id 
_ndb_struct_na_base_pair.j_auth_seq_id 
_ndb_struct_na_base_pair.j_PDB_ins_code 
_ndb_struct_na_base_pair.hbond_type_28 
_ndb_struct_na_base_pair.hbond_type_12 
1 A GTP 1  1_555 A U 53 1_555 -2.310 -0.531 -0.404 -7.159  -1.126  -12.362 1  A_GTP1:U53_A A 1  ? A 53 ? 28 1  
1 A G   2  1_555 A C 52 1_555 -0.341 0.106  0.002  -0.209  -11.362 3.894   2  A_G2:C52_A   A 2  ? A 52 ? 19 1  
1 A G   3  1_555 A C 51 1_555 -0.406 -0.059 -0.147 -6.382  -15.996 2.410   3  A_G3:C51_A   A 3  ? A 51 ? 19 1  
1 A U   4  1_555 A G 50 1_555 2.220  -0.557 0.248  -5.077  -12.247 4.253   4  A_U4:G50_A   A 4  ? A 50 ? 28 1  
1 A G   5  1_555 A C 49 1_555 -0.181 -0.214 -0.437 -11.864 -12.260 -1.200  5  A_G5:C49_A   A 5  ? A 49 ? 19 1  
1 A U   6  1_555 A G 48 1_555 2.372  -0.603 -0.134 -6.029  -2.233  -4.775  6  A_U6:G48_A   A 6  ? A 48 ? 28 1  
1 A G   7  1_555 A A 47 1_555 6.981  -4.810 0.233  11.643  0.687   -9.834  7  A_G7:A47_A   A 7  ? A 47 ? 11 10 
1 A A   9  1_555 A G 46 1_555 -6.847 -4.368 0.655  -11.995 -13.514 0.665   8  A_A9:G46_A   A 9  ? A 46 ? 11 9  
1 A C   10 1_555 A G 45 1_555 0.173  -0.219 0.288  0.390   -6.030  -1.535  9  A_C10:G45_A  A 10 ? A 45 ? 19 1  
1 A C   11 1_555 A G 44 1_555 0.290  -0.131 -0.158 4.343   -8.994  1.233   10 A_C11:G44_A  A 11 ? A 44 ? 19 1  
1 A G   12 1_555 A C 43 1_555 -0.375 -0.144 -0.004 -14.210 -20.280 2.591   11 A_G12:C43_A  A 12 ? A 43 ? 19 1  
1 A U   13 1_555 A A 42 1_555 -0.023 -0.006 0.433  -15.101 -10.024 -0.516  12 A_U13:A42_A  A 13 ? A 42 ? 20 1  
1 A G   21 1_555 A C 40 1_555 -0.227 -0.182 0.173  2.402   -15.813 1.563   13 A_G21:C40_A  A 21 ? A 40 ? 19 1  
1 A U   22 1_555 A A 39 1_555 -0.024 -0.104 -0.104 4.784   -14.455 1.923   14 A_U22:A39_A  A 22 ? A 39 ? 20 1  
1 A C   23 1_555 A G 38 1_555 0.375  -0.177 -0.212 6.272   -14.065 0.684   15 A_C23:G38_A  A 23 ? A 38 ? 19 1  
1 A C   24 1_555 A G 37 1_555 0.362  -0.298 -0.061 1.402   -15.186 -1.720  16 A_C24:G37_A  A 24 ? A 37 ? 19 1  
1 A C   25 1_555 A G 36 1_555 0.401  -0.030 0.088  -2.801  -9.211  1.399   17 A_C25:G36_A  A 25 ? A 36 ? 19 1  
1 A A   26 1_555 A U 35 1_555 0.044  -0.044 0.177  -3.930  -14.518 2.835   18 A_A26:U35_A  A 26 ? A 35 ? 20 1  
1 A G   27 1_555 A C 34 1_555 -0.284 -0.242 0.203  -6.839  -17.300 0.995   19 A_G27:C34_A  A 27 ? A 34 ? 19 1  
1 A C   28 1_555 A G 32 1_555 0.267  -0.165 -0.345 6.795   -2.664  -3.835  20 A_C28:G32_A  A 28 ? A 32 ? 19 1  
1 A U   14 1_555 A A 17 1_555 -0.914 3.662  -0.158 1.683   17.842  -76.601 21 A_U14:A17_A  A 14 ? A 17 ? 23 3  
# 
loop_
_ndb_struct_na_base_pair_step.model_number 
_ndb_struct_na_base_pair_step.i_label_asym_id_1 
_ndb_struct_na_base_pair_step.i_label_comp_id_1 
_ndb_struct_na_base_pair_step.i_label_seq_id_1 
_ndb_struct_na_base_pair_step.i_symmetry_1 
_ndb_struct_na_base_pair_step.j_label_asym_id_1 
_ndb_struct_na_base_pair_step.j_label_comp_id_1 
_ndb_struct_na_base_pair_step.j_label_seq_id_1 
_ndb_struct_na_base_pair_step.j_symmetry_1 
_ndb_struct_na_base_pair_step.i_label_asym_id_2 
_ndb_struct_na_base_pair_step.i_label_comp_id_2 
_ndb_struct_na_base_pair_step.i_label_seq_id_2 
_ndb_struct_na_base_pair_step.i_symmetry_2 
_ndb_struct_na_base_pair_step.j_label_asym_id_2 
_ndb_struct_na_base_pair_step.j_label_comp_id_2 
_ndb_struct_na_base_pair_step.j_label_seq_id_2 
_ndb_struct_na_base_pair_step.j_symmetry_2 
_ndb_struct_na_base_pair_step.shift 
_ndb_struct_na_base_pair_step.slide 
_ndb_struct_na_base_pair_step.rise 
_ndb_struct_na_base_pair_step.tilt 
_ndb_struct_na_base_pair_step.roll 
_ndb_struct_na_base_pair_step.twist 
_ndb_struct_na_base_pair_step.x_displacement 
_ndb_struct_na_base_pair_step.y_displacement 
_ndb_struct_na_base_pair_step.helical_rise 
_ndb_struct_na_base_pair_step.inclination 
_ndb_struct_na_base_pair_step.tip 
_ndb_struct_na_base_pair_step.helical_twist 
_ndb_struct_na_base_pair_step.step_number 
_ndb_struct_na_base_pair_step.step_name 
_ndb_struct_na_base_pair_step.i_auth_asym_id_1 
_ndb_struct_na_base_pair_step.i_auth_seq_id_1 
_ndb_struct_na_base_pair_step.i_PDB_ins_code_1 
_ndb_struct_na_base_pair_step.j_auth_asym_id_1 
_ndb_struct_na_base_pair_step.j_auth_seq_id_1 
_ndb_struct_na_base_pair_step.j_PDB_ins_code_1 
_ndb_struct_na_base_pair_step.i_auth_asym_id_2 
_ndb_struct_na_base_pair_step.i_auth_seq_id_2 
_ndb_struct_na_base_pair_step.i_PDB_ins_code_2 
_ndb_struct_na_base_pair_step.j_auth_asym_id_2 
_ndb_struct_na_base_pair_step.j_auth_seq_id_2 
_ndb_struct_na_base_pair_step.j_PDB_ins_code_2 
1 A GTP 1  1_555 A U 53 1_555 A G 2  1_555 A C 52 1_555 0.344  -1.457 3.199 -5.711 7.240  38.354 -2.959  -1.140 2.812 10.829 8.542 
39.406 1  AA_GTP1G2:C52U53_AA A 1  ? A 53 ? A 2  ? A 52 ? 
1 A G   2  1_555 A C 52 1_555 A G 3  1_555 A C 51 1_555 -0.196 -1.803 3.339 -0.978 8.110  30.450 -4.762  0.188  2.783 15.103 1.822 
31.502 2  AA_G2G3:C51C52_AA   A 2  ? A 52 ? A 3  ? A 51 ? 
1 A G   3  1_555 A C 51 1_555 A U 4  1_555 A G 50 1_555 0.218  -1.350 3.283 -1.796 3.829  42.279 -2.246  -0.481 3.143 5.293  2.483 
42.481 3  AA_G3U4:G50C51_AA   A 3  ? A 51 ? A 4  ? A 50 ? 
1 A U   4  1_555 A G 50 1_555 A G 5  1_555 A C 49 1_555 -0.484 -1.978 3.304 7.030  10.427 25.287 -6.199  2.435  2.130 22.156 
-14.938 28.196 4  AA_U4G5:C49G50_AA   A 4  ? A 50 ? A 5  ? A 49 ? 
1 A G   5  1_555 A C 49 1_555 A U 6  1_555 A G 48 1_555 0.071  -1.258 3.178 -0.858 6.204  38.887 -2.560  -0.201 2.949 9.246  1.279 
39.368 5  AA_G5U6:G48C49_AA   A 5  ? A 49 ? A 6  ? A 48 ? 
1 A U   6  1_555 A G 48 1_555 A G 7  1_555 A A 47 1_555 -0.304 -1.214 2.901 2.491  6.069  53.435 -1.669  0.470  2.743 6.721  
-2.759  53.807 6  AA_U6G7:A47G48_AA   A 6  ? A 48 ? A 7  ? A 47 ? 
1 A G   7  1_555 A A 47 1_555 A A 9  1_555 A G 46 1_555 -1.956 -0.505 5.495 6.848  17.749 4.698  -13.662 10.448 0.183 71.142 
-27.451 19.590 7  AA_G7A9:G46A47_AA   A 7  ? A 47 ? A 9  ? A 46 ? 
1 A A   9  1_555 A G 46 1_555 A C 10 1_555 A G 45 1_555 0.185  -0.509 3.151 -0.754 6.073  60.359 -0.785  -0.218 3.090 6.023  0.748 
60.639 8  AA_A9C10:G45G46_AA  A 9  ? A 46 ? A 10 ? A 45 ? 
1 A C   10 1_555 A G 45 1_555 A C 11 1_555 A G 44 1_555 0.393  -2.135 3.054 4.411  5.641  26.972 -5.611  0.109  2.593 11.832 
-9.252  27.889 9  AA_C10C11:G44G45_AA A 10 ? A 45 ? A 11 ? A 44 ? 
1 A C   11 1_555 A G 44 1_555 A G 12 1_555 A C 43 1_555 0.144  -1.746 3.552 0.583  12.961 32.185 -4.905  -0.154 2.674 22.282 
-1.002  34.637 10 AA_C11G12:C43G44_AA A 11 ? A 44 ? A 12 ? A 43 ? 
1 A G   12 1_555 A C 43 1_555 A U 13 1_555 A A 42 1_555 -0.030 -1.347 3.314 -1.394 3.393  34.099 -2.814  -0.166 3.168 5.766  2.369 
34.290 11 AA_G12U13:A42C43_AA A 12 ? A 43 ? A 13 ? A 42 ? 
1 A U   13 1_555 A A 42 1_555 A G 21 1_555 A C 40 1_555 -3.141 -2.926 5.824 1.830  4.082  76.664 -2.563  2.622  5.622 3.288  
-1.474  76.774 12 AA_U13G21:C40A42_AA A 13 ? A 42 ? A 21 ? A 40 ? 
1 A G   21 1_555 A C 40 1_555 A U 22 1_555 A A 39 1_555 -0.169 -1.299 3.165 -0.453 7.483  32.279 -3.445  0.226  2.804 13.238 0.801 
33.115 13 AA_G21U22:A39C40_AA A 21 ? A 40 ? A 22 ? A 39 ? 
1 A U   22 1_555 A A 39 1_555 A C 23 1_555 A G 38 1_555 -0.049 -1.232 3.205 0.953  7.047  33.782 -3.107  0.222  2.895 11.962 
-1.617  34.501 14 AA_U22C23:G38A39_AA A 22 ? A 39 ? A 23 ? A 38 ? 
1 A C   23 1_555 A G 38 1_555 A C 24 1_555 A G 37 1_555 0.192  -1.870 3.350 0.711  8.646  29.991 -5.037  -0.228 2.722 16.284 
-1.340  31.193 15 AA_C23C24:G37G38_AA A 23 ? A 38 ? A 24 ? A 37 ? 
1 A C   24 1_555 A G 37 1_555 A C 25 1_555 A G 36 1_555 -0.068 -1.923 3.369 -1.348 7.564  30.854 -4.847  -0.113 2.830 13.948 2.485 
31.774 16 AA_C24C25:G36G37_AA A 24 ? A 37 ? A 25 ? A 36 ? 
1 A C   25 1_555 A G 36 1_555 A A 26 1_555 A U 35 1_555 0.286  -1.886 3.163 0.912  6.992  27.073 -5.392  -0.397 2.611 14.623 
-1.908  27.960 17 AA_C25A26:U35G36_AA A 25 ? A 36 ? A 26 ? A 35 ? 
1 A A   26 1_555 A U 35 1_555 A G 27 1_555 A C 34 1_555 -0.132 -1.675 3.243 0.906  4.467  34.089 -3.502  0.358  3.001 7.577  
-1.537  34.384 18 AA_A26G27:C34U35_AA A 26 ? A 35 ? A 27 ? A 34 ? 
1 A G   27 1_555 A C 34 1_555 A C 28 1_555 A G 32 1_555 -0.748 -0.684 2.918 7.251  6.922  27.015 -2.676  2.868  2.396 14.211 
-14.887 28.783 19 AA_G27C28:G32C34_AA A 27 ? A 34 ? A 28 ? A 32 ? 
# 
_pdbx_audit_support.funding_organization   'National Natural Science Foundation of China (NSFC)' 
_pdbx_audit_support.country                China 
_pdbx_audit_support.grant_number           ? 
_pdbx_audit_support.ordinal                1 
# 
_pdbx_entity_instance_feature.ordinal        1 
_pdbx_entity_instance_feature.comp_id        NPR 
_pdbx_entity_instance_feature.asym_id        ? 
_pdbx_entity_instance_feature.seq_num        ? 
_pdbx_entity_instance_feature.auth_comp_id   NPR 
_pdbx_entity_instance_feature.auth_asym_id   ? 
_pdbx_entity_instance_feature.auth_seq_num   ? 
_pdbx_entity_instance_feature.feature_type   'SUBJECT OF INVESTIGATION' 
_pdbx_entity_instance_feature.details        ? 
# 
_pdbx_initial_refinement_model.id               1 
_pdbx_initial_refinement_model.entity_id_list   ? 
_pdbx_initial_refinement_model.type             'experimental model' 
_pdbx_initial_refinement_model.source_name      PDB 
_pdbx_initial_refinement_model.accession_code   8XZE 
_pdbx_initial_refinement_model.details          ? 
# 
_atom_sites.entry_id                    8XZM 
_atom_sites.Cartn_transf_matrix[1][1]   ? 
_atom_sites.Cartn_transf_matrix[1][2]   ? 
_atom_sites.Cartn_transf_matrix[1][3]   ? 
_atom_sites.Cartn_transf_matrix[2][1]   ? 
_atom_sites.Cartn_transf_matrix[2][2]   ? 
_atom_sites.Cartn_transf_matrix[2][3]   ? 
_atom_sites.Cartn_transf_matrix[3][1]   ? 
_atom_sites.Cartn_transf_matrix[3][2]   ? 
_atom_sites.Cartn_transf_matrix[3][3]   ? 
_atom_sites.Cartn_transf_vector[1]      ? 
_atom_sites.Cartn_transf_vector[2]      ? 
_atom_sites.Cartn_transf_vector[3]      ? 
_atom_sites.Cartn_transform_axes        ? 
_atom_sites.fract_transf_matrix[1][1]   0.00707282 
_atom_sites.fract_transf_matrix[1][2]   0.01674267 
_atom_sites.fract_transf_matrix[1][3]   0.00945603 
_atom_sites.fract_transf_matrix[2][1]   0.00389136 
_atom_sites.fract_transf_matrix[2][2]   -0.00961642 
_atom_sites.fract_transf_matrix[2][3]   0.01411603 
_atom_sites.fract_transf_matrix[3][1]   0.01437723 
_atom_sites.fract_transf_matrix[3][2]   -0.00276952 
_atom_sites.fract_transf_matrix[3][3]   -0.00585007 
_atom_sites.fract_transf_vector[1]      0.537159 
_atom_sites.fract_transf_vector[2]      0.386541 
_atom_sites.fract_transf_vector[3]      0.438196 
_atom_sites.solution_primary            ? 
_atom_sites.solution_secondary          ? 
_atom_sites.solution_hydrogens          ? 
_atom_sites.special_details             ? 
# 
loop_
_atom_type.symbol 
C  
MG 
N  
O  
P  
# 
loop_
_atom_site.group_PDB 
_atom_site.id 
_atom_site.type_symbol 
_atom_site.label_atom_id 
_atom_site.label_alt_id 
_atom_site.label_comp_id 
_atom_site.label_asym_id 
_atom_site.label_entity_id 
_atom_site.label_seq_id 
_atom_site.pdbx_PDB_ins_code 
_atom_site.Cartn_x 
_atom_site.Cartn_y 
_atom_site.Cartn_z 
_atom_site.occupancy 
_atom_site.B_iso_or_equiv 
_atom_site.pdbx_formal_charge 
_atom_site.auth_seq_id 
_atom_site.auth_comp_id 
_atom_site.auth_asym_id 
_atom_site.auth_atom_id 
_atom_site.pdbx_PDB_model_num 
HETATM 1    P  PG    . GTP A 1 1  ? 22.632  -20.764 -5.921  1.00 122.22 ? 1   GTP A PG    1 
HETATM 2    O  O1G   . GTP A 1 1  ? 23.539  -20.135 -6.959  1.00 115.64 ? 1   GTP A O1G   1 
HETATM 3    O  O2G   . GTP A 1 1  ? 22.037  -22.040 -6.471  1.00 111.75 ? 1   GTP A O2G   1 
HETATM 4    O  O3G   . GTP A 1 1  ? 21.499  -19.812 -5.599  1.00 111.77 ? 1   GTP A O3G   1 
HETATM 5    O  O3B   . GTP A 1 1  ? 23.491  -21.109 -4.583  1.00 118.08 ? 1   GTP A O3B   1 
HETATM 6    P  PB    . GTP A 1 1  ? 24.582  -20.113 -3.908  1.00 113.09 ? 1   GTP A PB    1 
HETATM 7    O  O1B   . GTP A 1 1  ? 24.766  -20.440 -2.440  1.00 102.99 ? 1   GTP A O1B   1 
HETATM 8    O  O2B   . GTP A 1 1  ? 25.908  -20.177 -4.631  1.00 108.72 ? 1   GTP A O2B   1 
HETATM 9    O  O3A   . GTP A 1 1  ? 23.938  -18.641 -4.071  1.00 108.87 ? 1   GTP A O3A   1 
HETATM 10   P  PA    . GTP A 1 1  ? 22.726  -18.102 -3.155  1.00 103.66 ? 1   GTP A PA    1 
HETATM 11   O  O1A   . GTP A 1 1  ? 22.058  -16.944 -3.864  1.00 100.23 ? 1   GTP A O1A   1 
HETATM 12   O  O2A   . GTP A 1 1  ? 21.729  -19.184 -2.802  1.00 105.25 ? 1   GTP A O2A   1 
HETATM 13   O  "O5'" . GTP A 1 1  ? 23.502  -17.549 -1.862  1.00 97.11  ? 1   GTP A "O5'" 1 
HETATM 14   C  "C5'" . GTP A 1 1  ? 24.176  -16.330 -2.019  1.00 90.18  ? 1   GTP A "C5'" 1 
HETATM 15   C  "C4'" . GTP A 1 1  ? 25.408  -16.192 -1.141  1.00 85.87  ? 1   GTP A "C4'" 1 
HETATM 16   O  "O4'" . GTP A 1 1  ? 26.502  -16.817 -1.775  1.00 86.56  ? 1   GTP A "O4'" 1 
HETATM 17   C  "C3'" . GTP A 1 1  ? 25.728  -14.711 -1.045  1.00 82.47  ? 1   GTP A "C3'" 1 
HETATM 18   O  "O3'" . GTP A 1 1  ? 25.346  -14.167 0.201   1.00 82.70  ? 1   GTP A "O3'" 1 
HETATM 19   C  "C2'" . GTP A 1 1  ? 27.215  -14.604 -1.339  1.00 82.29  ? 1   GTP A "C2'" 1 
HETATM 20   O  "O2'" . GTP A 1 1  ? 27.969  -14.491 -0.154  1.00 77.38  ? 1   GTP A "O2'" 1 
HETATM 21   C  "C1'" . GTP A 1 1  ? 27.531  -15.890 -2.093  1.00 83.83  ? 1   GTP A "C1'" 1 
HETATM 22   N  N9    . GTP A 1 1  ? 27.423  -15.639 -3.549  1.00 81.30  ? 1   GTP A N9    1 
HETATM 23   C  C8    . GTP A 1 1  ? 26.737  -16.444 -4.423  1.00 82.58  ? 1   GTP A C8    1 
HETATM 24   N  N7    . GTP A 1 1  ? 26.827  -15.934 -5.669  1.00 75.33  ? 1   GTP A N7    1 
HETATM 25   C  C5    . GTP A 1 1  ? 27.571  -14.808 -5.615  1.00 74.58  ? 1   GTP A C5    1 
HETATM 26   C  C6    . GTP A 1 1  ? 27.965  -13.916 -6.607  1.00 69.17  ? 1   GTP A C6    1 
HETATM 27   O  O6    . GTP A 1 1  ? 27.623  -14.091 -7.778  1.00 66.09  ? 1   GTP A O6    1 
HETATM 28   N  N1    . GTP A 1 1  ? 28.737  -12.827 -6.266  1.00 68.44  ? 1   GTP A N1    1 
HETATM 29   C  C2    . GTP A 1 1  ? 29.112  -12.633 -4.952  1.00 71.75  ? 1   GTP A C2    1 
HETATM 30   N  N2    . GTP A 1 1  ? 29.855  -11.580 -4.633  1.00 72.89  ? 1   GTP A N2    1 
HETATM 31   N  N3    . GTP A 1 1  ? 28.720  -13.523 -3.971  1.00 75.13  ? 1   GTP A N3    1 
HETATM 32   C  C4    . GTP A 1 1  ? 27.956  -14.603 -4.291  1.00 77.54  ? 1   GTP A C4    1 
ATOM   33   P  P     . G   A 1 2  ? 23.989  -13.440 -0.025  1.00 85.46  ? 2   G   A P     1 
ATOM   34   O  OP1   . G   A 1 2  ? 23.781  -13.295 1.440   1.00 85.21  ? 2   G   A OP1   1 
ATOM   35   O  OP2   . G   A 1 2  ? 22.846  -13.852 -0.876  1.00 83.24  ? 2   G   A OP2   1 
ATOM   36   O  "O5'" . G   A 1 2  ? 24.496  -12.041 -0.597  1.00 80.35  ? 2   G   A "O5'" 1 
ATOM   37   C  "C5'" . G   A 1 2  ? 25.511  -11.302 0.065   1.00 75.09  ? 2   G   A "C5'" 1 
ATOM   38   C  "C4'" . G   A 1 2  ? 26.138  -10.279 -0.849  1.00 74.19  ? 2   G   A "C4'" 1 
ATOM   39   O  "O4'" . G   A 1 2  ? 26.925  -10.936 -1.879  1.00 76.51  ? 2   G   A "O4'" 1 
ATOM   40   C  "C3'" . G   A 1 2  ? 25.178  -9.403  -1.636  1.00 72.07  ? 2   G   A "C3'" 1 
ATOM   41   O  "O3'" . G   A 1 2  ? 24.617  -8.354  -0.872  1.00 71.69  ? 2   G   A "O3'" 1 
ATOM   42   C  "C2'" . G   A 1 2  ? 26.045  -8.928  -2.793  1.00 69.90  ? 2   G   A "C2'" 1 
ATOM   43   O  "O2'" . G   A 1 2  ? 26.924  -7.889  -2.383  1.00 68.98  ? 2   G   A "O2'" 1 
ATOM   44   C  "C1'" . G   A 1 2  ? 26.863  -10.189 -3.080  1.00 70.80  ? 2   G   A "C1'" 1 
ATOM   45   N  N9    . G   A 1 2  ? 26.204  -11.010 -4.108  1.00 67.45  ? 2   G   A N9    1 
ATOM   46   C  C8    . G   A 1 2  ? 25.501  -12.174 -3.926  1.00 71.06  ? 2   G   A C8    1 
ATOM   47   N  N7    . G   A 1 2  ? 25.007  -12.652 -5.035  1.00 70.05  ? 2   G   A N7    1 
ATOM   48   C  C5    . G   A 1 2  ? 25.399  -11.740 -6.005  1.00 65.68  ? 2   G   A C5    1 
ATOM   49   C  C6    . G   A 1 2  ? 25.160  -11.726 -7.405  1.00 59.56  ? 2   G   A C6    1 
ATOM   50   O  O6    . G   A 1 2  ? 24.532  -12.540 -8.091  1.00 58.34  ? 2   G   A O6    1 
ATOM   51   N  N1    . G   A 1 2  ? 25.735  -10.612 -8.009  1.00 57.61  ? 2   G   A N1    1 
ATOM   52   C  C2    . G   A 1 2  ? 26.456  -9.634  -7.357  1.00 60.67  ? 2   G   A C2    1 
ATOM   53   N  N2    . G   A 1 2  ? 26.927  -8.641  -8.129  1.00 53.66  ? 2   G   A N2    1 
ATOM   54   N  N3    . G   A 1 2  ? 26.693  -9.636  -6.052  1.00 60.44  ? 2   G   A N3    1 
ATOM   55   C  C4    . G   A 1 2  ? 26.137  -10.714 -5.446  1.00 66.32  ? 2   G   A C4    1 
ATOM   56   P  P     . G   A 1 3  ? 23.131  -7.846  -1.193  1.00 74.03  ? 3   G   A P     1 
ATOM   57   O  OP1   . G   A 1 3  ? 22.702  -6.960  -0.083  1.00 72.13  ? 3   G   A OP1   1 
ATOM   58   O  OP2   . G   A 1 3  ? 22.305  -9.034  -1.525  1.00 75.80  ? 3   G   A OP2   1 
ATOM   59   O  "O5'" . G   A 1 3  ? 23.313  -6.950  -2.498  1.00 66.18  ? 3   G   A "O5'" 1 
ATOM   60   C  "C5'" . G   A 1 3  ? 24.198  -5.839  -2.493  1.00 68.86  ? 3   G   A "C5'" 1 
ATOM   61   C  "C4'" . G   A 1 3  ? 24.429  -5.289  -3.881  1.00 63.92  ? 3   G   A "C4'" 1 
ATOM   62   O  "O4'" . G   A 1 3  ? 25.071  -6.290  -4.717  1.00 65.35  ? 3   G   A "O4'" 1 
ATOM   63   C  "C3'" . G   A 1 3  ? 23.189  -4.903  -4.668  1.00 58.24  ? 3   G   A "C3'" 1 
ATOM   64   O  "O3'" . G   A 1 3  ? 22.655  -3.647  -4.300  1.00 60.98  ? 3   G   A "O3'" 1 
ATOM   65   C  "C2'" . G   A 1 3  ? 23.689  -4.948  -6.103  1.00 60.13  ? 3   G   A "C2'" 1 
ATOM   66   O  "O2'" . G   A 1 3  ? 24.476  -3.800  -6.384  1.00 60.33  ? 3   G   A "O2'" 1 
ATOM   67   C  "C1'" . G   A 1 3  ? 24.614  -6.162  -6.051  1.00 59.01  ? 3   G   A "C1'" 1 
ATOM   68   N  N9    . G   A 1 3  ? 23.913  -7.404  -6.441  1.00 57.85  ? 3   G   A N9    1 
ATOM   69   C  C8    . G   A 1 3  ? 23.532  -8.452  -5.633  1.00 60.67  ? 3   G   A C8    1 
ATOM   70   N  N7    . G   A 1 3  ? 22.924  -9.416  -6.278  1.00 59.02  ? 3   G   A N7    1 
ATOM   71   C  C5    . G   A 1 3  ? 22.904  -8.980  -7.597  1.00 55.47  ? 3   G   A C5    1 
ATOM   72   C  C6    . G   A 1 3  ? 22.377  -9.598  -8.765  1.00 51.59  ? 3   G   A C6    1 
ATOM   73   O  O6    . G   A 1 3  ? 21.806  -10.693 -8.881  1.00 50.15  ? 3   G   A O6    1 
ATOM   74   N  N1    . G   A 1 3  ? 22.571  -8.800  -9.888  1.00 46.32  ? 3   G   A N1    1 
ATOM   75   C  C2    . G   A 1 3  ? 23.185  -7.574  -9.891  1.00 51.63  ? 3   G   A C2    1 
ATOM   76   N  N2    . G   A 1 3  ? 23.266  -6.963  -11.076 1.00 46.11  ? 3   G   A N2    1 
ATOM   77   N  N3    . G   A 1 3  ? 23.682  -6.987  -8.816  1.00 53.47  ? 3   G   A N3    1 
ATOM   78   C  C4    . G   A 1 3  ? 23.507  -7.742  -7.710  1.00 54.05  ? 3   G   A C4    1 
ATOM   79   P  P     . U   A 1 4  ? 21.065  -3.445  -4.279  1.00 64.33  ? 4   U   A P     1 
ATOM   80   O  OP1   . U   A 1 4  ? 20.728  -2.057  -3.854  1.00 57.24  ? 4   U   A OP1   1 
ATOM   81   O  OP2   . U   A 1 4  ? 20.509  -4.610  -3.539  1.00 58.05  ? 4   U   A OP2   1 
ATOM   82   O  "O5'" . U   A 1 4  ? 20.657  -3.577  -5.814  1.00 54.76  ? 4   U   A "O5'" 1 
ATOM   83   C  "C5'" . U   A 1 4  ? 21.001  -2.565  -6.744  1.00 52.51  ? 4   U   A "C5'" 1 
ATOM   84   C  "C4'" . U   A 1 4  ? 20.683  -2.983  -8.156  1.00 49.03  ? 4   U   A "C4'" 1 
ATOM   85   O  "O4'" . U   A 1 4  ? 21.314  -4.259  -8.443  1.00 51.50  ? 4   U   A "O4'" 1 
ATOM   86   C  "C3'" . U   A 1 4  ? 19.221  -3.240  -8.468  1.00 48.52  ? 4   U   A "C3'" 1 
ATOM   87   O  "O3'" . U   A 1 4  ? 18.456  -2.066  -8.656  1.00 46.88  ? 4   U   A "O3'" 1 
ATOM   88   C  "C2'" . U   A 1 4  ? 19.312  -4.123  -9.703  1.00 47.84  ? 4   U   A "C2'" 1 
ATOM   89   O  "O2'" . U   A 1 4  ? 19.676  -3.347  -10.836 1.00 44.29  ? 4   U   A "O2'" 1 
ATOM   90   C  "C1'" . U   A 1 4  ? 20.506  -5.000  -9.337  1.00 46.89  ? 4   U   A "C1'" 1 
ATOM   91   N  N1    . U   A 1 4  ? 20.104  -6.264  -8.677  1.00 46.81  ? 4   U   A N1    1 
ATOM   92   C  C2    . U   A 1 4  ? 19.584  -7.265  -9.471  1.00 45.04  ? 4   U   A C2    1 
ATOM   93   O  O2    . U   A 1 4  ? 19.440  -7.140  -10.672 1.00 42.43  ? 4   U   A O2    1 
ATOM   94   N  N3    . U   A 1 4  ? 19.233  -8.415  -8.808  1.00 45.22  ? 4   U   A N3    1 
ATOM   95   C  C4    . U   A 1 4  ? 19.359  -8.660  -7.454  1.00 52.48  ? 4   U   A C4    1 
ATOM   96   O  O4    . U   A 1 4  ? 19.009  -9.750  -6.996  1.00 51.65  ? 4   U   A O4    1 
ATOM   97   C  C5    . U   A 1 4  ? 19.907  -7.575  -6.698  1.00 51.34  ? 4   U   A C5    1 
ATOM   98   C  C6    . U   A 1 4  ? 20.251  -6.445  -7.322  1.00 50.36  ? 4   U   A C6    1 
ATOM   99   P  P     . G   A 1 5  ? 16.901  -2.082  -8.246  1.00 53.61  ? 5   G   A P     1 
ATOM   100  O  OP1   . G   A 1 5  ? 16.408  -0.694  -8.047  1.00 52.08  ? 5   G   A OP1   1 
ATOM   101  O  OP2   . G   A 1 5  ? 16.777  -3.069  -7.153  1.00 46.01  ? 5   G   A OP2   1 
ATOM   102  O  "O5'" . G   A 1 5  ? 16.181  -2.678  -9.532  1.00 49.47  ? 5   G   A "O5'" 1 
ATOM   103  C  "C5'" . G   A 1 5  ? 16.259  -2.000  -10.773 1.00 47.68  ? 5   G   A "C5'" 1 
ATOM   104  C  "C4'" . G   A 1 5  ? 15.700  -2.833  -11.895 1.00 45.53  ? 5   G   A "C4'" 1 
ATOM   105  O  "O4'" . G   A 1 5  ? 16.511  -4.023  -12.076 1.00 48.29  ? 5   G   A "O4'" 1 
ATOM   106  C  "C3'" . G   A 1 5  ? 14.297  -3.387  -11.703 1.00 43.10  ? 5   G   A "C3'" 1 
ATOM   107  O  "O3'" . G   A 1 5  ? 13.264  -2.437  -11.912 1.00 43.36  ? 5   G   A "O3'" 1 
ATOM   108  C  "C2'" . G   A 1 5  ? 14.284  -4.537  -12.695 1.00 42.87  ? 5   G   A "C2'" 1 
ATOM   109  O  "O2'" . G   A 1 5  ? 14.207  -4.029  -14.019 1.00 45.09  ? 5   G   A "O2'" 1 
ATOM   110  C  "C1'" . G   A 1 5  ? 15.691  -5.097  -12.499 1.00 45.83  ? 5   G   A "C1'" 1 
ATOM   111  N  N9    . G   A 1 5  ? 15.727  -6.157  -11.468 1.00 40.91  ? 5   G   A N9    1 
ATOM   112  C  C8    . G   A 1 5  ? 16.116  -6.012  -10.155 1.00 42.25  ? 5   G   A C8    1 
ATOM   113  N  N7    . G   A 1 5  ? 16.052  -7.125  -9.472  1.00 41.74  ? 5   G   A N7    1 
ATOM   114  C  C5    . G   A 1 5  ? 15.593  -8.064  -10.393 1.00 40.57  ? 5   G   A C5    1 
ATOM   115  C  C6    . G   A 1 5  ? 15.331  -9.446  -10.231 1.00 39.41  ? 5   G   A C6    1 
ATOM   116  O  O6    . G   A 1 5  ? 15.456  -10.130 -9.214  1.00 39.43  ? 5   G   A O6    1 
ATOM   117  N  N1    . G   A 1 5  ? 14.888  -10.035 -11.406 1.00 38.10  ? 5   G   A N1    1 
ATOM   118  C  C2    . G   A 1 5  ? 14.712  -9.373  -12.592 1.00 38.86  ? 5   G   A C2    1 
ATOM   119  N  N2    . G   A 1 5  ? 14.269  -10.114 -13.625 1.00 37.00  ? 5   G   A N2    1 
ATOM   120  N  N3    . G   A 1 5  ? 14.965  -8.084  -12.758 1.00 39.51  ? 5   G   A N3    1 
ATOM   121  C  C4    . G   A 1 5  ? 15.397  -7.491  -11.626 1.00 39.08  ? 5   G   A C4    1 
ATOM   122  P  P     . U   A 1 6  ? 11.905  -2.523  -11.055 1.00 43.42  ? 6   U   A P     1 
ATOM   123  O  OP1   . U   A 1 6  ? 10.985  -1.441  -11.482 1.00 46.52  ? 6   U   A OP1   1 
ATOM   124  O  OP2   . U   A 1 6  ? 12.241  -2.711  -9.622  1.00 44.32  ? 6   U   A OP2   1 
ATOM   125  O  "O5'" . U   A 1 6  ? 11.238  -3.888  -11.538 1.00 43.83  ? 6   U   A "O5'" 1 
ATOM   126  C  "C5'" . U   A 1 6  ? 10.765  -4.038  -12.869 1.00 43.96  ? 6   U   A "C5'" 1 
ATOM   127  C  "C4'" . U   A 1 6  ? 10.406  -5.471  -13.180 1.00 42.83  ? 6   U   A "C4'" 1 
ATOM   128  O  "O4'" . U   A 1 6  ? 11.556  -6.337  -12.972 1.00 39.27  ? 6   U   A "O4'" 1 
ATOM   129  C  "C3'" . U   A 1 6  ? 9.322   -6.102  -12.325 1.00 37.87  ? 6   U   A "C3'" 1 
ATOM   130  O  "O3'" . U   A 1 6  ? 8.014   -5.737  -12.726 1.00 43.02  ? 6   U   A "O3'" 1 
ATOM   131  C  "C2'" . U   A 1 6  ? 9.603   -7.587  -12.499 1.00 42.72  ? 6   U   A "C2'" 1 
ATOM   132  O  "O2'" . U   A 1 6  ? 9.178   -8.020  -13.778 1.00 38.19  ? 6   U   A "O2'" 1 
ATOM   133  C  "C1'" . U   A 1 6  ? 11.127  -7.597  -12.498 1.00 38.81  ? 6   U   A "C1'" 1 
ATOM   134  N  N1    . U   A 1 6  ? 11.680  -7.821  -11.142 1.00 37.87  ? 6   U   A N1    1 
ATOM   135  C  C2    . U   A 1 6  ? 11.653  -9.111  -10.673 1.00 38.33  ? 6   U   A C2    1 
ATOM   136  O  O2    . U   A 1 6  ? 11.184  -10.030 -11.325 1.00 38.50  ? 6   U   A O2    1 
ATOM   137  N  N3    . U   A 1 6  ? 12.174  -9.285  -9.420  1.00 37.15  ? 6   U   A N3    1 
ATOM   138  C  C4    . U   A 1 6  ? 12.701  -8.298  -8.608  1.00 38.93  ? 6   U   A C4    1 
ATOM   139  O  O4    . U   A 1 6  ? 13.139  -8.590  -7.504  1.00 41.92  ? 6   U   A O4    1 
ATOM   140  C  C5    . U   A 1 6  ? 12.686  -6.985  -9.157  1.00 37.39  ? 6   U   A C5    1 
ATOM   141  C  C6    . U   A 1 6  ? 12.186  -6.796  -10.380 1.00 38.63  ? 6   U   A C6    1 
ATOM   142  P  P     . G   A 1 7  ? 6.919   -5.302  -11.633 1.00 43.47  ? 7   G   A P     1 
ATOM   143  O  OP1   . G   A 1 7  ? 5.752   -4.772  -12.392 1.00 38.25  ? 7   G   A OP1   1 
ATOM   144  O  OP2   . G   A 1 7  ? 7.584   -4.472  -10.613 1.00 41.32  ? 7   G   A OP2   1 
ATOM   145  O  "O5'" . G   A 1 7  ? 6.526   -6.671  -10.917 1.00 41.25  ? 7   G   A "O5'" 1 
ATOM   146  C  "C5'" . G   A 1 7  ? 6.162   -7.815  -11.680 1.00 38.88  ? 7   G   A "C5'" 1 
ATOM   147  C  "C4'" . G   A 1 7  ? 6.265   -9.082  -10.873 1.00 36.95  ? 7   G   A "C4'" 1 
ATOM   148  O  "O4'" . G   A 1 7  ? 7.646   -9.367  -10.538 1.00 39.10  ? 7   G   A "O4'" 1 
ATOM   149  C  "C3'" . G   A 1 7  ? 5.530   -9.073  -9.545  1.00 38.65  ? 7   G   A "C3'" 1 
ATOM   150  O  "O3'" . G   A 1 7  ? 4.170   -9.414  -9.759  1.00 42.41  ? 7   G   A "O3'" 1 
ATOM   151  C  "C2'" . G   A 1 7  ? 6.305   -10.085 -8.702  1.00 39.46  ? 7   G   A "C2'" 1 
ATOM   152  O  "O2'" . G   A 1 7  ? 5.836   -11.408 -8.914  1.00 40.13  ? 7   G   A "O2'" 1 
ATOM   153  C  "C1'" . G   A 1 7  ? 7.731   -9.949  -9.260  1.00 37.54  ? 7   G   A "C1'" 1 
ATOM   154  N  N9    . G   A 1 7  ? 8.572   -9.072  -8.421  1.00 38.67  ? 7   G   A N9    1 
ATOM   155  C  C8    . G   A 1 7  ? 8.744   -7.722  -8.589  1.00 38.05  ? 7   G   A C8    1 
ATOM   156  N  N7    . G   A 1 7  ? 9.536   -7.194  -7.692  1.00 37.61  ? 7   G   A N7    1 
ATOM   157  C  C5    . G   A 1 7  ? 9.918   -8.262  -6.891  1.00 38.40  ? 7   G   A C5    1 
ATOM   158  C  C6    . G   A 1 7  ? 10.778  -8.301  -5.761  1.00 41.47  ? 7   G   A C6    1 
ATOM   159  O  O6    . G   A 1 7  ? 11.380  -7.368  -5.226  1.00 39.50  ? 7   G   A O6    1 
ATOM   160  N  N1    . G   A 1 7  ? 10.903  -9.585  -5.254  1.00 40.83  ? 7   G   A N1    1 
ATOM   161  C  C2    . G   A 1 7  ? 10.278  -10.691 -5.767  1.00 40.23  ? 7   G   A C2    1 
ATOM   162  N  N2    . G   A 1 7  ? 10.516  -11.856 -5.145  1.00 41.28  ? 7   G   A N2    1 
ATOM   163  N  N3    . G   A 1 7  ? 9.468   -10.658 -6.814  1.00 39.94  ? 7   G   A N3    1 
ATOM   164  C  C4    . G   A 1 7  ? 9.337   -9.426  -7.329  1.00 36.35  ? 7   G   A C4    1 
ATOM   165  P  P     . U   A 1 8  ? 3.144   -9.717  -8.566  1.00 42.64  ? 8   U   A P     1 
ATOM   166  O  OP1   . U   A 1 8  ? 1.868   -9.136  -9.051  1.00 39.65  ? 8   U   A OP1   1 
ATOM   167  O  OP2   . U   A 1 8  ? 3.692   -9.370  -7.230  1.00 40.75  ? 8   U   A OP2   1 
ATOM   168  O  "O5'" . U   A 1 8  ? 2.925   -11.288 -8.657  1.00 42.62  ? 8   U   A "O5'" 1 
ATOM   169  C  "C5'" . U   A 1 8  ? 2.742   -11.890 -9.927  1.00 44.10  ? 8   U   A "C5'" 1 
ATOM   170  C  "C4'" . U   A 1 8  ? 2.638   -13.386 -9.837  1.00 45.54  ? 8   U   A "C4'" 1 
ATOM   171  O  "O4'" . U   A 1 8  ? 3.919   -13.977 -9.507  1.00 46.45  ? 8   U   A "O4'" 1 
ATOM   172  C  "C3'" . U   A 1 8  ? 1.709   -13.935 -8.776  1.00 44.24  ? 8   U   A "C3'" 1 
ATOM   173  O  "O3'" . U   A 1 8  ? 0.358   -13.848 -9.165  1.00 49.44  ? 8   U   A "O3'" 1 
ATOM   174  C  "C2'" . U   A 1 8  ? 2.195   -15.369 -8.633  1.00 48.86  ? 8   U   A "C2'" 1 
ATOM   175  O  "O2'" . U   A 1 8  ? 1.680   -16.163 -9.690  1.00 51.26  ? 8   U   A "O2'" 1 
ATOM   176  C  "C1'" . U   A 1 8  ? 3.706   -15.205 -8.844  1.00 44.24  ? 8   U   A "C1'" 1 
ATOM   177  N  N1    . U   A 1 8  ? 4.460   -15.202 -7.578  1.00 42.17  ? 8   U   A N1    1 
ATOM   178  C  C2    . U   A 1 8  ? 4.585   -16.405 -6.925  1.00 46.77  ? 8   U   A C2    1 
ATOM   179  O  O2    . U   A 1 8  ? 4.083   -17.429 -7.342  1.00 48.60  ? 8   U   A O2    1 
ATOM   180  N  N3    . U   A 1 8  ? 5.300   -16.366 -5.756  1.00 47.89  ? 8   U   A N3    1 
ATOM   181  C  C4    . U   A 1 8  ? 5.898   -15.263 -5.199  1.00 44.92  ? 8   U   A C4    1 
ATOM   182  O  O4    . U   A 1 8  ? 6.512   -15.386 -4.141  1.00 47.48  ? 8   U   A O4    1 
ATOM   183  C  C5    . U   A 1 8  ? 5.730   -14.055 -5.945  1.00 44.44  ? 8   U   A C5    1 
ATOM   184  C  C6    . U   A 1 8  ? 5.035   -14.065 -7.090  1.00 43.58  ? 8   U   A C6    1 
ATOM   185  P  P     . A   A 1 9  ? -0.765  -13.387 -8.120  1.00 50.96  ? 9   A   A P     1 
ATOM   186  O  OP1   . A   A 1 9  ? -2.032  -13.410 -8.898  1.00 52.01  ? 9   A   A OP1   1 
ATOM   187  O  OP2   . A   A 1 9  ? -0.305  -12.161 -7.416  1.00 47.62  ? 9   A   A OP2   1 
ATOM   188  O  "O5'" . A   A 1 9  ? -0.840  -14.563 -7.055  1.00 51.61  ? 9   A   A "O5'" 1 
ATOM   189  C  "C5'" . A   A 1 9  ? -1.300  -15.851 -7.439  1.00 54.56  ? 9   A   A "C5'" 1 
ATOM   190  C  "C4'" . A   A 1 9  ? -0.917  -16.897 -6.426  1.00 53.96  ? 9   A   A "C4'" 1 
ATOM   191  O  "O4'" . A   A 1 9  ? 0.526   -16.955 -6.308  1.00 52.16  ? 9   A   A "O4'" 1 
ATOM   192  C  "C3'" . A   A 1 9  ? -1.383  -16.644 -5.006  1.00 52.23  ? 9   A   A "C3'" 1 
ATOM   193  O  "O3'" . A   A 1 9  ? -2.737  -17.001 -4.795  1.00 60.98  ? 9   A   A "O3'" 1 
ATOM   194  C  "C2'" . A   A 1 9  ? -0.406  -17.470 -4.187  1.00 51.50  ? 9   A   A "C2'" 1 
ATOM   195  O  "O2'" . A   A 1 9  ? -0.752  -18.844 -4.233  1.00 57.24  ? 9   A   A "O2'" 1 
ATOM   196  C  "C1'" . A   A 1 9  ? 0.882   -17.284 -4.983  1.00 52.66  ? 9   A   A "C1'" 1 
ATOM   197  N  N9    . A   A 1 9  ? 1.727   -16.212 -4.431  1.00 47.13  ? 9   A   A N9    1 
ATOM   198  C  C8    . A   A 1 9  ? 1.954   -14.957 -4.935  1.00 49.46  ? 9   A   A C8    1 
ATOM   199  N  N7    . A   A 1 9  ? 2.786   -14.250 -4.207  1.00 47.90  ? 9   A   A N7    1 
ATOM   200  C  C5    . A   A 1 9  ? 3.117   -15.092 -3.150  1.00 47.46  ? 9   A   A C5    1 
ATOM   201  C  C6    . A   A 1 9  ? 3.956   -14.943 -2.027  1.00 47.89  ? 9   A   A C6    1 
ATOM   202  N  N6    . A   A 1 9  ? 4.647   -13.834 -1.756  1.00 45.22  ? 9   A   A N6    1 
ATOM   203  N  N1    . A   A 1 9  ? 4.061   -15.985 -1.170  1.00 48.36  ? 9   A   A N1    1 
ATOM   204  C  C2    . A   A 1 9  ? 3.369   -17.102 -1.432  1.00 48.92  ? 9   A   A C2    1 
ATOM   205  N  N3    . A   A 1 9  ? 2.553   -17.362 -2.454  1.00 49.06  ? 9   A   A N3    1 
ATOM   206  C  C4    . A   A 1 9  ? 2.469   -16.307 -3.284  1.00 47.54  ? 9   A   A C4    1 
ATOM   207  P  P     . C   A 1 10 ? -3.743  -15.951 -4.123  1.00 59.15  ? 10  C   A P     1 
ATOM   208  O  OP1   . C   A 1 10 ? -5.076  -16.601 -3.981  1.00 64.26  ? 10  C   A OP1   1 
ATOM   209  O  OP2   . C   A 1 10 ? -3.631  -14.683 -4.887  1.00 60.05  ? 10  C   A OP2   1 
ATOM   210  O  "O5'" . C   A 1 10 ? -3.140  -15.710 -2.670  1.00 56.79  ? 10  C   A "O5'" 1 
ATOM   211  C  "C5'" . C   A 1 10 ? -2.880  -16.804 -1.806  1.00 59.01  ? 10  C   A "C5'" 1 
ATOM   212  C  "C4'" . C   A 1 10 ? -1.869  -16.454 -0.744  1.00 54.64  ? 10  C   A "C4'" 1 
ATOM   213  O  "O4'" . C   A 1 10 ? -0.596  -16.096 -1.341  1.00 56.21  ? 10  C   A "O4'" 1 
ATOM   214  C  "C3'" . C   A 1 10 ? -2.201  -15.260 0.125   1.00 56.49  ? 10  C   A "C3'" 1 
ATOM   215  O  "O3'" . C   A 1 10 ? -3.170  -15.560 1.107   1.00 59.84  ? 10  C   A "O3'" 1 
ATOM   216  C  "C2'" . C   A 1 10 ? -0.834  -14.884 0.689   1.00 53.58  ? 10  C   A "C2'" 1 
ATOM   217  O  "O2'" . C   A 1 10 ? -0.456  -15.775 1.732   1.00 52.78  ? 10  C   A "O2'" 1 
ATOM   218  C  "C1'" . C   A 1 10 ? 0.065   -15.153 -0.517  1.00 51.67  ? 10  C   A "C1'" 1 
ATOM   219  N  N1    . C   A 1 10 ? 0.326   -13.925 -1.299  1.00 49.73  ? 10  C   A N1    1 
ATOM   220  C  C2    . C   A 1 10 ? 1.361   -13.094 -0.857  1.00 48.22  ? 10  C   A C2    1 
ATOM   221  O  O2    . C   A 1 10 ? 1.988   -13.429 0.161   1.00 48.94  ? 10  C   A O2    1 
ATOM   222  N  N3    . C   A 1 10 ? 1.642   -11.960 -1.545  1.00 43.88  ? 10  C   A N3    1 
ATOM   223  C  C4    . C   A 1 10 ? 0.937   -11.639 -2.634  1.00 42.59  ? 10  C   A C4    1 
ATOM   224  N  N4    . C   A 1 10 ? 1.238   -10.505 -3.271  1.00 39.34  ? 10  C   A N4    1 
ATOM   225  C  C5    . C   A 1 10 ? -0.127  -12.472 -3.104  1.00 48.61  ? 10  C   A C5    1 
ATOM   226  C  C6    . C   A 1 10 ? -0.397  -13.594 -2.413  1.00 49.29  ? 10  C   A C6    1 
ATOM   227  P  P     . C   A 1 11 ? -3.939  -14.384 1.877   1.00 65.90  ? 11  C   A P     1 
ATOM   228  O  OP1   . C   A 1 11 ? -5.058  -15.042 2.603   1.00 60.95  ? 11  C   A OP1   1 
ATOM   229  O  OP2   . C   A 1 11 ? -4.171  -13.213 0.986   1.00 58.10  ? 11  C   A OP2   1 
ATOM   230  O  "O5'" . C   A 1 11 ? -2.873  -13.897 2.944   1.00 58.13  ? 11  C   A "O5'" 1 
ATOM   231  C  "C5'" . C   A 1 11 ? -2.740  -12.523 3.236   1.00 52.69  ? 11  C   A "C5'" 1 
ATOM   232  C  "C4'" . C   A 1 11 ? -1.412  -12.239 3.876   1.00 49.89  ? 11  C   A "C4'" 1 
ATOM   233  O  "O4'" . C   A 1 11 ? -0.356  -12.377 2.890   1.00 52.46  ? 11  C   A "O4'" 1 
ATOM   234  C  "C3'" . C   A 1 11 ? -1.266  -10.826 4.403   1.00 49.97  ? 11  C   A "C3'" 1 
ATOM   235  O  "O3'" . C   A 1 11 ? -1.783  -10.712 5.711   1.00 51.15  ? 11  C   A "O3'" 1 
ATOM   236  C  "C2'" . C   A 1 11 ? 0.231   -10.581 4.313   1.00 44.92  ? 11  C   A "C2'" 1 
ATOM   237  O  "O2'" . C   A 1 11 ? 0.904   -11.199 5.394   1.00 47.09  ? 11  C   A "O2'" 1 
ATOM   238  C  "C1'" . C   A 1 11 ? 0.581   -11.334 3.033   1.00 47.80  ? 11  C   A "C1'" 1 
ATOM   239  N  N1    . C   A 1 11 ? 0.482   -10.475 1.826   1.00 45.47  ? 11  C   A N1    1 
ATOM   240  C  C2    . C   A 1 11 ? 1.412   -9.452  1.601   1.00 42.29  ? 11  C   A C2    1 
ATOM   241  O  O2    . C   A 1 11 ? 2.309   -9.257  2.430   1.00 43.02  ? 11  C   A O2    1 
ATOM   242  N  N3    . C   A 1 11 ? 1.301   -8.687  0.490   1.00 39.59  ? 11  C   A N3    1 
ATOM   243  C  C4    . C   A 1 11 ? 0.320   -8.910  -0.384  1.00 41.94  ? 11  C   A C4    1 
ATOM   244  N  N4    . C   A 1 11 ? 0.256   -8.129  -1.464  1.00 42.12  ? 11  C   A N4    1 
ATOM   245  C  C5    . C   A 1 11 ? -0.637  -9.945  -0.195  1.00 43.27  ? 11  C   A C5    1 
ATOM   246  C  C6    . C   A 1 11 ? -0.518  -10.689 0.912   1.00 47.18  ? 11  C   A C6    1 
ATOM   247  P  P     . G   A 1 12 ? -2.625  -9.418  6.129   1.00 49.10  ? 12  G   A P     1 
ATOM   248  O  OP1   . G   A 1 12 ? -3.189  -9.712  7.469   1.00 55.72  ? 12  G   A OP1   1 
ATOM   249  O  OP2   . G   A 1 12 ? -3.474  -9.011  4.987   1.00 45.44  ? 12  G   A OP2   1 
ATOM   250  O  "O5'" . G   A 1 12 ? -1.528  -8.285  6.319   1.00 46.78  ? 12  G   A "O5'" 1 
ATOM   251  C  "C5'" . G   A 1 12 ? -0.399  -8.507  7.146   1.00 46.04  ? 12  G   A "C5'" 1 
ATOM   252  C  "C4'" . G   A 1 12 ? 0.615   -7.413  6.968   1.00 45.33  ? 12  G   A "C4'" 1 
ATOM   253  O  "O4'" . G   A 1 12 ? 1.274   -7.551  5.678   1.00 47.94  ? 12  G   A "O4'" 1 
ATOM   254  C  "C3'" . G   A 1 12 ? 0.049   -6.011  6.931   1.00 44.56  ? 12  G   A "C3'" 1 
ATOM   255  O  "O3'" . G   A 1 12 ? -0.238  -5.499  8.217   1.00 48.73  ? 12  G   A "O3'" 1 
ATOM   256  C  "C2'" . G   A 1 12 ? 1.128   -5.240  6.182   1.00 43.49  ? 12  G   A "C2'" 1 
ATOM   257  O  "O2'" . G   A 1 12 ? 2.232   -4.991  7.031   1.00 42.17  ? 12  G   A "O2'" 1 
ATOM   258  C  "C1'" . G   A 1 12 ? 1.555   -6.271  5.146   1.00 44.10  ? 12  G   A "C1'" 1 
ATOM   259  N  N9    . G   A 1 12 ? 0.827   -6.113  3.871   1.00 41.07  ? 12  G   A N9    1 
ATOM   260  C  C8    . G   A 1 12 ? -0.162  -6.913  3.355   1.00 40.76  ? 12  G   A C8    1 
ATOM   261  N  N7    . G   A 1 12 ? -0.584  -6.502  2.189   1.00 38.42  ? 12  G   A N7    1 
ATOM   262  C  C5    . G   A 1 12 ? 0.171   -5.364  1.908   1.00 37.53  ? 12  G   A C5    1 
ATOM   263  C  C6    . G   A 1 12 ? 0.173   -4.486  0.788   1.00 35.51  ? 12  G   A C6    1 
ATOM   264  O  O6    . G   A 1 12 ? -0.513  -4.525  -0.239  1.00 37.74  ? 12  G   A O6    1 
ATOM   265  N  N1    . G   A 1 12 ? 1.100   -3.458  0.926   1.00 36.50  ? 12  G   A N1    1 
ATOM   266  C  C2    . G   A 1 12 ? 1.937   -3.307  2.003   1.00 37.72  ? 12  G   A C2    1 
ATOM   267  N  N2    . G   A 1 12 ? 2.768   -2.259  1.966   1.00 36.42  ? 12  G   A N2    1 
ATOM   268  N  N3    . G   A 1 12 ? 1.956   -4.115  3.049   1.00 38.81  ? 12  G   A N3    1 
ATOM   269  C  C4    . G   A 1 12 ? 1.050   -5.115  2.941   1.00 41.74  ? 12  G   A C4    1 
ATOM   270  P  P     . U   A 1 13 ? -1.488  -4.518  8.410   1.00 51.76  ? 13  U   A P     1 
ATOM   271  O  OP1   . U   A 1 13 ? -1.692  -4.304  9.871   1.00 53.15  ? 13  U   A OP1   1 
ATOM   272  O  OP2   . U   A 1 13 ? -2.628  -5.018  7.596   1.00 43.92  ? 13  U   A OP2   1 
ATOM   273  O  "O5'" . U   A 1 13 ? -0.993  -3.158  7.750   1.00 44.32  ? 13  U   A "O5'" 1 
ATOM   274  C  "C5'" . U   A 1 13 ? 0.198   -2.532  8.199   1.00 44.05  ? 13  U   A "C5'" 1 
ATOM   275  C  "C4'" . U   A 1 13 ? 0.573   -1.372  7.316   1.00 42.24  ? 13  U   A "C4'" 1 
ATOM   276  O  "O4'" . U   A 1 13 ? 0.931   -1.831  5.988   1.00 43.86  ? 13  U   A "O4'" 1 
ATOM   277  C  "C3'" . U   A 1 13 ? -0.523  -0.363  7.061   1.00 45.39  ? 13  U   A "C3'" 1 
ATOM   278  O  "O3'" . U   A 1 13 ? -0.719  0.506   8.161   1.00 47.88  ? 13  U   A "O3'" 1 
ATOM   279  C  "C2'" . U   A 1 13 ? -0.029  0.333   5.802   1.00 43.35  ? 13  U   A "C2'" 1 
ATOM   280  O  "O2'" . U   A 1 13 ? 1.003   1.246   6.132   1.00 41.84  ? 13  U   A "O2'" 1 
ATOM   281  C  "C1'" . U   A 1 13 ? 0.587   -0.843  5.035   1.00 40.51  ? 13  U   A "C1'" 1 
ATOM   282  N  N1    . U   A 1 13 ? -0.358  -1.436  4.056   1.00 39.56  ? 13  U   A N1    1 
ATOM   283  C  C2    . U   A 1 13 ? -0.520  -0.805  2.837   1.00 40.28  ? 13  U   A C2    1 
ATOM   284  O  O2    . U   A 1 13 ? 0.085   0.201   2.528   1.00 36.23  ? 13  U   A O2    1 
ATOM   285  N  N3    . U   A 1 13 ? -1.417  -1.391  1.973   1.00 36.50  ? 13  U   A N3    1 
ATOM   286  C  C4    . U   A 1 13 ? -2.152  -2.527  2.190   1.00 36.62  ? 13  U   A C4    1 
ATOM   287  O  O4    . U   A 1 13 ? -2.898  -2.924  1.299   1.00 35.88  ? 13  U   A O4    1 
ATOM   288  C  C5    . U   A 1 13 ? -1.942  -3.128  3.469   1.00 39.00  ? 13  U   A C5    1 
ATOM   289  C  C6    . U   A 1 13 ? -1.080  -2.570  4.336   1.00 43.18  ? 13  U   A C6    1 
ATOM   290  P  P     . U   A 1 14 ? -2.139  1.214   8.376   1.00 52.84  ? 14  U   A P     1 
ATOM   291  O  OP1   . U   A 1 14 ? -2.472  1.103   9.825   1.00 50.10  ? 14  U   A OP1   1 
ATOM   292  O  OP2   . U   A 1 14 ? -3.075  0.752   7.323   1.00 47.49  ? 14  U   A OP2   1 
ATOM   293  O  "O5'" . U   A 1 14 ? -1.833  2.733   8.079   1.00 50.23  ? 14  U   A "O5'" 1 
ATOM   294  C  "C5'" . U   A 1 14 ? -0.951  3.449   8.924   1.00 54.97  ? 14  U   A "C5'" 1 
ATOM   295  C  "C4'" . U   A 1 14 ? -0.792  4.853   8.433   1.00 56.39  ? 14  U   A "C4'" 1 
ATOM   296  O  "O4'" . U   A 1 14 ? -0.094  4.811   7.166   1.00 51.97  ? 14  U   A "O4'" 1 
ATOM   297  C  "C3'" . U   A 1 14 ? -2.106  5.589   8.180   1.00 59.91  ? 14  U   A "C3'" 1 
ATOM   298  O  "O3'" . U   A 1 14 ? -1.965  6.956   8.524   1.00 66.08  ? 14  U   A "O3'" 1 
ATOM   299  C  "C2'" . U   A 1 14 ? -2.284  5.485   6.675   1.00 56.26  ? 14  U   A "C2'" 1 
ATOM   300  O  "O2'" . U   A 1 14 ? -3.029  6.547   6.117   1.00 56.18  ? 14  U   A "O2'" 1 
ATOM   301  C  "C1'" . U   A 1 14 ? -0.838  5.498   6.189   1.00 50.23  ? 14  U   A "C1'" 1 
ATOM   302  N  N1    . U   A 1 14 ? -0.664  4.815   4.901   1.00 45.67  ? 14  U   A N1    1 
ATOM   303  C  C2    . U   A 1 14 ? 0.114   5.440   3.958   1.00 41.48  ? 14  U   A C2    1 
ATOM   304  O  O2    . U   A 1 14 ? 0.679   6.496   4.182   1.00 47.12  ? 14  U   A O2    1 
ATOM   305  N  N3    . U   A 1 14 ? 0.218   4.780   2.759   1.00 41.16  ? 14  U   A N3    1 
ATOM   306  C  C4    . U   A 1 14 ? -0.381  3.586   2.421   1.00 39.38  ? 14  U   A C4    1 
ATOM   307  O  O4    . U   A 1 14 ? -0.207  3.122   1.295   1.00 36.72  ? 14  U   A O4    1 
ATOM   308  C  C5    . U   A 1 14 ? -1.185  3.008   3.449   1.00 42.24  ? 14  U   A C5    1 
ATOM   309  C  C6    . U   A 1 14 ? -1.307  3.631   4.632   1.00 45.29  ? 14  U   A C6    1 
ATOM   310  P  P     . C   A 1 15 ? -2.920  7.587   9.644   1.00 72.66  ? 15  C   A P     1 
ATOM   311  O  OP1   . C   A 1 15 ? -2.909  6.654   10.802  1.00 71.00  ? 15  C   A OP1   1 
ATOM   312  O  OP2   . C   A 1 15 ? -4.212  7.977   9.020   1.00 64.84  ? 15  C   A OP2   1 
ATOM   313  O  "O5'" . C   A 1 15 ? -2.125  8.897   10.054  1.00 76.81  ? 15  C   A "O5'" 1 
ATOM   314  C  "C5'" . C   A 1 15 ? -0.710  8.888   10.016  1.00 78.05  ? 15  C   A "C5'" 1 
ATOM   315  C  "C4'" . C   A 1 15 ? -0.125  9.221   11.361  1.00 84.79  ? 15  C   A "C4'" 1 
ATOM   316  O  "O4'" . C   A 1 15 ? -0.919  8.629   12.427  1.00 90.90  ? 15  C   A "O4'" 1 
ATOM   317  C  "C3'" . C   A 1 15 ? 1.257   8.674   11.629  1.00 85.39  ? 15  C   A "C3'" 1 
ATOM   318  O  "O3'" . C   A 1 15 ? 2.291   9.326   10.932  1.00 82.21  ? 15  C   A "O3'" 1 
ATOM   319  C  "C2'" . C   A 1 15 ? 1.334   8.761   13.144  1.00 89.24  ? 15  C   A "C2'" 1 
ATOM   320  O  "O2'" . C   A 1 15 ? 1.462   10.112  13.570  1.00 84.36  ? 15  C   A "O2'" 1 
ATOM   321  C  "C1'" . C   A 1 15 ? -0.067  8.281   13.507  1.00 93.70  ? 15  C   A "C1'" 1 
ATOM   322  N  N1    . C   A 1 15 ? -0.081  6.810   13.678  1.00 98.59  ? 15  C   A N1    1 
ATOM   323  C  C2    . C   A 1 15 ? 0.324   6.304   14.922  1.00 103.91 ? 15  C   A C2    1 
ATOM   324  O  O2    . C   A 1 15 ? 0.653   7.099   15.822  1.00 102.12 ? 15  C   A O2    1 
ATOM   325  N  N3    . C   A 1 15 ? 0.335   4.962   15.113  1.00 106.96 ? 15  C   A N3    1 
ATOM   326  C  C4    . C   A 1 15 ? -0.028  4.143   14.122  1.00 105.21 ? 15  C   A C4    1 
ATOM   327  N  N4    . C   A 1 15 ? 0.001   2.829   14.365  1.00 106.25 ? 15  C   A N4    1 
ATOM   328  C  C5    . C   A 1 15 ? -0.433  4.632   12.842  1.00 97.73  ? 15  C   A C5    1 
ATOM   329  C  C6    . C   A 1 15 ? -0.441  5.959   12.663  1.00 91.94  ? 15  C   A C6    1 
ATOM   330  P  P     . A   A 1 16 ? 3.419   8.418   10.249  1.00 76.58  ? 16  A   A P     1 
ATOM   331  O  OP1   . A   A 1 16 ? 4.040   7.620   11.340  1.00 77.80  ? 16  A   A OP1   1 
ATOM   332  O  OP2   . A   A 1 16 ? 4.255   9.328   9.416   1.00 71.63  ? 16  A   A OP2   1 
ATOM   333  O  "O5'" . A   A 1 16 ? 2.594   7.363   9.370   1.00 70.39  ? 16  A   A "O5'" 1 
ATOM   334  C  "C5'" . A   A 1 16 ? 2.277   7.614   8.007   1.00 59.47  ? 16  A   A "C5'" 1 
ATOM   335  C  "C4'" . A   A 1 16 ? 3.495   7.455   7.135   1.00 56.51  ? 16  A   A "C4'" 1 
ATOM   336  O  "O4'" . A   A 1 16 ? 3.817   6.058   6.961   1.00 52.47  ? 16  A   A "O4'" 1 
ATOM   337  C  "C3'" . A   A 1 16 ? 3.399   7.988   5.721   1.00 52.84  ? 16  A   A "C3'" 1 
ATOM   338  O  "O3'" . A   A 1 16 ? 3.582   9.390   5.676   1.00 58.20  ? 16  A   A "O3'" 1 
ATOM   339  C  "C2'" . A   A 1 16 ? 4.497   7.218   4.992   1.00 51.80  ? 16  A   A "C2'" 1 
ATOM   340  O  "O2'" . A   A 1 16 ? 5.758   7.835   5.192   1.00 54.58  ? 16  A   A "O2'" 1 
ATOM   341  C  "C1'" . A   A 1 16 ? 4.494   5.878   5.733   1.00 48.73  ? 16  A   A "C1'" 1 
ATOM   342  N  N9    . A   A 1 16 ? 3.841   4.787   4.982   1.00 46.00  ? 16  A   A N9    1 
ATOM   343  C  C8    . A   A 1 16 ? 2.792   4.025   5.436   1.00 41.24  ? 16  A   A C8    1 
ATOM   344  N  N7    . A   A 1 16 ? 2.411   3.100   4.594   1.00 42.56  ? 16  A   A N7    1 
ATOM   345  C  C5    . A   A 1 16 ? 3.273   3.255   3.511   1.00 40.30  ? 16  A   A C5    1 
ATOM   346  C  C6    . A   A 1 16 ? 3.370   2.573   2.290   1.00 37.30  ? 16  A   A C6    1 
ATOM   347  N  N6    . A   A 1 16 ? 2.573   1.548   1.964   1.00 34.84  ? 16  A   A N6    1 
ATOM   348  N  N1    . A   A 1 16 ? 4.323   2.968   1.418   1.00 40.91  ? 16  A   A N1    1 
ATOM   349  C  C2    . A   A 1 16 ? 5.127   3.991   1.763   1.00 40.23  ? 16  A   A C2    1 
ATOM   350  N  N3    . A   A 1 16 ? 5.117   4.708   2.888   1.00 38.88  ? 16  A   A N3    1 
ATOM   351  C  C4    . A   A 1 16 ? 4.168   4.286   3.736   1.00 41.35  ? 16  A   A C4    1 
ATOM   352  P  P     . A   A 1 17 ? 2.853   10.264  4.546   1.00 60.37  ? 17  A   A P     1 
ATOM   353  O  OP1   . A   A 1 17 ? 3.187   11.696  4.770   1.00 59.82  ? 17  A   A OP1   1 
ATOM   354  O  OP2   . A   A 1 17 ? 1.430   9.848   4.520   1.00 53.89  ? 17  A   A OP2   1 
ATOM   355  O  "O5'" . A   A 1 17 ? 3.563   9.813   3.189   1.00 49.76  ? 17  A   A "O5'" 1 
ATOM   356  C  "C5'" . A   A 1 17 ? 4.903   10.177  2.905   1.00 50.08  ? 17  A   A "C5'" 1 
ATOM   357  C  "C4'" . A   A 1 17 ? 5.305   9.773   1.508   1.00 50.88  ? 17  A   A "C4'" 1 
ATOM   358  O  "O4'" . A   A 1 17 ? 5.348   8.328   1.399   1.00 48.32  ? 17  A   A "O4'" 1 
ATOM   359  C  "C3'" . A   A 1 17 ? 4.370   10.180  0.383   1.00 47.99  ? 17  A   A "C3'" 1 
ATOM   360  O  "O3'" . A   A 1 17 ? 4.486   11.541  0.010   1.00 52.99  ? 17  A   A "O3'" 1 
ATOM   361  C  "C2'" . A   A 1 17 ? 4.756   9.211   -0.726  1.00 45.47  ? 17  A   A "C2'" 1 
ATOM   362  O  "O2'" . A   A 1 17 ? 5.956   9.613   -1.370  1.00 51.56  ? 17  A   A "O2'" 1 
ATOM   363  C  "C1'" . A   A 1 17 ? 5.044   7.942   0.072   1.00 45.28  ? 17  A   A "C1'" 1 
ATOM   364  N  N9    . A   A 1 17 ? 3.890   7.025   0.079   1.00 41.33  ? 17  A   A N9    1 
ATOM   365  C  C8    . A   A 1 17 ? 3.024   6.752   1.107   1.00 39.29  ? 17  A   A C8    1 
ATOM   366  N  N7    . A   A 1 17 ? 2.110   5.873   0.778   1.00 40.53  ? 17  A   A N7    1 
ATOM   367  C  C5    . A   A 1 17 ? 2.377   5.537   -0.543  1.00 40.64  ? 17  A   A C5    1 
ATOM   368  C  C6    . A   A 1 17 ? 1.765   4.660   -1.470  1.00 40.33  ? 17  A   A C6    1 
ATOM   369  N  N6    . A   A 1 17 ? 0.691   3.887   -1.218  1.00 35.01  ? 17  A   A N6    1 
ATOM   370  N  N1    . A   A 1 17 ? 2.322   4.580   -2.708  1.00 37.69  ? 17  A   A N1    1 
ATOM   371  C  C2    . A   A 1 17 ? 3.393   5.337   -2.994  1.00 37.83  ? 17  A   A C2    1 
ATOM   372  N  N3    . A   A 1 17 ? 4.038   6.198   -2.206  1.00 40.56  ? 17  A   A N3    1 
ATOM   373  C  C4    . A   A 1 17 ? 3.481   6.253   -0.985  1.00 38.53  ? 17  A   A C4    1 
ATOM   374  P  P     . C   A 1 18 ? 3.163   12.423  -0.224  1.00 49.58  ? 18  C   A P     1 
ATOM   375  O  OP1   . C   A 1 18 ? 3.615   13.730  -0.761  1.00 51.28  ? 18  C   A OP1   1 
ATOM   376  O  OP2   . C   A 1 18 ? 2.324   12.347  0.985   1.00 42.96  ? 18  C   A OP2   1 
ATOM   377  O  "O5'" . C   A 1 18 ? 2.382   11.645  -1.370  1.00 44.43  ? 18  C   A "O5'" 1 
ATOM   378  C  "C5'" . C   A 1 18 ? 2.919   11.545  -2.675  1.00 38.12  ? 18  C   A "C5'" 1 
ATOM   379  C  "C4'" . C   A 1 18 ? 2.187   10.501  -3.473  1.00 43.18  ? 18  C   A "C4'" 1 
ATOM   380  O  "O4'" . C   A 1 18 ? 2.202   9.235   -2.767  1.00 44.01  ? 18  C   A "O4'" 1 
ATOM   381  C  "C3'" . C   A 1 18 ? 0.710   10.772  -3.709  1.00 39.33  ? 18  C   A "C3'" 1 
ATOM   382  O  "O3'" . C   A 1 18 ? 0.507   11.668  -4.787  1.00 40.47  ? 18  C   A "O3'" 1 
ATOM   383  C  "C2'" . C   A 1 18 ? 0.159   9.375   -3.968  1.00 41.40  ? 18  C   A "C2'" 1 
ATOM   384  O  "O2'" . C   A 1 18 ? 0.441   8.963   -5.297  1.00 37.44  ? 18  C   A "O2'" 1 
ATOM   385  C  "C1'" . C   A 1 18 ? 1.005   8.532   -3.017  1.00 41.07  ? 18  C   A "C1'" 1 
ATOM   386  N  N1    . C   A 1 18 ? 0.314   8.257   -1.733  1.00 37.41  ? 18  C   A N1    1 
ATOM   387  C  C2    . C   A 1 18 ? -0.604  7.196   -1.735  1.00 37.18  ? 18  C   A C2    1 
ATOM   388  O  O2    . C   A 1 18 ? -0.809  6.558   -2.781  1.00 36.89  ? 18  C   A O2    1 
ATOM   389  N  N3    . C   A 1 18 ? -1.249  6.865   -0.601  1.00 37.75  ? 18  C   A N3    1 
ATOM   390  C  C4    . C   A 1 18 ? -1.042  7.554   0.518   1.00 39.75  ? 18  C   A C4    1 
ATOM   391  N  N4    . C   A 1 18 ? -1.746  7.159   1.595   1.00 37.29  ? 18  C   A N4    1 
ATOM   392  C  C5    . C   A 1 18 ? -0.106  8.643   0.556   1.00 37.53  ? 18  C   A C5    1 
ATOM   393  C  C6    . C   A 1 18 ? 0.546   8.957   -0.583  1.00 39.34  ? 18  C   A C6    1 
ATOM   394  P  P     . U   A 1 19 ? -0.933  12.302  -5.086  1.00 40.53  ? 19  U   A P     1 
ATOM   395  O  OP1   . U   A 1 19 ? -1.963  11.235  -5.125  1.00 37.48  ? 19  U   A OP1   1 
ATOM   396  O  OP2   . U   A 1 19 ? -0.745  13.186  -6.258  1.00 41.55  ? 19  U   A OP2   1 
ATOM   397  O  "O5'" . U   A 1 19 ? -1.233  13.161  -3.786  1.00 38.18  ? 19  U   A "O5'" 1 
ATOM   398  C  "C5'" . U   A 1 19 ? -0.390  14.250  -3.425  1.00 38.81  ? 19  U   A "C5'" 1 
ATOM   399  C  "C4'" . U   A 1 19 ? -1.202  15.445  -2.985  1.00 40.90  ? 19  U   A "C4'" 1 
ATOM   400  O  "O4'" . U   A 1 19 ? -1.783  16.092  -4.144  1.00 40.93  ? 19  U   A "O4'" 1 
ATOM   401  C  "C3'" . U   A 1 19 ? -2.366  15.137  -2.044  1.00 41.22  ? 19  U   A "C3'" 1 
ATOM   402  O  "O3'" . U   A 1 19 ? -2.483  16.194  -1.098  1.00 41.16  ? 19  U   A "O3'" 1 
ATOM   403  C  "C2'" . U   A 1 19 ? -3.579  15.163  -2.967  1.00 40.15  ? 19  U   A "C2'" 1 
ATOM   404  O  "O2'" . U   A 1 19 ? -4.788  15.476  -2.305  1.00 41.56  ? 19  U   A "O2'" 1 
ATOM   405  C  "C1'" . U   A 1 19 ? -3.179  16.253  -3.948  1.00 40.38  ? 19  U   A "C1'" 1 
ATOM   406  N  N1    . U   A 1 19 ? -3.808  16.168  -5.267  1.00 39.82  ? 19  U   A N1    1 
ATOM   407  C  C2    . U   A 1 19 ? -4.124  17.368  -5.860  1.00 45.09  ? 19  U   A C2    1 
ATOM   408  O  O2    . U   A 1 19 ? -3.937  18.447  -5.307  1.00 43.39  ? 19  U   A O2    1 
ATOM   409  N  N3    . U   A 1 19 ? -4.674  17.258  -7.110  1.00 44.14  ? 19  U   A N3    1 
ATOM   410  C  C4    . U   A 1 19 ? -4.919  16.098  -7.818  1.00 48.29  ? 19  U   A C4    1 
ATOM   411  O  O4    . U   A 1 19 ? -5.416  16.174  -8.942  1.00 48.63  ? 19  U   A O4    1 
ATOM   412  C  C5    . U   A 1 19 ? -4.549  14.895  -7.139  1.00 46.18  ? 19  U   A C5    1 
ATOM   413  C  C6    . U   A 1 19 ? -4.015  14.974  -5.913  1.00 47.27  ? 19  U   A C6    1 
ATOM   414  P  P     . C   A 1 20 ? -2.088  15.917  0.419   1.00 42.35  ? 20  C   A P     1 
ATOM   415  O  OP1   . C   A 1 20 ? -2.300  17.165  1.191   1.00 40.66  ? 20  C   A OP1   1 
ATOM   416  O  OP2   . C   A 1 20 ? -0.765  15.265  0.446   1.00 38.88  ? 20  C   A OP2   1 
ATOM   417  O  "O5'" . C   A 1 20 ? -3.135  14.818  0.879   1.00 43.57  ? 20  C   A "O5'" 1 
ATOM   418  C  "C5'" . C   A 1 20 ? -4.481  15.170  1.146   1.00 40.47  ? 20  C   A "C5'" 1 
ATOM   419  C  "C4'" . C   A 1 20 ? -4.944  14.497  2.400   1.00 39.97  ? 20  C   A "C4'" 1 
ATOM   420  O  "O4'" . C   A 1 20 ? -6.251  14.977  2.760   1.00 43.77  ? 20  C   A "O4'" 1 
ATOM   421  C  "C3'" . C   A 1 20 ? -5.096  12.986  2.316   1.00 40.33  ? 20  C   A "C3'" 1 
ATOM   422  O  "O3'" . C   A 1 20 ? -3.843  12.347  2.508   1.00 42.10  ? 20  C   A "O3'" 1 
ATOM   423  C  "C2'" . C   A 1 20 ? -6.112  12.687  3.415   1.00 46.41  ? 20  C   A "C2'" 1 
ATOM   424  O  "O2'" . C   A 1 20 ? -5.455  12.591  4.668   1.00 46.65  ? 20  C   A "O2'" 1 
ATOM   425  C  "C1'" . C   A 1 20 ? -6.971  13.962  3.420   1.00 42.17  ? 20  C   A "C1'" 1 
ATOM   426  N  N1    . C   A 1 20 ? -8.281  13.821  2.755   1.00 42.19  ? 20  C   A N1    1 
ATOM   427  C  C2    . C   A 1 20 ? -9.361  13.374  3.524   1.00 46.65  ? 20  C   A C2    1 
ATOM   428  O  O2    . C   A 1 20 ? -9.154  13.078  4.715   1.00 48.97  ? 20  C   A O2    1 
ATOM   429  N  N3    . C   A 1 20 ? -10.578 13.263  2.953   1.00 46.09  ? 20  C   A N3    1 
ATOM   430  C  C4    . C   A 1 20 ? -10.746 13.592  1.674   1.00 46.65  ? 20  C   A C4    1 
ATOM   431  N  N4    . C   A 1 20 ? -11.966 13.465  1.153   1.00 48.54  ? 20  C   A N4    1 
ATOM   432  C  C5    . C   A 1 20 ? -9.665  14.063  0.870   1.00 45.54  ? 20  C   A C5    1 
ATOM   433  C  C6    . C   A 1 20 ? -8.460  14.173  1.451   1.00 41.82  ? 20  C   A C6    1 
ATOM   434  P  P     . G   A 1 21 ? -3.587  10.805  2.114   1.00 43.71  ? 21  G   A P     1 
ATOM   435  O  OP1   . G   A 1 21 ? -4.670  9.979   2.683   1.00 40.46  ? 21  G   A OP1   1 
ATOM   436  O  OP2   . G   A 1 21 ? -2.174  10.503  2.450   1.00 44.96  ? 21  G   A OP2   1 
ATOM   437  O  "O5'" . G   A 1 21 ? -3.770  10.738  0.527   1.00 37.42  ? 21  G   A "O5'" 1 
ATOM   438  C  "C5'" . G   A 1 21 ? -2.821  11.269  -0.383  1.00 38.35  ? 21  G   A "C5'" 1 
ATOM   439  C  "C4'" . G   A 1 21 ? -3.218  10.936  -1.803  1.00 37.78  ? 21  G   A "C4'" 1 
ATOM   440  O  "O4'" . G   A 1 21 ? -2.836  9.567   -2.118  1.00 35.12  ? 21  G   A "O4'" 1 
ATOM   441  C  "C3'" . G   A 1 21 ? -4.717  10.974  -2.089  1.00 33.12  ? 21  G   A "C3'" 1 
ATOM   442  O  "O3'" . G   A 1 21 ? -5.188  12.281  -2.320  1.00 38.37  ? 21  G   A "O3'" 1 
ATOM   443  C  "C2'" . G   A 1 21 ? -4.859  10.039  -3.283  1.00 34.57  ? 21  G   A "C2'" 1 
ATOM   444  O  "O2'" . G   A 1 21 ? -4.430  10.670  -4.483  1.00 37.60  ? 21  G   A "O2'" 1 
ATOM   445  C  "C1'" . G   A 1 21 ? -3.833  8.963   -2.928  1.00 34.73  ? 21  G   A "C1'" 1 
ATOM   446  N  N9    . G   A 1 21 ? -4.439  7.860   -2.162  1.00 34.63  ? 21  G   A N9    1 
ATOM   447  C  C8    . G   A 1 21 ? -4.382  7.641   -0.811  1.00 34.69  ? 21  G   A C8    1 
ATOM   448  N  N7    . G   A 1 21 ? -4.997  6.540   -0.453  1.00 37.83  ? 21  G   A N7    1 
ATOM   449  C  C5    . G   A 1 21 ? -5.477  5.997   -1.644  1.00 34.97  ? 21  G   A C5    1 
ATOM   450  C  C6    . G   A 1 21 ? -6.229  4.817   -1.898  1.00 35.77  ? 21  G   A C6    1 
ATOM   451  O  O6    . G   A 1 21 ? -6.636  3.965   -1.097  1.00 36.33  ? 21  G   A O6    1 
ATOM   452  N  N1    . G   A 1 21 ? -6.510  4.674   -3.253  1.00 36.47  ? 21  G   A N1    1 
ATOM   453  C  C2    . G   A 1 21 ? -6.117  5.552   -4.226  1.00 37.53  ? 21  G   A C2    1 
ATOM   454  N  N2    . G   A 1 21 ? -6.501  5.248   -5.466  1.00 36.99  ? 21  G   A N2    1 
ATOM   455  N  N3    . G   A 1 21 ? -5.407  6.648   -4.012  1.00 34.40  ? 21  G   A N3    1 
ATOM   456  C  C4    . G   A 1 21 ? -5.141  6.809   -2.704  1.00 35.51  ? 21  G   A C4    1 
ATOM   457  P  P     . U   A 1 22 ? -6.689  12.688  -1.910  1.00 38.82  ? 22  U   A P     1 
ATOM   458  O  OP1   . U   A 1 22 ? -6.732  14.161  -2.056  1.00 35.76  ? 22  U   A OP1   1 
ATOM   459  O  OP2   . U   A 1 22 ? -7.067  12.070  -0.623  1.00 37.09  ? 22  U   A OP2   1 
ATOM   460  O  "O5'" . U   A 1 22 ? -7.574  11.968  -3.011  1.00 37.32  ? 22  U   A "O5'" 1 
ATOM   461  C  "C5'" . U   A 1 22 ? -7.419  12.287  -4.377  1.00 38.81  ? 22  U   A "C5'" 1 
ATOM   462  C  "C4'" . U   A 1 22 ? -8.256  11.370  -5.217  1.00 39.71  ? 22  U   A "C4'" 1 
ATOM   463  O  "O4'" . U   A 1 22 ? -7.704  10.029  -5.152  1.00 37.44  ? 22  U   A "O4'" 1 
ATOM   464  C  "C3'" . U   A 1 22 ? -9.702  11.193  -4.770  1.00 40.13  ? 22  U   A "C3'" 1 
ATOM   465  O  "O3'" . U   A 1 22 ? -10.540 12.254  -5.201  1.00 39.93  ? 22  U   A "O3'" 1 
ATOM   466  C  "C2'" . U   A 1 22 ? -10.053 9.849   -5.385  1.00 39.85  ? 22  U   A "C2'" 1 
ATOM   467  O  "O2'" . U   A 1 22 ? -10.206 10.008  -6.787  1.00 41.40  ? 22  U   A "O2'" 1 
ATOM   468  C  "C1'" . U   A 1 22 ? -8.753  9.079   -5.164  1.00 38.80  ? 22  U   A "C1'" 1 
ATOM   469  N  N1    . U   A 1 22 ? -8.737  8.320   -3.884  1.00 35.89  ? 22  U   A N1    1 
ATOM   470  C  C2    . U   A 1 22 ? -9.316  7.067   -3.900  1.00 36.37  ? 22  U   A C2    1 
ATOM   471  O  O2    . U   A 1 22 ? -9.831  6.592   -4.896  1.00 35.86  ? 22  U   A O2    1 
ATOM   472  N  N3    . U   A 1 22 ? -9.283  6.387   -2.714  1.00 35.61  ? 22  U   A N3    1 
ATOM   473  C  C4    . U   A 1 22 ? -8.736  6.810   -1.523  1.00 38.65  ? 22  U   A C4    1 
ATOM   474  O  O4    . U   A 1 22 ? -8.799  6.056   -0.544  1.00 39.66  ? 22  U   A O4    1 
ATOM   475  C  C5    . U   A 1 22 ? -8.153  8.128   -1.563  1.00 35.10  ? 22  U   A C5    1 
ATOM   476  C  C6    . U   A 1 22 ? -8.171  8.812   -2.719  1.00 37.11  ? 22  U   A C6    1 
ATOM   477  P  P     . C   A 1 23 ? -11.827 12.707  -4.353  1.00 45.75  ? 23  C   A P     1 
ATOM   478  O  OP1   . C   A 1 23 ? -12.244 13.999  -4.954  1.00 46.61  ? 23  C   A OP1   1 
ATOM   479  O  OP2   . C   A 1 23 ? -11.589 12.641  -2.890  1.00 40.35  ? 23  C   A OP2   1 
ATOM   480  O  "O5'" . C   A 1 23 ? -12.913 11.571  -4.641  1.00 43.93  ? 23  C   A "O5'" 1 
ATOM   481  C  "C5'" . C   A 1 23 ? -13.362 11.292  -5.960  1.00 46.81  ? 23  C   A "C5'" 1 
ATOM   482  C  "C4'" . C   A 1 23 ? -14.132 9.994   -6.018  1.00 40.94  ? 23  C   A "C4'" 1 
ATOM   483  O  "O4'" . C   A 1 23 ? -13.243 8.882   -5.740  1.00 43.10  ? 23  C   A "O4'" 1 
ATOM   484  C  "C3'" . C   A 1 23 ? -15.243 9.827   -4.998  1.00 45.66  ? 23  C   A "C3'" 1 
ATOM   485  O  "O3'" . C   A 1 23 ? -16.437 10.490  -5.366  1.00 50.42  ? 23  C   A "O3'" 1 
ATOM   486  C  "C2'" . C   A 1 23 ? -15.388 8.314   -4.917  1.00 42.71  ? 23  C   A "C2'" 1 
ATOM   487  O  "O2'" . C   A 1 23 ? -16.073 7.817   -6.055  1.00 43.15  ? 23  C   A "O2'" 1 
ATOM   488  C  "C1'" . C   A 1 23 ? -13.932 7.877   -5.028  1.00 40.27  ? 23  C   A "C1'" 1 
ATOM   489  N  N1    . C   A 1 23 ? -13.313 7.717   -3.695  1.00 36.84  ? 23  C   A N1    1 
ATOM   490  C  C2    . C   A 1 23 ? -13.489 6.495   -3.059  1.00 38.58  ? 23  C   A C2    1 
ATOM   491  O  O2    . C   A 1 23 ? -14.143 5.624   -3.645  1.00 41.87  ? 23  C   A O2    1 
ATOM   492  N  N3    . C   A 1 23 ? -12.962 6.290   -1.835  1.00 39.01  ? 23  C   A N3    1 
ATOM   493  C  C4    . C   A 1 23 ? -12.258 7.255   -1.245  1.00 38.37  ? 23  C   A C4    1 
ATOM   494  N  N4    . C   A 1 23 ? -11.745 6.995   -0.037  1.00 35.76  ? 23  C   A N4    1 
ATOM   495  C  C5    . C   A 1 23 ? -12.056 8.520   -1.869  1.00 39.47  ? 23  C   A C5    1 
ATOM   496  C  C6    . C   A 1 23 ? -12.601 8.718   -3.084  1.00 40.16  ? 23  C   A C6    1 
ATOM   497  P  P     . C   A 1 24 ? -17.428 11.047  -4.235  1.00 52.05  ? 24  C   A P     1 
ATOM   498  O  OP1   . C   A 1 24 ? -18.474 11.749  -5.010  1.00 58.30  ? 24  C   A OP1   1 
ATOM   499  O  OP2   . C   A 1 24 ? -16.701 11.752  -3.147  1.00 46.79  ? 24  C   A OP2   1 
ATOM   500  O  "O5'" . C   A 1 24 ? -18.035 9.744   -3.544  1.00 46.18  ? 24  C   A "O5'" 1 
ATOM   501  C  "C5'" . C   A 1 24 ? -18.866 8.866   -4.278  1.00 46.39  ? 24  C   A "C5'" 1 
ATOM   502  C  "C4'" . C   A 1 24 ? -19.112 7.573   -3.545  1.00 48.23  ? 24  C   A "C4'" 1 
ATOM   503  O  "O4'" . C   A 1 24 ? -17.852 6.924   -3.236  1.00 48.86  ? 24  C   A "O4'" 1 
ATOM   504  C  "C3'" . C   A 1 24 ? -19.789 7.668   -2.193  1.00 47.89  ? 24  C   A "C3'" 1 
ATOM   505  O  "O3'" . C   A 1 24 ? -21.182 7.917   -2.270  1.00 54.97  ? 24  C   A "O3'" 1 
ATOM   506  C  "C2'" . C   A 1 24 ? -19.435 6.325   -1.570  1.00 50.27  ? 24  C   A "C2'" 1 
ATOM   507  O  "O2'" . C   A 1 24 ? -20.221 5.290   -2.142  1.00 53.92  ? 24  C   A "O2'" 1 
ATOM   508  C  "C1'" . C   A 1 24 ? -17.996 6.146   -2.061  1.00 46.28  ? 24  C   A "C1'" 1 
ATOM   509  N  N1    . C   A 1 24 ? -17.001 6.574   -1.044  1.00 44.11  ? 24  C   A N1    1 
ATOM   510  C  C2    . C   A 1 24 ? -16.740 5.686   0.000   1.00 43.81  ? 24  C   A C2    1 
ATOM   511  O  O2    . C   A 1 24 ? -17.336 4.602   0.014   1.00 46.66  ? 24  C   A O2    1 
ATOM   512  N  N3    . C   A 1 24 ? -15.859 6.016   0.969   1.00 40.89  ? 24  C   A N3    1 
ATOM   513  C  C4    . C   A 1 24 ? -15.239 7.181   0.923   1.00 40.66  ? 24  C   A C4    1 
ATOM   514  N  N4    . C   A 1 24 ? -14.366 7.438   1.906   1.00 44.40  ? 24  C   A N4    1 
ATOM   515  C  C5    . C   A 1 24 ? -15.475 8.113   -0.128  1.00 40.40  ? 24  C   A C5    1 
ATOM   516  C  C6    . C   A 1 24 ? -16.355 7.780   -1.083  1.00 41.10  ? 24  C   A C6    1 
ATOM   517  P  P     . C   A 1 25 ? -21.912 8.742   -1.101  1.00 51.50  ? 25  C   A P     1 
ATOM   518  O  OP1   . C   A 1 25 ? -23.258 9.087   -1.624  1.00 62.45  ? 25  C   A OP1   1 
ATOM   519  O  OP2   . C   A 1 25 ? -21.057 9.851   -0.599  1.00 51.03  ? 25  C   A OP2   1 
ATOM   520  O  "O5'" . C   A 1 25 ? -22.019 7.690   0.090   1.00 51.30  ? 25  C   A "O5'" 1 
ATOM   521  C  "C5'" . C   A 1 25 ? -22.693 6.457   -0.089  1.00 50.54  ? 25  C   A "C5'" 1 
ATOM   522  C  "C4'" . C   A 1 25 ? -22.523 5.536   1.095   1.00 50.76  ? 25  C   A "C4'" 1 
ATOM   523  O  "O4'" . C   A 1 25 ? -21.150 5.073   1.184   1.00 53.55  ? 25  C   A "O4'" 1 
ATOM   524  C  "C3'" . C   A 1 25 ? -22.787 6.112   2.476   1.00 52.58  ? 25  C   A "C3'" 1 
ATOM   525  O  "O3'" . C   A 1 25 ? -24.163 6.243   2.789   1.00 59.17  ? 25  C   A "O3'" 1 
ATOM   526  C  "C2'" . C   A 1 25 ? -22.063 5.118   3.366   1.00 52.00  ? 25  C   A "C2'" 1 
ATOM   527  O  "O2'" . C   A 1 25 ? -22.782 3.897   3.426   1.00 55.13  ? 25  C   A "O2'" 1 
ATOM   528  C  "C1'" . C   A 1 25 ? -20.808 4.858   2.540   1.00 50.44  ? 25  C   A "C1'" 1 
ATOM   529  N  N1    . C   A 1 25 ? -19.699 5.765   2.920   1.00 45.34  ? 25  C   A N1    1 
ATOM   530  C  C2    . C   A 1 25 ? -18.972 5.475   4.086   1.00 44.42  ? 25  C   A C2    1 
ATOM   531  O  O2    . C   A 1 25 ? -19.292 4.483   4.761   1.00 47.57  ? 25  C   A O2    1 
ATOM   532  N  N3    . C   A 1 25 ? -17.952 6.284   4.454   1.00 42.85  ? 25  C   A N3    1 
ATOM   533  C  C4    . C   A 1 25 ? -17.654 7.345   3.700   1.00 43.32  ? 25  C   A C4    1 
ATOM   534  N  N4    . C   A 1 25 ? -16.649 8.128   4.084   1.00 45.74  ? 25  C   A N4    1 
ATOM   535  C  C5    . C   A 1 25 ? -18.372 7.663   2.511   1.00 44.50  ? 25  C   A C5    1 
ATOM   536  C  C6    . C   A 1 25 ? -19.382 6.856   2.162   1.00 44.36  ? 25  C   A C6    1 
ATOM   537  P  P     . A   A 1 26 ? -24.651 7.374   3.820   1.00 59.65  ? 26  A   A P     1 
ATOM   538  O  OP1   . A   A 1 26 ? -26.133 7.303   3.840   1.00 64.60  ? 26  A   A OP1   1 
ATOM   539  O  OP2   . A   A 1 26 ? -23.963 8.655   3.517   1.00 59.34  ? 26  A   A OP2   1 
ATOM   540  O  "O5'" . A   A 1 26 ? -24.063 6.929   5.234   1.00 53.09  ? 26  A   A "O5'" 1 
ATOM   541  C  "C5'" . A   A 1 26 ? -24.621 5.847   5.950   1.00 50.14  ? 26  A   A "C5'" 1 
ATOM   542  C  "C4'" . A   A 1 26 ? -23.743 5.416   7.096   1.00 50.59  ? 26  A   A "C4'" 1 
ATOM   543  O  "O4'" . A   A 1 26 ? -22.369 5.250   6.653   1.00 50.26  ? 26  A   A "O4'" 1 
ATOM   544  C  "C3'" . A   A 1 26 ? -23.617 6.361   8.283   1.00 48.11  ? 26  A   A "C3'" 1 
ATOM   545  O  "O3'" . A   A 1 26 ? -24.752 6.341   9.134   1.00 49.50  ? 26  A   A "O3'" 1 
ATOM   546  C  "C2'" . A   A 1 26 ? -22.360 5.831   8.956   1.00 48.44  ? 26  A   A "C2'" 1 
ATOM   547  O  "O2'" . A   A 1 26 ? -22.658 4.620   9.633   1.00 51.64  ? 26  A   A "O2'" 1 
ATOM   548  C  "C1'" . A   A 1 26 ? -21.494 5.487   7.741   1.00 46.68  ? 26  A   A "C1'" 1 
ATOM   549  N  N9    . A   A 1 26 ? -20.579 6.595   7.405   1.00 45.29  ? 26  A   A N9    1 
ATOM   550  C  C8    . A   A 1 26 ? -20.643 7.472   6.353   1.00 44.63  ? 26  A   A C8    1 
ATOM   551  N  N7    . A   A 1 26 ? -19.687 8.365   6.357   1.00 42.35  ? 26  A   A N7    1 
ATOM   552  C  C5    . A   A 1 26 ? -18.944 8.061   7.493   1.00 44.82  ? 26  A   A C5    1 
ATOM   553  C  C6    . A   A 1 26 ? -17.784 8.630   8.056   1.00 44.93  ? 26  A   A C6    1 
ATOM   554  N  N6    . A   A 1 26 ? -17.126 9.673   7.534   1.00 42.59  ? 26  A   A N6    1 
ATOM   555  N  N1    . A   A 1 26 ? -17.304 8.069   9.187   1.00 44.85  ? 26  A   A N1    1 
ATOM   556  C  C2    . A   A 1 26 ? -17.933 7.015   9.718   1.00 43.85  ? 26  A   A C2    1 
ATOM   557  N  N3    . A   A 1 26 ? -19.023 6.394   9.281   1.00 45.90  ? 26  A   A N3    1 
ATOM   558  C  C4    . A   A 1 26 ? -19.482 6.970   8.148   1.00 45.75  ? 26  A   A C4    1 
ATOM   559  P  P     . G   A 1 27 ? -25.073 7.553   10.149  1.00 51.65  ? 27  G   A P     1 
ATOM   560  O  OP1   . G   A 1 27 ? -26.394 7.232   10.732  1.00 53.34  ? 27  G   A OP1   1 
ATOM   561  O  OP2   . G   A 1 27 ? -24.899 8.875   9.511   1.00 42.12  ? 27  G   A OP2   1 
ATOM   562  O  "O5'" . G   A 1 27 ? -23.975 7.415   11.297  1.00 46.33  ? 27  G   A "O5'" 1 
ATOM   563  C  "C5'" . G   A 1 27 ? -23.873 6.247   12.101  1.00 46.46  ? 27  G   A "C5'" 1 
ATOM   564  C  "C4'" . G   A 1 27 ? -22.695 6.345   13.036  1.00 46.82  ? 27  G   A "C4'" 1 
ATOM   565  O  "O4'" . G   A 1 27 ? -21.467 6.481   12.277  1.00 46.39  ? 27  G   A "O4'" 1 
ATOM   566  C  "C3'" . G   A 1 27 ? -22.700 7.553   13.958  1.00 45.69  ? 27  G   A "C3'" 1 
ATOM   567  O  "O3'" . G   A 1 27 ? -23.466 7.313   15.116  1.00 44.45  ? 27  G   A "O3'" 1 
ATOM   568  C  "C2'" . G   A 1 27 ? -21.227 7.757   14.267  1.00 46.01  ? 27  G   A "C2'" 1 
ATOM   569  O  "O2'" . G   A 1 27 ? -20.814 6.826   15.255  1.00 45.09  ? 27  G   A "O2'" 1 
ATOM   570  C  "C1'" . G   A 1 27 ? -20.577 7.345   12.949  1.00 47.77  ? 27  G   A "C1'" 1 
ATOM   571  N  N9    . G   A 1 27 ? -20.229 8.466   12.051  1.00 44.04  ? 27  G   A N9    1 
ATOM   572  C  C8    . G   A 1 27 ? -20.904 8.862   10.922  1.00 46.86  ? 27  G   A C8    1 
ATOM   573  N  N7    . G   A 1 27 ? -20.318 9.848   10.289  1.00 45.91  ? 27  G   A N7    1 
ATOM   574  C  C5    . G   A 1 27 ? -19.176 10.107  11.035  1.00 43.46  ? 27  G   A C5    1 
ATOM   575  C  C6    . G   A 1 27 ? -18.144 11.067  10.838  1.00 47.17  ? 27  G   A C6    1 
ATOM   576  O  O6    . G   A 1 27 ? -18.021 11.910  9.936   1.00 43.27  ? 27  G   A O6    1 
ATOM   577  N  N1    . G   A 1 27 ? -17.182 10.997  11.839  1.00 44.66  ? 27  G   A N1    1 
ATOM   578  C  C2    . G   A 1 27 ? -17.204 10.103  12.878  1.00 47.81  ? 27  G   A C2    1 
ATOM   579  N  N2    . G   A 1 27 ? -16.179 10.192  13.735  1.00 43.24  ? 27  G   A N2    1 
ATOM   580  N  N3    . G   A 1 27 ? -18.163 9.205   13.073  1.00 47.96  ? 27  G   A N3    1 
ATOM   581  C  C4    . G   A 1 27 ? -19.108 9.261   12.118  1.00 45.24  ? 27  G   A C4    1 
ATOM   582  P  P     . C   A 1 28 ? -24.292 8.496   15.806  1.00 49.98  ? 28  C   A P     1 
ATOM   583  O  OP1   . C   A 1 28 ? -25.232 7.840   16.753  1.00 48.85  ? 28  C   A OP1   1 
ATOM   584  O  OP2   . C   A 1 28 ? -24.793 9.449   14.780  1.00 42.54  ? 28  C   A OP2   1 
ATOM   585  O  "O5'" . C   A 1 28 ? -23.185 9.283   16.629  1.00 45.05  ? 28  C   A "O5'" 1 
ATOM   586  C  "C5'" . C   A 1 28 ? -22.306 8.618   17.526  1.00 44.10  ? 28  C   A "C5'" 1 
ATOM   587  C  "C4'" . C   A 1 28 ? -21.258 9.574   18.039  1.00 45.88  ? 28  C   A "C4'" 1 
ATOM   588  O  "O4'" . C   A 1 28 ? -20.439 10.024  16.918  1.00 45.72  ? 28  C   A "O4'" 1 
ATOM   589  C  "C3'" . C   A 1 28 ? -21.819 10.840  18.688  1.00 43.27  ? 28  C   A "C3'" 1 
ATOM   590  O  "O3'" . C   A 1 28 ? -20.962 11.263  19.747  1.00 47.21  ? 28  C   A "O3'" 1 
ATOM   591  C  "C2'" . C   A 1 28 ? -21.742 11.854  17.553  1.00 43.46  ? 28  C   A "C2'" 1 
ATOM   592  O  "O2'" . C   A 1 28 ? -21.708 13.204  17.955  1.00 45.56  ? 28  C   A "O2'" 1 
ATOM   593  C  "C1'" . C   A 1 28 ? -20.445 11.437  16.873  1.00 45.29  ? 28  C   A "C1'" 1 
ATOM   594  N  N1    . C   A 1 28 ? -20.335 11.893  15.483  1.00 44.13  ? 28  C   A N1    1 
ATOM   595  C  C2    . C   A 1 28 ? -19.159 12.537  15.084  1.00 47.02  ? 28  C   A C2    1 
ATOM   596  O  O2    . C   A 1 28 ? -18.226 12.663  15.897  1.00 47.77  ? 28  C   A O2    1 
ATOM   597  N  N3    . C   A 1 28 ? -19.048 12.976  13.808  1.00 45.36  ? 28  C   A N3    1 
ATOM   598  C  C4    . C   A 1 28 ? -20.062 12.821  12.957  1.00 45.56  ? 28  C   A C4    1 
ATOM   599  N  N4    . C   A 1 28 ? -19.898 13.285  11.716  1.00 40.31  ? 28  C   A N4    1 
ATOM   600  C  C5    . C   A 1 28 ? -21.278 12.178  13.341  1.00 44.67  ? 28  C   A C5    1 
ATOM   601  C  C6    . C   A 1 28 ? -21.372 11.737  14.603  1.00 47.57  ? 28  C   A C6    1 
ATOM   602  P  P     . U   A 1 29 ? -20.923 10.469  21.143  1.00 50.74  ? 29  U   A P     1 
ATOM   603  O  OP1   . U   A 1 29 ? -19.612 9.797   21.240  1.00 43.18  ? 29  U   A OP1   1 
ATOM   604  O  OP2   . U   A 1 29 ? -22.192 9.724   21.322  1.00 50.42  ? 29  U   A OP2   1 
ATOM   605  O  "O5'" . U   A 1 29 ? -20.893 11.621  22.241  1.00 46.35  ? 29  U   A "O5'" 1 
ATOM   606  C  "C5'" . U   A 1 29 ? -21.913 12.599  22.312  1.00 47.13  ? 29  U   A "C5'" 1 
ATOM   607  C  "C4'" . U   A 1 29 ? -21.430 13.796  23.087  1.00 47.21  ? 29  U   A "C4'" 1 
ATOM   608  O  "O4'" . U   A 1 29 ? -20.850 13.354  24.338  1.00 42.15  ? 29  U   A "O4'" 1 
ATOM   609  C  "C3'" . U   A 1 29 ? -20.309 14.581  22.431  1.00 40.50  ? 29  U   A "C3'" 1 
ATOM   610  O  "O3'" . U   A 1 29 ? -20.780 15.459  21.428  1.00 43.13  ? 29  U   A "O3'" 1 
ATOM   611  C  "C2'" . U   A 1 29 ? -19.647 15.273  23.622  1.00 43.54  ? 29  U   A "C2'" 1 
ATOM   612  O  "O2'" . U   A 1 29 ? -20.386 16.410  24.047  1.00 40.85  ? 29  U   A "O2'" 1 
ATOM   613  C  "C1'" . U   A 1 29 ? -19.778 14.201  24.700  1.00 42.46  ? 29  U   A "C1'" 1 
ATOM   614  N  N1    . U   A 1 29 ? -18.558 13.383  24.836  1.00 40.83  ? 29  U   A N1    1 
ATOM   615  C  C2    . U   A 1 29 ? -17.534 13.936  25.576  1.00 41.30  ? 29  U   A C2    1 
ATOM   616  O  O2    . U   A 1 29 ? -17.605 15.048  26.077  1.00 39.86  ? 29  U   A O2    1 
ATOM   617  N  N3    . U   A 1 29 ? -16.425 13.144  25.696  1.00 42.77  ? 29  U   A N3    1 
ATOM   618  C  C4    . U   A 1 29 ? -16.253 11.881  25.163  1.00 41.67  ? 29  U   A C4    1 
ATOM   619  O  O4    . U   A 1 29 ? -15.193 11.306  25.363  1.00 37.90  ? 29  U   A O4    1 
ATOM   620  C  C5    . U   A 1 29 ? -17.367 11.366  24.422  1.00 39.37  ? 29  U   A C5    1 
ATOM   621  C  C6    . U   A 1 29 ? -18.460 12.125  24.287  1.00 40.98  ? 29  U   A C6    1 
ATOM   622  P  P     . U   A 1 30 ? -19.998 15.564  20.033  1.00 46.85  ? 30  U   A P     1 
ATOM   623  O  OP1   . U   A 1 30 ? -20.649 16.643  19.251  1.00 45.10  ? 30  U   A OP1   1 
ATOM   624  O  OP2   . U   A 1 30 ? -19.798 14.201  19.468  1.00 44.95  ? 30  U   A OP2   1 
ATOM   625  O  "O5'" . U   A 1 30 ? -18.560 16.040  20.488  1.00 41.48  ? 30  U   A "O5'" 1 
ATOM   626  C  "C5'" . U   A 1 30 ? -18.364 17.364  20.958  1.00 44.45  ? 30  U   A "C5'" 1 
ATOM   627  C  "C4'" . U   A 1 30 ? -17.010 17.872  20.561  1.00 44.01  ? 30  U   A "C4'" 1 
ATOM   628  O  "O4'" . U   A 1 30 ? -16.001 17.145  21.302  1.00 46.37  ? 30  U   A "O4'" 1 
ATOM   629  C  "C3'" . U   A 1 30 ? -16.663 17.691  19.087  1.00 48.33  ? 30  U   A "C3'" 1 
ATOM   630  O  "O3'" . U   A 1 30 ? -15.845 18.777  18.672  1.00 48.09  ? 30  U   A "O3'" 1 
ATOM   631  C  "C2'" . U   A 1 30 ? -15.834 16.415  19.089  1.00 45.17  ? 30  U   A "C2'" 1 
ATOM   632  O  "O2'" . U   A 1 30 ? -14.942 16.295  18.002  1.00 45.26  ? 30  U   A "O2'" 1 
ATOM   633  C  "C1'" . U   A 1 30 ? -15.090 16.545  20.407  1.00 44.37  ? 30  U   A "C1'" 1 
ATOM   634  N  N1    . U   A 1 30 ? -14.666 15.266  20.983  1.00 42.61  ? 30  U   A N1    1 
ATOM   635  C  C2    . U   A 1 30 ? -13.317 15.074  21.142  1.00 43.97  ? 30  U   A C2    1 
ATOM   636  O  O2    . U   A 1 30 ? -12.479 15.900  20.828  1.00 45.78  ? 30  U   A O2    1 
ATOM   637  N  N3    . U   A 1 30 ? -12.972 13.872  21.687  1.00 45.75  ? 30  U   A N3    1 
ATOM   638  C  C4    . U   A 1 30 ? -13.816 12.860  22.070  1.00 44.44  ? 30  U   A C4    1 
ATOM   639  O  O4    . U   A 1 30 ? -13.322 11.838  22.544  1.00 51.29  ? 30  U   A O4    1 
ATOM   640  C  C5    . U   A 1 30 ? -15.205 13.133  21.877  1.00 45.50  ? 30  U   A C5    1 
ATOM   641  C  C6    . U   A 1 30 ? -15.578 14.304  21.345  1.00 48.34  ? 30  U   A C6    1 
ATOM   642  P  P     . C   A 1 31 ? -16.480 19.924  17.750  1.00 52.33  ? 31  C   A P     1 
ATOM   643  O  OP1   . C   A 1 31 ? -15.393 20.914  17.523  1.00 53.25  ? 31  C   A OP1   1 
ATOM   644  O  OP2   . C   A 1 31 ? -17.777 20.361  18.304  1.00 47.70  ? 31  C   A OP2   1 
ATOM   645  O  "O5'" . C   A 1 31 ? -16.803 19.160  16.390  1.00 51.00  ? 31  C   A "O5'" 1 
ATOM   646  C  "C5'" . C   A 1 31 ? -15.766 18.825  15.472  1.00 50.34  ? 31  C   A "C5'" 1 
ATOM   647  C  "C4'" . C   A 1 31 ? -16.274 18.814  14.051  1.00 48.82  ? 31  C   A "C4'" 1 
ATOM   648  O  "O4'" . C   A 1 31 ? -17.116 17.648  13.850  1.00 48.98  ? 31  C   A "O4'" 1 
ATOM   649  C  "C3'" . C   A 1 31 ? -17.125 20.022  13.660  1.00 51.89  ? 31  C   A "C3'" 1 
ATOM   650  O  "O3'" . C   A 1 31 ? -16.932 20.312  12.277  1.00 55.25  ? 31  C   A "O3'" 1 
ATOM   651  C  "C2'" . C   A 1 31 ? -18.542 19.505  13.853  1.00 48.79  ? 31  C   A "C2'" 1 
ATOM   652  O  "O2'" . C   A 1 31 ? -19.517 20.186  13.092  1.00 57.08  ? 31  C   A "O2'" 1 
ATOM   653  C  "C1'" . C   A 1 31 ? -18.393 18.058  13.404  1.00 47.85  ? 31  C   A "C1'" 1 
ATOM   654  N  N1    . C   A 1 31 ? -19.393 17.145  13.964  1.00 49.25  ? 31  C   A N1    1 
ATOM   655  C  C2    . C   A 1 31 ? -20.437 16.697  13.146  1.00 47.04  ? 31  C   A C2    1 
ATOM   656  O  O2    . C   A 1 31 ? -20.492 17.080  11.969  1.00 49.69  ? 31  C   A O2    1 
ATOM   657  N  N3    . C   A 1 31 ? -21.358 15.856  13.660  1.00 46.20  ? 31  C   A N3    1 
ATOM   658  C  C4    . C   A 1 31 ? -21.262 15.464  14.931  1.00 45.96  ? 31  C   A C4    1 
ATOM   659  N  N4    . C   A 1 31 ? -22.188 14.632  15.397  1.00 46.02  ? 31  C   A N4    1 
ATOM   660  C  C5    . C   A 1 31 ? -20.215 15.905  15.787  1.00 46.17  ? 31  C   A C5    1 
ATOM   661  C  C6    . C   A 1 31 ? -19.308 16.738  15.266  1.00 48.55  ? 31  C   A C6    1 
ATOM   662  P  P     . G   A 1 32 ? -15.711 21.238  11.792  1.00 54.95  ? 32  G   A P     1 
ATOM   663  O  OP1   . G   A 1 32 ? -15.618 22.432  12.671  1.00 54.31  ? 32  G   A OP1   1 
ATOM   664  O  OP2   . G   A 1 32 ? -15.851 21.381  10.325  1.00 56.85  ? 32  G   A OP2   1 
ATOM   665  O  "O5'" . G   A 1 32 ? -14.418 20.335  12.012  1.00 52.46  ? 32  G   A "O5'" 1 
ATOM   666  C  "C5'" . G   A 1 32 ? -13.340 20.775  12.827  1.00 51.23  ? 32  G   A "C5'" 1 
ATOM   667  C  "C4'" . G   A 1 32 ? -12.302 19.697  12.957  1.00 47.30  ? 32  G   A "C4'" 1 
ATOM   668  O  "O4'" . G   A 1 32 ? -12.922 18.507  13.503  1.00 49.18  ? 32  G   A "O4'" 1 
ATOM   669  C  "C3'" . G   A 1 32 ? -11.695 19.249  11.639  1.00 50.38  ? 32  G   A "C3'" 1 
ATOM   670  O  "O3'" . G   A 1 32 ? -10.580 20.030  11.269  1.00 49.41  ? 32  G   A "O3'" 1 
ATOM   671  C  "C2'" . G   A 1 32 ? -11.363 17.785  11.876  1.00 50.25  ? 32  G   A "C2'" 1 
ATOM   672  O  "O2'" . G   A 1 32 ? -10.140 17.657  12.582  1.00 49.61  ? 32  G   A "O2'" 1 
ATOM   673  C  "C1'" . G   A 1 32 ? -12.505 17.365  12.792  1.00 48.63  ? 32  G   A "C1'" 1 
ATOM   674  N  N9    . G   A 1 32 ? -13.683 16.883  12.050  1.00 51.81  ? 32  G   A N9    1 
ATOM   675  C  C8    . G   A 1 32 ? -14.070 17.130  10.752  1.00 49.72  ? 32  G   A C8    1 
ATOM   676  N  N7    . G   A 1 32 ? -15.204 16.557  10.450  1.00 49.77  ? 32  G   A N7    1 
ATOM   677  C  C5    . G   A 1 32 ? -15.596 15.910  11.621  1.00 50.87  ? 32  G   A C5    1 
ATOM   678  C  C6    . G   A 1 32 ? -16.736 15.120  11.929  1.00 49.36  ? 32  G   A C6    1 
ATOM   679  O  O6    . G   A 1 32 ? -17.692 14.796  11.219  1.00 47.70  ? 32  G   A O6    1 
ATOM   680  N  N1    . G   A 1 32 ? -16.713 14.672  13.239  1.00 48.13  ? 32  G   A N1    1 
ATOM   681  C  C2    . G   A 1 32 ? -15.733 14.933  14.150  1.00 49.11  ? 32  G   A C2    1 
ATOM   682  N  N2    . G   A 1 32 ? -15.916 14.401  15.366  1.00 52.64  ? 32  G   A N2    1 
ATOM   683  N  N3    . G   A 1 32 ? -14.671 15.664  13.888  1.00 48.54  ? 32  G   A N3    1 
ATOM   684  C  C4    . G   A 1 32 ? -14.668 16.111  12.615  1.00 51.60  ? 32  G   A C4    1 
ATOM   685  P  P     . A   A 1 33 ? -10.647 20.961  9.964   1.00 45.66  ? 33  A   A P     1 
ATOM   686  O  OP1   . A   A 1 33 ? -9.310  21.597  9.945   1.00 44.32  ? 33  A   A OP1   1 
ATOM   687  O  OP2   . A   A 1 33 ? -11.903 21.753  9.943   1.00 48.84  ? 33  A   A OP2   1 
ATOM   688  O  "O5'" . A   A 1 33 ? -10.810 19.923  8.763   1.00 46.99  ? 33  A   A "O5'" 1 
ATOM   689  C  "C5'" . A   A 1 33 ? -9.877  18.873  8.579   1.00 45.75  ? 33  A   A "C5'" 1 
ATOM   690  C  "C4'" . A   A 1 33 ? -10.536 17.651  7.989   1.00 47.84  ? 33  A   A "C4'" 1 
ATOM   691  O  "O4'" . A   A 1 33 ? -10.858 17.888  6.600   1.00 43.61  ? 33  A   A "O4'" 1 
ATOM   692  C  "C3'" . A   A 1 33 ? -9.685  16.393  7.976   1.00 46.75  ? 33  A   A "C3'" 1 
ATOM   693  O  "O3'" . A   A 1 33 ? -9.785  15.698  9.200   1.00 52.52  ? 33  A   A "O3'" 1 
ATOM   694  C  "C2'" . A   A 1 33 ? -10.243 15.604  6.798   1.00 44.42  ? 33  A   A "C2'" 1 
ATOM   695  O  "O2'" . A   A 1 33 ? -11.406 14.892  7.181   1.00 46.20  ? 33  A   A "O2'" 1 
ATOM   696  C  "C1'" . A   A 1 33 ? -10.660 16.718  5.845   1.00 43.07  ? 33  A   A "C1'" 1 
ATOM   697  N  N9    . A   A 1 33 ? -9.618  17.014  4.867   1.00 48.93  ? 33  A   A N9    1 
ATOM   698  C  C8    . A   A 1 33 ? -8.284  17.224  5.126   1.00 42.42  ? 33  A   A C8    1 
ATOM   699  N  N7    . A   A 1 33 ? -7.609  17.488  4.057   1.00 49.39  ? 33  A   A N7    1 
ATOM   700  C  C5    . A   A 1 33 ? -8.554  17.460  3.045   1.00 46.60  ? 33  A   A C5    1 
ATOM   701  C  C6    . A   A 1 33 ? -8.418  17.667  1.672   1.00 50.86  ? 33  A   A C6    1 
ATOM   702  N  N6    . A   A 1 33 ? -7.230  17.959  1.117   1.00 45.47  ? 33  A   A N6    1 
ATOM   703  N  N1    . A   A 1 33 ? -9.542  17.563  0.925   1.00 45.28  ? 33  A   A N1    1 
ATOM   704  C  C2    . A   A 1 33 ? -10.698 17.274  1.546   1.00 49.42  ? 33  A   A C2    1 
ATOM   705  N  N3    . A   A 1 33 ? -10.950 17.068  2.843   1.00 47.99  ? 33  A   A N3    1 
ATOM   706  C  C4    . A   A 1 33 ? -9.810  17.180  3.531   1.00 47.77  ? 33  A   A C4    1 
ATOM   707  P  P     . C   A 1 34 ? -8.605  14.736  9.679   1.00 56.17  ? 34  C   A P     1 
ATOM   708  O  OP1   . C   A 1 34 ? -7.489  15.634  10.071  1.00 57.10  ? 34  C   A OP1   1 
ATOM   709  O  OP2   . C   A 1 34 ? -8.451  13.658  8.665   1.00 47.33  ? 34  C   A OP2   1 
ATOM   710  O  "O5'" . C   A 1 34 ? -9.172  14.071  11.007  1.00 51.56  ? 34  C   A "O5'" 1 
ATOM   711  C  "C5'" . C   A 1 34 ? -8.932  14.655  12.274  1.00 50.51  ? 34  C   A "C5'" 1 
ATOM   712  C  "C4'" . C   A 1 34 ? -9.729  13.937  13.323  1.00 50.39  ? 34  C   A "C4'" 1 
ATOM   713  O  "O4'" . C   A 1 34 ? -11.077 14.470  13.327  1.00 53.61  ? 34  C   A "O4'" 1 
ATOM   714  C  "C3'" . C   A 1 34 ? -9.916  12.445  13.075  1.00 49.88  ? 34  C   A "C3'" 1 
ATOM   715  O  "O3'" . C   A 1 34 ? -8.832  11.660  13.537  1.00 51.66  ? 34  C   A "O3'" 1 
ATOM   716  C  "C2'" . C   A 1 34 ? -11.218 12.147  13.792  1.00 51.89  ? 34  C   A "C2'" 1 
ATOM   717  O  "O2'" . C   A 1 34 ? -10.991 12.027  15.185  1.00 51.66  ? 34  C   A "O2'" 1 
ATOM   718  C  "C1'" . C   A 1 34 ? -12.006 13.433  13.540  1.00 52.07  ? 34  C   A "C1'" 1 
ATOM   719  N  N1    . C   A 1 34 ? -12.878 13.336  12.349  1.00 50.10  ? 34  C   A N1    1 
ATOM   720  C  C2    . C   A 1 34 ? -14.072 12.635  12.470  1.00 49.40  ? 34  C   A C2    1 
ATOM   721  O  O2    . C   A 1 34 ? -14.344 12.118  13.562  1.00 48.24  ? 34  C   A O2    1 
ATOM   722  N  N3    . C   A 1 34 ? -14.894 12.535  11.403  1.00 47.61  ? 34  C   A N3    1 
ATOM   723  C  C4    . C   A 1 34 ? -14.573 13.106  10.246  1.00 49.55  ? 34  C   A C4    1 
ATOM   724  N  N4    . C   A 1 34 ? -15.432 12.982  9.227   1.00 46.27  ? 34  C   A N4    1 
ATOM   725  C  C5    . C   A 1 34 ? -13.355 13.828  10.092  1.00 45.42  ? 34  C   A C5    1 
ATOM   726  C  C6    . C   A 1 34 ? -12.550 13.920  11.161  1.00 49.09  ? 34  C   A C6    1 
ATOM   727  P  P     . U   A 1 35 ? -8.465  10.265  12.825  1.00 57.28  ? 35  U   A P     1 
ATOM   728  O  OP1   . U   A 1 35 ? -7.258  9.731   13.494  1.00 58.78  ? 35  U   A OP1   1 
ATOM   729  O  OP2   . U   A 1 35 ? -8.454  10.431  11.347  1.00 51.77  ? 35  U   A OP2   1 
ATOM   730  O  "O5'" . U   A 1 35 ? -9.676  9.305   13.205  1.00 56.42  ? 35  U   A "O5'" 1 
ATOM   731  C  "C5'" . U   A 1 35 ? -9.854  8.837   14.534  1.00 52.71  ? 35  U   A "C5'" 1 
ATOM   732  C  "C4'" . U   A 1 35 ? -11.096 7.993   14.654  1.00 53.98  ? 35  U   A "C4'" 1 
ATOM   733  O  "O4'" . U   A 1 35 ? -12.276 8.803   14.392  1.00 53.79  ? 35  U   A "O4'" 1 
ATOM   734  C  "C3'" . U   A 1 35 ? -11.220 6.853   13.659  1.00 52.68  ? 35  U   A "C3'" 1 
ATOM   735  O  "O3'" . U   A 1 35 ? -10.447 5.715   13.990  1.00 55.92  ? 35  U   A "O3'" 1 
ATOM   736  C  "C2'" . U   A 1 35 ? -12.716 6.595   13.652  1.00 52.39  ? 35  U   A "C2'" 1 
ATOM   737  O  "O2'" . U   A 1 35 ? -13.089 5.915   14.838  1.00 57.57  ? 35  U   A "O2'" 1 
ATOM   738  C  "C1'" . U   A 1 35 ? -13.255 8.021   13.736  1.00 49.66  ? 35  U   A "C1'" 1 
ATOM   739  N  N1    . U   A 1 35 ? -13.497 8.589   12.390  1.00 50.40  ? 35  U   A N1    1 
ATOM   740  C  C2    . U   A 1 35 ? -14.678 8.250   11.757  1.00 48.43  ? 35  U   A C2    1 
ATOM   741  O  O2    . U   A 1 35 ? -15.509 7.522   12.252  1.00 47.03  ? 35  U   A O2    1 
ATOM   742  N  N3    . U   A 1 35 ? -14.857 8.792   10.514  1.00 46.79  ? 35  U   A N3    1 
ATOM   743  C  C4    . U   A 1 35 ? -13.987 9.619   9.838   1.00 48.06  ? 35  U   A C4    1 
ATOM   744  O  O4    . U   A 1 35 ? -14.303 10.029  8.721   1.00 44.77  ? 35  U   A O4    1 
ATOM   745  C  C5    . U   A 1 35 ? -12.781 9.931   10.549  1.00 49.63  ? 35  U   A C5    1 
ATOM   746  C  C6    . U   A 1 35 ? -12.580 9.416   11.769  1.00 50.50  ? 35  U   A C6    1 
ATOM   747  P  P     . G   A 1 36 ? -9.837  4.817   12.807  1.00 61.22  ? 36  G   A P     1 
ATOM   748  O  OP1   . G   A 1 36 ? -8.784  3.918   13.354  1.00 59.78  ? 36  G   A OP1   1 
ATOM   749  O  OP2   . G   A 1 36 ? -9.485  5.762   11.716  1.00 58.14  ? 36  G   A OP2   1 
ATOM   750  O  "O5'" . G   A 1 36 ? -11.078 3.938   12.324  1.00 58.32  ? 36  G   A "O5'" 1 
ATOM   751  C  "C5'" . G   A 1 36 ? -11.810 3.146   13.250  1.00 60.18  ? 36  G   A "C5'" 1 
ATOM   752  C  "C4'" . G   A 1 36 ? -13.095 2.615   12.660  1.00 56.49  ? 36  G   A "C4'" 1 
ATOM   753  O  "O4'" . G   A 1 36 ? -14.048 3.697   12.453  1.00 56.94  ? 36  G   A "O4'" 1 
ATOM   754  C  "C3'" . G   A 1 36 ? -13.000 1.968   11.290  1.00 53.68  ? 36  G   A "C3'" 1 
ATOM   755  O  "O3'" . G   A 1 36 ? -12.479 0.657   11.310  1.00 57.13  ? 36  G   A "O3'" 1 
ATOM   756  C  "C2'" . G   A 1 36 ? -14.438 2.033   10.814  1.00 55.77  ? 36  G   A "C2'" 1 
ATOM   757  O  "O2'" . G   A 1 36 ? -15.230 1.068   11.492  1.00 58.67  ? 36  G   A "O2'" 1 
ATOM   758  C  "C1'" . G   A 1 36 ? -14.840 3.414   11.315  1.00 54.77  ? 36  G   A "C1'" 1 
ATOM   759  N  N9    . G   A 1 36 ? -14.592 4.430   10.275  1.00 51.41  ? 36  G   A N9    1 
ATOM   760  C  C8    . G   A 1 36 ? -13.543 5.304   10.166  1.00 49.21  ? 36  G   A C8    1 
ATOM   761  N  N7    . G   A 1 36 ? -13.638 6.057   9.099   1.00 51.22  ? 36  G   A N7    1 
ATOM   762  C  C5    . G   A 1 36 ? -14.810 5.653   8.464   1.00 48.62  ? 36  G   A C5    1 
ATOM   763  C  C6    . G   A 1 36 ? -15.437 6.110   7.269   1.00 46.22  ? 36  G   A C6    1 
ATOM   764  O  O6    . G   A 1 36 ? -15.065 7.001   6.499   1.00 45.97  ? 36  G   A O6    1 
ATOM   765  N  N1    . G   A 1 36 ? -16.620 5.419   7.001   1.00 49.16  ? 36  G   A N1    1 
ATOM   766  C  C2    . G   A 1 36 ? -17.135 4.412   7.781   1.00 47.98  ? 36  G   A C2    1 
ATOM   767  N  N2    . G   A 1 36 ? -18.279 3.857   7.361   1.00 48.57  ? 36  G   A N2    1 
ATOM   768  N  N3    . G   A 1 36 ? -16.562 3.984   8.899   1.00 51.56  ? 36  G   A N3    1 
ATOM   769  C  C4    . G   A 1 36 ? -15.408 4.641   9.179   1.00 51.29  ? 36  G   A C4    1 
ATOM   770  P  P     . G   A 1 37 ? -11.695 0.108   10.026  1.00 65.82  ? 37  G   A P     1 
ATOM   771  O  OP1   . G   A 1 37 ? -11.107 -1.196  10.420  1.00 67.38  ? 37  G   A OP1   1 
ATOM   772  O  OP2   . G   A 1 37 ? -10.807 1.180   9.505   1.00 58.56  ? 37  G   A OP2   1 
ATOM   773  O  "O5'" . G   A 1 37 ? -12.836 -0.101  8.928   1.00 57.45  ? 37  G   A "O5'" 1 
ATOM   774  C  "C5'" . G   A 1 37 ? -13.911 -0.993  9.153   1.00 54.83  ? 37  G   A "C5'" 1 
ATOM   775  C  "C4'" . G   A 1 37 ? -14.916 -0.961  8.031   1.00 54.25  ? 37  G   A "C4'" 1 
ATOM   776  O  "O4'" . G   A 1 37 ? -15.592 0.327   7.975   1.00 54.78  ? 37  G   A "O4'" 1 
ATOM   777  C  "C3'" . G   A 1 37 ? -14.377 -1.138  6.622   1.00 54.33  ? 37  G   A "C3'" 1 
ATOM   778  O  "O3'" . G   A 1 37 ? -14.037 -2.479  6.303   1.00 59.15  ? 37  G   A "O3'" 1 
ATOM   779  C  "C2'" . G   A 1 37 ? -15.521 -0.587  5.790   1.00 52.26  ? 37  G   A "C2'" 1 
ATOM   780  O  "O2'" . G   A 1 37 ? -16.598 -1.507  5.777   1.00 48.47  ? 37  G   A "O2'" 1 
ATOM   781  C  "C1'" . G   A 1 37 ? -15.929 0.623   6.632   1.00 52.99  ? 37  G   A "C1'" 1 
ATOM   782  N  N9    . G   A 1 37 ? -15.184 1.813   6.183   1.00 49.56  ? 37  G   A N9    1 
ATOM   783  C  C8    . G   A 1 37 ? -14.029 2.374   6.680   1.00 49.37  ? 37  G   A C8    1 
ATOM   784  N  N7    . G   A 1 37 ? -13.625 3.410   5.986   1.00 46.95  ? 37  G   A N7    1 
ATOM   785  C  C5    . G   A 1 37 ? -14.556 3.527   4.961   1.00 46.40  ? 37  G   A C5    1 
ATOM   786  C  C6    . G   A 1 37 ? -14.654 4.457   3.892   1.00 45.43  ? 37  G   A C6    1 
ATOM   787  O  O6    . G   A 1 37 ? -13.907 5.408   3.623   1.00 44.38  ? 37  G   A O6    1 
ATOM   788  N  N1    . G   A 1 37 ? -15.757 4.191   3.086   1.00 44.11  ? 37  G   A N1    1 
ATOM   789  C  C2    . G   A 1 37 ? -16.655 3.163   3.289   1.00 48.13  ? 37  G   A C2    1 
ATOM   790  N  N2    . G   A 1 37 ? -17.677 3.049   2.422   1.00 46.11  ? 37  G   A N2    1 
ATOM   791  N  N3    . G   A 1 37 ? -16.571 2.297   4.284   1.00 47.04  ? 37  G   A N3    1 
ATOM   792  C  C4    . G   A 1 37 ? -15.509 2.541   5.069   1.00 47.26  ? 37  G   A C4    1 
ATOM   793  P  P     . G   A 1 38 ? -12.988 -2.798  5.125   1.00 54.14  ? 38  G   A P     1 
ATOM   794  O  OP1   . G   A 1 38 ? -12.730 -4.256  5.157   1.00 58.88  ? 38  G   A OP1   1 
ATOM   795  O  OP2   . G   A 1 38 ? -11.842 -1.861  5.211   1.00 58.32  ? 38  G   A OP2   1 
ATOM   796  O  "O5'" . G   A 1 38 ? -13.773 -2.449  3.782   1.00 55.05  ? 38  G   A "O5'" 1 
ATOM   797  C  "C5'" . G   A 1 38 ? -14.968 -3.133  3.431   1.00 53.71  ? 38  G   A "C5'" 1 
ATOM   798  C  "C4'" . G   A 1 38 ? -15.592 -2.576  2.176   1.00 50.62  ? 38  G   A "C4'" 1 
ATOM   799  O  "O4'" . G   A 1 38 ? -16.023 -1.205  2.391   1.00 54.81  ? 38  G   A "O4'" 1 
ATOM   800  C  "C3'" . G   A 1 38 ? -14.697 -2.490  0.955   1.00 51.99  ? 38  G   A "C3'" 1 
ATOM   801  O  "O3'" . G   A 1 38 ? -14.555 -3.739  0.298   1.00 51.60  ? 38  G   A "O3'" 1 
ATOM   802  C  "C2'" . G   A 1 38 ? -15.400 -1.431  0.115   1.00 51.33  ? 38  G   A "C2'" 1 
ATOM   803  O  "O2'" . G   A 1 38 ? -16.540 -1.981  -0.523  1.00 57.29  ? 38  G   A "O2'" 1 
ATOM   804  C  "C1'" . G   A 1 38 ? -15.879 -0.462  1.199   1.00 49.89  ? 38  G   A "C1'" 1 
ATOM   805  N  N9    . G   A 1 38 ? -14.891 0.611   1.430   1.00 46.46  ? 38  G   A N9    1 
ATOM   806  C  C8    . G   A 1 38 ? -13.994 0.703   2.466   1.00 43.44  ? 38  G   A C8    1 
ATOM   807  N  N7    . G   A 1 38 ? -13.230 1.759   2.389   1.00 44.85  ? 38  G   A N7    1 
ATOM   808  C  C5    . G   A 1 38 ? -13.643 2.398   1.229   1.00 43.60  ? 38  G   A C5    1 
ATOM   809  C  C6    . G   A 1 38 ? -13.173 3.589   0.622   1.00 42.25  ? 38  G   A C6    1 
ATOM   810  O  O6    . G   A 1 38 ? -12.258 4.343   1.001   1.00 40.75  ? 38  G   A O6    1 
ATOM   811  N  N1    . G   A 1 38 ? -13.874 3.869   -0.544  1.00 39.71  ? 38  G   A N1    1 
ATOM   812  C  C2    . G   A 1 38 ? -14.885 3.101   -1.064  1.00 41.83  ? 38  G   A C2    1 
ATOM   813  N  N2    . G   A 1 38 ? -15.446 3.538   -2.202  1.00 41.67  ? 38  G   A N2    1 
ATOM   814  N  N3    . G   A 1 38 ? -15.321 1.985   -0.509  1.00 43.60  ? 38  G   A N3    1 
ATOM   815  C  C4    . G   A 1 38 ? -14.661 1.697   0.624   1.00 42.42  ? 38  G   A C4    1 
ATOM   816  P  P     . A   A 1 39 ? -13.222 -4.102  -0.519  1.00 55.76  ? 39  A   A P     1 
ATOM   817  O  OP1   . A   A 1 39 ? -13.343 -5.522  -0.938  1.00 57.83  ? 39  A   A OP1   1 
ATOM   818  O  OP2   . A   A 1 39 ? -12.022 -3.657  0.231   1.00 55.76  ? 39  A   A OP2   1 
ATOM   819  O  "O5'" . A   A 1 39 ? -13.308 -3.206  -1.827  1.00 49.75  ? 39  A   A "O5'" 1 
ATOM   820  C  "C5'" . A   A 1 39 ? -14.367 -3.364  -2.748  1.00 49.69  ? 39  A   A "C5'" 1 
ATOM   821  C  "C4'" . A   A 1 39 ? -14.343 -2.273  -3.784  1.00 48.72  ? 39  A   A "C4'" 1 
ATOM   822  O  "O4'" . A   A 1 39 ? -14.610 -0.992  -3.153  1.00 46.91  ? 39  A   A "O4'" 1 
ATOM   823  C  "C3'" . A   A 1 39 ? -13.016 -2.065  -4.495  1.00 44.46  ? 39  A   A "C3'" 1 
ATOM   824  O  "O3'" . A   A 1 39 ? -12.813 -2.984  -5.552  1.00 44.05  ? 39  A   A "O3'" 1 
ATOM   825  C  "C2'" . A   A 1 39 ? -13.123 -0.621  -4.962  1.00 46.01  ? 39  A   A "C2'" 1 
ATOM   826  O  "O2'" . A   A 1 39 ? -13.967 -0.529  -6.097  1.00 47.67  ? 39  A   A "O2'" 1 
ATOM   827  C  "C1'" . A   A 1 39 ? -13.845 0.019   -3.778  1.00 43.04  ? 39  A   A "C1'" 1 
ATOM   828  N  N9    . A   A 1 39 ? -12.886 0.572   -2.795  1.00 42.03  ? 39  A   A N9    1 
ATOM   829  C  C8    . A   A 1 39 ? -12.453 0.028   -1.612  1.00 42.26  ? 39  A   A C8    1 
ATOM   830  N  N7    . A   A 1 39 ? -11.582 0.774   -0.961  1.00 42.12  ? 39  A   A N7    1 
ATOM   831  C  C5    . A   A 1 39 ? -11.430 1.883   -1.777  1.00 38.87  ? 39  A   A C5    1 
ATOM   832  C  C6    . A   A 1 39 ? -10.650 3.049   -1.659  1.00 37.44  ? 39  A   A C6    1 
ATOM   833  N  N6    . A   A 1 39 ? -9.847  3.309   -0.630  1.00 36.04  ? 39  A   A N6    1 
ATOM   834  N  N1    . A   A 1 39 ? -10.723 3.954   -2.656  1.00 36.94  ? 39  A   A N1    1 
ATOM   835  C  C2    . A   A 1 39 ? -11.538 3.708   -3.691  1.00 38.47  ? 39  A   A C2    1 
ATOM   836  N  N3    . A   A 1 39 ? -12.326 2.658   -3.909  1.00 39.31  ? 39  A   A N3    1 
ATOM   837  C  C4    . A   A 1 39 ? -12.227 1.770   -2.905  1.00 40.23  ? 39  A   A C4    1 
ATOM   838  P  P     . C   A 1 40 ? -11.356 -3.579  -5.859  1.00 50.16  ? 40  C   A P     1 
ATOM   839  O  OP1   . C   A 1 40 ? -11.544 -4.725  -6.784  1.00 52.82  ? 40  C   A OP1   1 
ATOM   840  O  OP2   . C   A 1 40 ? -10.603 -3.759  -4.596  1.00 47.20  ? 40  C   A OP2   1 
ATOM   841  O  "O5'" . C   A 1 40 ? -10.640 -2.430  -6.684  1.00 48.07  ? 40  C   A "O5'" 1 
ATOM   842  C  "C5'" . C   A 1 40 ? -11.276 -1.856  -7.810  1.00 45.97  ? 40  C   A "C5'" 1 
ATOM   843  C  "C4'" . C   A 1 40 ? -10.655 -0.534  -8.161  1.00 45.87  ? 40  C   A "C4'" 1 
ATOM   844  O  "O4'" . C   A 1 40 ? -10.929 0.434   -7.113  1.00 45.48  ? 40  C   A "O4'" 1 
ATOM   845  C  "C3'" . C   A 1 40 ? -9.140  -0.520  -8.278  1.00 42.27  ? 40  C   A "C3'" 1 
ATOM   846  O  "O3'" . C   A 1 40 ? -8.672  -1.045  -9.511  1.00 45.82  ? 40  C   A "O3'" 1 
ATOM   847  C  "C2'" . C   A 1 40 ? -8.819  0.952   -8.080  1.00 41.96  ? 40  C   A "C2'" 1 
ATOM   848  O  "O2'" . C   A 1 40 ? -9.094  1.680   -9.264  1.00 44.37  ? 40  C   A "O2'" 1 
ATOM   849  C  "C1'" . C   A 1 40 ? -9.853  1.346   -7.019  1.00 41.77  ? 40  C   A "C1'" 1 
ATOM   850  N  N1    . C   A 1 40 ? -9.288  1.289   -5.653  1.00 40.01  ? 40  C   A N1    1 
ATOM   851  C  C2    . C   A 1 40 ? -8.542  2.390   -5.208  1.00 40.13  ? 40  C   A C2    1 
ATOM   852  O  O2    . C   A 1 40 ? -8.404  3.357   -5.972  1.00 37.37  ? 40  C   A O2    1 
ATOM   853  N  N3    . C   A 1 40 ? -7.997  2.371   -3.967  1.00 35.27  ? 40  C   A N3    1 
ATOM   854  C  C4    . C   A 1 40 ? -8.163  1.315   -3.181  1.00 35.72  ? 40  C   A C4    1 
ATOM   855  N  N4    . C   A 1 40 ? -7.611  1.350   -1.965  1.00 36.27  ? 40  C   A N4    1 
ATOM   856  C  C5    . C   A 1 40 ? -8.911  0.178   -3.608  1.00 38.23  ? 40  C   A C5    1 
ATOM   857  C  C6    . C   A 1 40 ? -9.454  0.205   -4.839  1.00 38.80  ? 40  C   A C6    1 
ATOM   858  P  P     . U   A 1 41 ? -7.208  -1.723  -9.629  1.00 49.18  ? 41  U   A P     1 
ATOM   859  O  OP1   . U   A 1 41 ? -7.043  -2.133  -11.047 1.00 51.03  ? 41  U   A OP1   1 
ATOM   860  O  OP2   . U   A 1 41 ? -7.013  -2.694  -8.523  1.00 43.29  ? 41  U   A OP2   1 
ATOM   861  O  "O5'" . U   A 1 41 ? -6.188  -0.536  -9.358  1.00 42.36  ? 41  U   A "O5'" 1 
ATOM   862  C  "C5'" . U   A 1 41 ? -5.932  0.453   -10.336 1.00 44.90  ? 41  U   A "C5'" 1 
ATOM   863  C  "C4'" . U   A 1 41 ? -5.184  1.617   -9.738  1.00 41.51  ? 41  U   A "C4'" 1 
ATOM   864  O  "O4'" . U   A 1 41 ? -5.902  2.095   -8.566  1.00 46.74  ? 41  U   A "O4'" 1 
ATOM   865  C  "C3'" . U   A 1 41 ? -3.798  1.321   -9.193  1.00 43.89  ? 41  U   A "C3'" 1 
ATOM   866  O  "O3'" . U   A 1 41 ? -2.771  1.239   -10.166 1.00 49.16  ? 41  U   A "O3'" 1 
ATOM   867  C  "C2'" . U   A 1 41 ? -3.600  2.463   -8.222  1.00 38.49  ? 41  U   A "C2'" 1 
ATOM   868  O  "O2'" . U   A 1 41 ? -3.406  3.670   -8.935  1.00 36.49  ? 41  U   A "O2'" 1 
ATOM   869  C  "C1'" . U   A 1 41 ? -4.972  2.520   -7.586  1.00 40.42  ? 41  U   A "C1'" 1 
ATOM   870  N  N1    . U   A 1 41 ? -5.051  1.632   -6.400  1.00 37.36  ? 41  U   A N1    1 
ATOM   871  C  C2    . U   A 1 41 ? -4.480  2.143   -5.257  1.00 38.58  ? 41  U   A C2    1 
ATOM   872  O  O2    . U   A 1 41 ? -3.944  3.240   -5.234  1.00 37.37  ? 41  U   A O2    1 
ATOM   873  N  N3    . U   A 1 41 ? -4.566  1.334   -4.154  1.00 37.53  ? 41  U   A N3    1 
ATOM   874  C  C4    . U   A 1 41 ? -5.151  0.090   -4.075  1.00 37.43  ? 41  U   A C4    1 
ATOM   875  O  O4    . U   A 1 41 ? -5.140  -0.508  -2.996  1.00 35.95  ? 41  U   A O4    1 
ATOM   876  C  C5    . U   A 1 41 ? -5.713  -0.377  -5.303  1.00 40.32  ? 41  U   A C5    1 
ATOM   877  C  C6    . U   A 1 41 ? -5.646  0.395   -6.399  1.00 39.58  ? 41  U   A C6    1 
ATOM   878  P  P     . A   A 1 42 ? -1.507  0.289   -9.882  1.00 52.78  ? 42  A   A P     1 
ATOM   879  O  OP1   . A   A 1 42 ? -0.585  0.418   -11.037 1.00 57.12  ? 42  A   A OP1   1 
ATOM   880  O  OP2   . A   A 1 42 ? -1.989  -1.047  -9.449  1.00 44.37  ? 42  A   A OP2   1 
ATOM   881  O  "O5'" . A   A 1 42 ? -0.809  0.912   -8.594  1.00 43.41  ? 42  A   A "O5'" 1 
ATOM   882  C  "C5'" . A   A 1 42 ? -0.224  2.195   -8.648  1.00 41.70  ? 42  A   A "C5'" 1 
ATOM   883  C  "C4'" . A   A 1 42 ? 0.196   2.667   -7.283  1.00 41.61  ? 42  A   A "C4'" 1 
ATOM   884  O  "O4'" . A   A 1 42 ? -0.909  2.576   -6.347  1.00 44.53  ? 42  A   A "O4'" 1 
ATOM   885  C  "C3'" . A   A 1 42 ? 1.308   1.895   -6.594  1.00 39.14  ? 42  A   A "C3'" 1 
ATOM   886  O  "O3'" . A   A 1 42 ? 2.599   2.209   -7.106  1.00 41.59  ? 42  A   A "O3'" 1 
ATOM   887  C  "C2'" . A   A 1 42 ? 1.120   2.318   -5.147  1.00 41.37  ? 42  A   A "C2'" 1 
ATOM   888  O  "O2'" . A   A 1 42 ? 1.584   3.646   -4.975  1.00 37.55  ? 42  A   A "O2'" 1 
ATOM   889  C  "C1'" . A   A 1 42 ? -0.403  2.360   -5.046  1.00 37.69  ? 42  A   A "C1'" 1 
ATOM   890  N  N9    . A   A 1 42 ? -0.990  1.127   -4.490  1.00 35.05  ? 42  A   A N9    1 
ATOM   891  C  C8    . A   A 1 42 ? -1.658  0.120   -5.147  1.00 36.92  ? 42  A   A C8    1 
ATOM   892  N  N7    . A   A 1 42 ? -2.114  -0.818  -4.337  1.00 35.92  ? 42  A   A N7    1 
ATOM   893  C  C5    . A   A 1 42 ? -1.715  -0.412  -3.071  1.00 34.20  ? 42  A   A C5    1 
ATOM   894  C  C6    . A   A 1 42 ? -1.889  -0.973  -1.789  1.00 36.37  ? 42  A   A C6    1 
ATOM   895  N  N6    . A   A 1 42 ? -2.524  -2.133  -1.549  1.00 36.50  ? 42  A   A N6    1 
ATOM   896  N  N1    . A   A 1 42 ? -1.376  -0.289  -0.736  1.00 36.62  ? 42  A   A N1    1 
ATOM   897  C  C2    . A   A 1 42 ? -0.742  0.867   -0.972  1.00 37.45  ? 42  A   A C2    1 
ATOM   898  N  N3    . A   A 1 42 ? -0.523  1.497   -2.124  1.00 35.19  ? 42  A   A N3    1 
ATOM   899  C  C4    . A   A 1 42 ? -1.033  0.795   -3.150  1.00 36.90  ? 42  A   A C4    1 
ATOM   900  P  P     . C   A 1 43 ? 3.736   1.074   -7.242  1.00 45.04  ? 43  C   A P     1 
ATOM   901  O  OP1   . C   A 1 43 ? 4.733   1.622   -8.185  1.00 43.35  ? 43  C   A OP1   1 
ATOM   902  O  OP2   . C   A 1 43 ? 3.126   -0.243  -7.503  1.00 36.52  ? 43  C   A OP2   1 
ATOM   903  O  "O5'" . C   A 1 43 ? 4.412   1.021   -5.801  1.00 40.20  ? 43  C   A "O5'" 1 
ATOM   904  C  "C5'" . C   A 1 43 ? 4.920   2.202   -5.200  1.00 39.27  ? 43  C   A "C5'" 1 
ATOM   905  C  "C4'" . C   A 1 43 ? 4.934   2.097   -3.697  1.00 40.38  ? 43  C   A "C4'" 1 
ATOM   906  O  "O4'" . C   A 1 43 ? 3.582   1.935   -3.203  1.00 38.63  ? 43  C   A "O4'" 1 
ATOM   907  C  "C3'" . C   A 1 43 ? 5.670   0.904   -3.118  1.00 37.75  ? 43  C   A "C3'" 1 
ATOM   908  O  "O3'" . C   A 1 43 ? 7.070   1.079   -3.095  1.00 38.72  ? 43  C   A "O3'" 1 
ATOM   909  C  "C2'" . C   A 1 43 ? 5.044   0.781   -1.737  1.00 40.42  ? 43  C   A "C2'" 1 
ATOM   910  O  "O2'" . C   A 1 43 ? 5.548   1.782   -0.867  1.00 40.21  ? 43  C   A "O2'" 1 
ATOM   911  C  "C1'" . C   A 1 43 ? 3.591   1.130   -2.039  1.00 36.93  ? 43  C   A "C1'" 1 
ATOM   912  N  N1    . C   A 1 43 ? 2.763   -0.068  -2.287  1.00 35.38  ? 43  C   A N1    1 
ATOM   913  C  C2    . C   A 1 43 ? 2.304   -0.802  -1.194  1.00 36.75  ? 43  C   A C2    1 
ATOM   914  O  O2    . C   A 1 43 ? 2.609   -0.437  -0.051  1.00 37.50  ? 43  C   A O2    1 
ATOM   915  N  N3    . C   A 1 43 ? 1.539   -1.893  -1.407  1.00 35.14  ? 43  C   A N3    1 
ATOM   916  C  C4    . C   A 1 43 ? 1.224   -2.250  -2.657  1.00 36.78  ? 43  C   A C4    1 
ATOM   917  N  N4    . C   A 1 43 ? 0.463   -3.330  -2.821  1.00 36.07  ? 43  C   A N4    1 
ATOM   918  C  C5    . C   A 1 43 ? 1.678   -1.514  -3.789  1.00 37.68  ? 43  C   A C5    1 
ATOM   919  C  C6    . C   A 1 43 ? 2.443   -0.441  -3.559  1.00 34.26  ? 43  C   A C6    1 
ATOM   920  P  P     . G   A 1 44 ? 8.035   -0.159  -3.451  1.00 40.91  ? 44  G   A P     1 
ATOM   921  O  OP1   . G   A 1 44 ? 9.387   0.426   -3.577  1.00 42.78  ? 44  G   A OP1   1 
ATOM   922  O  OP2   . G   A 1 44 ? 7.469   -0.972  -4.552  1.00 36.76  ? 44  G   A OP2   1 
ATOM   923  O  "O5'" . G   A 1 44 ? 8.018   -1.039  -2.125  1.00 39.25  ? 44  G   A "O5'" 1 
ATOM   924  C  "C5'" . G   A 1 44 ? 8.490   -0.480  -0.913  1.00 42.50  ? 44  G   A "C5'" 1 
ATOM   925  C  "C4'" . G   A 1 44 ? 8.242   -1.390  0.256   1.00 39.25  ? 44  G   A "C4'" 1 
ATOM   926  O  "O4'" . G   A 1 44 ? 6.821   -1.441  0.564   1.00 41.54  ? 44  G   A "O4'" 1 
ATOM   927  C  "C3'" . G   A 1 44 ? 8.621   -2.846  0.060   1.00 35.75  ? 44  G   A "C3'" 1 
ATOM   928  O  "O3'" . G   A 1 44 ? 10.016  -3.086  0.193   1.00 39.30  ? 44  G   A "O3'" 1 
ATOM   929  C  "C2'" . G   A 1 44 ? 7.786   -3.533  1.124   1.00 39.23  ? 44  G   A "C2'" 1 
ATOM   930  O  "O2'" . G   A 1 44 ? 8.351   -3.297  2.406   1.00 40.15  ? 44  G   A "O2'" 1 
ATOM   931  C  "C1'" . G   A 1 44 ? 6.488   -2.733  1.028   1.00 37.06  ? 44  G   A "C1'" 1 
ATOM   932  N  N9    . G   A 1 44 ? 5.541   -3.328  0.075   1.00 37.64  ? 44  G   A N9    1 
ATOM   933  C  C8    . G   A 1 44 ? 5.225   -2.902  -1.192  1.00 36.63  ? 44  G   A C8    1 
ATOM   934  N  N7    . G   A 1 44 ? 4.296   -3.650  -1.740  1.00 39.23  ? 44  G   A N7    1 
ATOM   935  C  C5    . G   A 1 44 ? 4.002   -4.614  -0.786  1.00 38.34  ? 44  G   A C5    1 
ATOM   936  C  C6    . G   A 1 44 ? 3.081   -5.700  -0.801  1.00 41.29  ? 44  G   A C6    1 
ATOM   937  O  O6    . G   A 1 44 ? 2.290   -6.034  -1.692  1.00 40.16  ? 44  G   A O6    1 
ATOM   938  N  N1    . G   A 1 44 ? 3.113   -6.421  0.393   1.00 39.00  ? 44  G   A N1    1 
ATOM   939  C  C2    . G   A 1 44 ? 3.927   -6.132  1.461   1.00 41.97  ? 44  G   A C2    1 
ATOM   940  N  N2    . G   A 1 44 ? 3.826   -6.943  2.526   1.00 41.93  ? 44  G   A N2    1 
ATOM   941  N  N3    . G   A 1 44 ? 4.785   -5.121  1.486   1.00 39.85  ? 44  G   A N3    1 
ATOM   942  C  C4    . G   A 1 44 ? 4.763   -4.418  0.340   1.00 37.44  ? 44  G   A C4    1 
ATOM   943  P  P     . G   A 1 45 ? 10.685  -4.315  -0.585  1.00 44.09  ? 45  G   A P     1 
ATOM   944  O  OP1   . G   A 1 45 ? 12.136  -4.237  -0.306  1.00 43.03  ? 45  G   A OP1   1 
ATOM   945  O  OP2   . G   A 1 45 ? 10.177  -4.362  -1.976  1.00 38.96  ? 45  G   A OP2   1 
ATOM   946  O  "O5'" . G   A 1 45 ? 10.116  -5.605  0.146   1.00 41.12  ? 45  G   A "O5'" 1 
ATOM   947  C  "C5'" . G   A 1 45 ? 10.423  -5.848  1.502   1.00 40.82  ? 45  G   A "C5'" 1 
ATOM   948  C  "C4'" . G   A 1 45 ? 9.688   -7.051  2.016   1.00 40.43  ? 45  G   A "C4'" 1 
ATOM   949  O  "O4'" . G   A 1 45 ? 8.257   -6.836  1.938   1.00 41.51  ? 45  G   A "O4'" 1 
ATOM   950  C  "C3'" . G   A 1 45 ? 9.898   -8.344  1.251   1.00 38.00  ? 45  G   A "C3'" 1 
ATOM   951  O  "O3'" . G   A 1 45 ? 11.128  -8.965  1.565   1.00 44.02  ? 45  G   A "O3'" 1 
ATOM   952  C  "C2'" . G   A 1 45 ? 8.682   -9.163  1.670   1.00 42.36  ? 45  G   A "C2'" 1 
ATOM   953  O  "O2'" . G   A 1 45 ? 8.878   -9.729  2.957   1.00 43.25  ? 45  G   A "O2'" 1 
ATOM   954  C  "C1'" . G   A 1 45 ? 7.602   -8.078  1.776   1.00 43.71  ? 45  G   A "C1'" 1 
ATOM   955  N  N9    . G   A 1 45 ? 6.747   -8.037  0.572   1.00 41.12  ? 45  G   A N9    1 
ATOM   956  C  C8    . G   A 1 45 ? 6.755   -7.136  -0.464  1.00 38.58  ? 45  G   A C8    1 
ATOM   957  N  N7    . G   A 1 45 ? 5.863   -7.424  -1.379  1.00 38.72  ? 45  G   A N7    1 
ATOM   958  C  C5    . G   A 1 45 ? 5.245   -8.579  -0.928  1.00 39.20  ? 45  G   A C5    1 
ATOM   959  C  C6    . G   A 1 45 ? 4.205   -9.366  -1.486  1.00 42.86  ? 45  G   A C6    1 
ATOM   960  O  O6    . G   A 1 45 ? 3.596   -9.179  -2.545  1.00 43.79  ? 45  G   A O6    1 
ATOM   961  N  N1    . G   A 1 45 ? 3.879   -10.462 -0.684  1.00 39.90  ? 45  G   A N1    1 
ATOM   962  C  C2    . G   A 1 45 ? 4.485   -10.760 0.514   1.00 44.71  ? 45  G   A C2    1 
ATOM   963  N  N2    . G   A 1 45 ? 4.052   -11.854 1.167   1.00 42.84  ? 45  G   A N2    1 
ATOM   964  N  N3    . G   A 1 45 ? 5.456   -10.027 1.041   1.00 43.92  ? 45  G   A N3    1 
ATOM   965  C  C4    . G   A 1 45 ? 5.780   -8.965  0.277   1.00 41.38  ? 45  G   A C4    1 
ATOM   966  P  P     . G   A 1 46 ? 11.983  -9.724  0.433   1.00 44.71  ? 46  G   A P     1 
ATOM   967  O  OP1   . G   A 1 46 ? 13.093  -10.416 1.133   1.00 51.43  ? 46  G   A OP1   1 
ATOM   968  O  OP2   . G   A 1 46 ? 12.287  -8.818  -0.685  1.00 39.09  ? 46  G   A OP2   1 
ATOM   969  O  "O5'" . G   A 1 46 ? 10.988  -10.829 -0.136  1.00 45.01  ? 46  G   A "O5'" 1 
ATOM   970  C  "C5'" . G   A 1 46 ? 10.637  -11.974 0.623   1.00 44.86  ? 46  G   A "C5'" 1 
ATOM   971  C  "C4'" . G   A 1 46 ? 9.539   -12.745 -0.064  1.00 44.39  ? 46  G   A "C4'" 1 
ATOM   972  O  "O4'" . G   A 1 46 ? 8.358   -11.901 -0.190  1.00 45.07  ? 46  G   A "O4'" 1 
ATOM   973  C  "C3'" . G   A 1 46 ? 9.837   -13.180 -1.491  1.00 46.12  ? 46  G   A "C3'" 1 
ATOM   974  O  "O3'" . G   A 1 46 ? 10.607  -14.366 -1.552  1.00 46.15  ? 46  G   A "O3'" 1 
ATOM   975  C  "C2'" . G   A 1 46 ? 8.437   -13.337 -2.084  1.00 46.08  ? 46  G   A "C2'" 1 
ATOM   976  O  "O2'" . G   A 1 46 ? 7.853   -14.572 -1.700  1.00 45.38  ? 46  G   A "O2'" 1 
ATOM   977  C  "C1'" . G   A 1 46 ? 7.685   -12.187 -1.399  1.00 42.92  ? 46  G   A "C1'" 1 
ATOM   978  N  N9    . G   A 1 46 ? 7.704   -10.995 -2.270  1.00 42.48  ? 46  G   A N9    1 
ATOM   979  C  C8    . G   A 1 46 ? 8.641   -9.996  -2.326  1.00 40.61  ? 46  G   A C8    1 
ATOM   980  N  N7    . G   A 1 46 ? 8.401   -9.102  -3.247  1.00 39.45  ? 46  G   A N7    1 
ATOM   981  C  C5    . G   A 1 46 ? 7.245   -9.555  -3.857  1.00 39.61  ? 46  G   A C5    1 
ATOM   982  C  C6    . G   A 1 46 ? 6.509   -9.005  -4.934  1.00 41.04  ? 46  G   A C6    1 
ATOM   983  O  O6    . G   A 1 46 ? 6.761   -7.989  -5.574  1.00 40.01  ? 46  G   A O6    1 
ATOM   984  N  N1    . G   A 1 46 ? 5.379   -9.759  -5.241  1.00 42.04  ? 46  G   A N1    1 
ATOM   985  C  C2    . G   A 1 46 ? 5.021   -10.912 -4.592  1.00 41.41  ? 46  G   A C2    1 
ATOM   986  N  N2    . G   A 1 46 ? 3.916   -11.503 -5.046  1.00 40.94  ? 46  G   A N2    1 
ATOM   987  N  N3    . G   A 1 46 ? 5.707   -11.450 -3.589  1.00 40.16  ? 46  G   A N3    1 
ATOM   988  C  C4    . G   A 1 46 ? 6.803   -10.722 -3.278  1.00 42.07  ? 46  G   A C4    1 
ATOM   989  P  P     . A   A 1 47 ? 12.101  -14.391 -2.155  1.00 49.36  ? 47  A   A P     1 
ATOM   990  O  OP1   . A   A 1 47 ? 13.021  -14.450 -0.996  1.00 48.59  ? 47  A   A OP1   1 
ATOM   991  O  OP2   . A   A 1 47 ? 12.325  -13.339 -3.180  1.00 46.07  ? 47  A   A OP2   1 
ATOM   992  O  "O5'" . A   A 1 47 ? 12.158  -15.797 -2.891  1.00 48.56  ? 47  A   A "O5'" 1 
ATOM   993  C  "C5'" . A   A 1 47 ? 11.952  -16.998 -2.162  1.00 51.11  ? 47  A   A "C5'" 1 
ATOM   994  C  "C4'" . A   A 1 47 ? 11.176  -18.013 -2.962  1.00 50.48  ? 47  A   A "C4'" 1 
ATOM   995  O  "O4'" . A   A 1 47 ? 9.814   -17.544 -3.158  1.00 50.69  ? 47  A   A "O4'" 1 
ATOM   996  C  "C3'" . A   A 1 47 ? 11.683  -18.289 -4.371  1.00 50.06  ? 47  A   A "C3'" 1 
ATOM   997  O  "O3'" . A   A 1 47 ? 12.747  -19.227 -4.397  1.00 54.14  ? 47  A   A "O3'" 1 
ATOM   998  C  "C2'" . A   A 1 47 ? 10.431  -18.789 -5.073  1.00 48.69  ? 47  A   A "C2'" 1 
ATOM   999  O  "O2'" . A   A 1 47 ? 10.163  -20.127 -4.697  1.00 49.95  ? 47  A   A "O2'" 1 
ATOM   1000 C  "C1'" . A   A 1 47 ? 9.365   -17.891 -4.449  1.00 46.04  ? 47  A   A "C1'" 1 
ATOM   1001 N  N9    . A   A 1 47 ? 9.230   -16.647 -5.215  1.00 45.50  ? 47  A   A N9    1 
ATOM   1002 C  C8    . A   A 1 47 ? 9.671   -15.393 -4.866  1.00 45.96  ? 47  A   A C8    1 
ATOM   1003 N  N7    . A   A 1 47 ? 9.428   -14.478 -5.777  1.00 45.10  ? 47  A   A N7    1 
ATOM   1004 C  C5    . A   A 1 47 ? 8.790   -15.187 -6.789  1.00 42.86  ? 47  A   A C5    1 
ATOM   1005 C  C6    . A   A 1 47 ? 8.270   -14.797 -8.034  1.00 41.01  ? 47  A   A C6    1 
ATOM   1006 N  N6    . A   A 1 47 ? 8.311   -13.546 -8.501  1.00 38.13  ? 47  A   A N6    1 
ATOM   1007 N  N1    . A   A 1 47 ? 7.698   -15.761 -8.793  1.00 43.90  ? 47  A   A N1    1 
ATOM   1008 C  C2    . A   A 1 47 ? 7.650   -17.018 -8.328  1.00 44.24  ? 47  A   A C2    1 
ATOM   1009 N  N3    . A   A 1 47 ? 8.103   -17.509 -7.178  1.00 44.07  ? 47  A   A N3    1 
ATOM   1010 C  C4    . A   A 1 47 ? 8.670   -16.528 -6.455  1.00 45.60  ? 47  A   A C4    1 
ATOM   1011 P  P     . G   A 1 48 ? 13.991  -19.060 -5.407  1.00 53.32  ? 48  G   A P     1 
ATOM   1012 O  OP1   . G   A 1 48 ? 14.743  -20.341 -5.373  1.00 59.38  ? 48  G   A OP1   1 
ATOM   1013 O  OP2   . G   A 1 48 ? 14.672  -17.772 -5.115  1.00 54.62  ? 48  G   A OP2   1 
ATOM   1014 O  "O5'" . G   A 1 48 ? 13.351  -18.947 -6.855  1.00 46.65  ? 48  G   A "O5'" 1 
ATOM   1015 C  "C5'" . G   A 1 48 ? 12.787  -20.076 -7.493  1.00 47.55  ? 48  G   A "C5'" 1 
ATOM   1016 C  "C4'" . G   A 1 48 ? 12.051  -19.674 -8.742  1.00 47.23  ? 48  G   A "C4'" 1 
ATOM   1017 O  "O4'" . G   A 1 48 ? 11.069  -18.657 -8.418  1.00 44.57  ? 48  G   A "O4'" 1 
ATOM   1018 C  "C3'" . G   A 1 48 ? 12.890  -19.032 -9.831  1.00 46.15  ? 48  G   A "C3'" 1 
ATOM   1019 O  "O3'" . G   A 1 48 ? 13.599  -19.975 -10.615 1.00 44.09  ? 48  G   A "O3'" 1 
ATOM   1020 C  "C2'" . G   A 1 48 ? 11.850  -18.246 -10.615 1.00 45.12  ? 48  G   A "C2'" 1 
ATOM   1021 O  "O2'" . G   A 1 48 ? 11.066  -19.122 -11.411 1.00 43.72  ? 48  G   A "O2'" 1 
ATOM   1022 C  "C1'" . G   A 1 48 ? 10.963  -17.738 -9.486  1.00 44.02  ? 48  G   A "C1'" 1 
ATOM   1023 N  N9    . G   A 1 48 ? 11.372  -16.408 -9.000  1.00 38.99  ? 48  G   A N9    1 
ATOM   1024 C  C8    . G   A 1 48 ? 12.027  -16.123 -7.832  1.00 42.51  ? 48  G   A C8    1 
ATOM   1025 N  N7    . G   A 1 48 ? 12.243  -14.843 -7.661  1.00 41.11  ? 48  G   A N7    1 
ATOM   1026 C  C5    . G   A 1 48 ? 11.689  -14.253 -8.784  1.00 39.77  ? 48  G   A C5    1 
ATOM   1027 C  C6    . G   A 1 48 ? 11.612  -12.883 -9.159  1.00 42.06  ? 48  G   A C6    1 
ATOM   1028 O  O6    . G   A 1 48 ? 12.028  -11.883 -8.545  1.00 40.88  ? 48  G   A O6    1 
ATOM   1029 N  N1    . G   A 1 48 ? 10.974  -12.729 -10.382 1.00 38.40  ? 48  G   A N1    1 
ATOM   1030 C  C2    . G   A 1 48 ? 10.462  -13.751 -11.140 1.00 42.62  ? 48  G   A C2    1 
ATOM   1031 N  N2    . G   A 1 48 ? 9.877   -13.393 -12.295 1.00 39.65  ? 48  G   A N2    1 
ATOM   1032 N  N3    . G   A 1 48 ? 10.533  -15.031 -10.798 1.00 42.91  ? 48  G   A N3    1 
ATOM   1033 C  C4    . G   A 1 48 ? 11.145  -15.205 -9.615  1.00 39.23  ? 48  G   A C4    1 
ATOM   1034 P  P     . C   A 1 49 ? 15.090  -19.654 -11.125 1.00 48.24  ? 49  C   A P     1 
ATOM   1035 O  OP1   . C   A 1 49 ? 15.586  -20.888 -11.780 1.00 56.10  ? 49  C   A OP1   1 
ATOM   1036 O  OP2   . C   A 1 49 ? 15.861  -19.016 -10.036 1.00 49.97  ? 49  C   A OP2   1 
ATOM   1037 O  "O5'" . C   A 1 49 ? 14.880  -18.590 -12.280 1.00 41.27  ? 49  C   A "O5'" 1 
ATOM   1038 C  "C5'" . C   A 1 49 ? 14.052  -18.891 -13.388 1.00 42.97  ? 49  C   A "C5'" 1 
ATOM   1039 C  "C4'" . C   A 1 49 ? 13.752  -17.645 -14.168 1.00 45.26  ? 49  C   A "C4'" 1 
ATOM   1040 O  "O4'" . C   A 1 49 ? 12.926  -16.751 -13.370 1.00 43.13  ? 49  C   A "O4'" 1 
ATOM   1041 C  "C3'" . C   A 1 49 ? 14.963  -16.793 -14.513 1.00 42.49  ? 49  C   A "C3'" 1 
ATOM   1042 O  "O3'" . C   A 1 49 ? 15.711  -17.274 -15.613 1.00 44.90  ? 49  C   A "O3'" 1 
ATOM   1043 C  "C2'" . C   A 1 49 ? 14.339  -15.435 -14.756 1.00 39.50  ? 49  C   A "C2'" 1 
ATOM   1044 O  "O2'" . C   A 1 49 ? 13.692  -15.423 -16.020 1.00 38.07  ? 49  C   A "O2'" 1 
ATOM   1045 C  "C1'" . C   A 1 49 ? 13.275  -15.408 -13.653 1.00 40.94  ? 49  C   A "C1'" 1 
ATOM   1046 N  N1    . C   A 1 49 ? 13.802  -14.790 -12.420 1.00 38.08  ? 49  C   A N1    1 
ATOM   1047 C  C2    . C   A 1 49 ? 13.795  -13.398 -12.338 1.00 41.51  ? 49  C   A C2    1 
ATOM   1048 O  O2    . C   A 1 49 ? 13.341  -12.746 -13.292 1.00 40.32  ? 49  C   A O2    1 
ATOM   1049 N  N3    . C   A 1 49 ? 14.290  -12.796 -11.235 1.00 38.71  ? 49  C   A N3    1 
ATOM   1050 C  C4    . C   A 1 49 ? 14.764  -13.529 -10.236 1.00 39.21  ? 49  C   A C4    1 
ATOM   1051 N  N4    . C   A 1 49 ? 15.227  -12.881 -9.167  1.00 41.42  ? 49  C   A N4    1 
ATOM   1052 C  C5    . C   A 1 49 ? 14.799  -14.954 -10.293 1.00 42.49  ? 49  C   A C5    1 
ATOM   1053 C  C6    . C   A 1 49 ? 14.309  -15.535 -11.396 1.00 42.57  ? 49  C   A C6    1 
ATOM   1054 P  P     . G   A 1 50 ? 17.273  -16.920 -15.711 1.00 44.20  ? 50  G   A P     1 
ATOM   1055 O  OP1   . G   A 1 50 ? 17.779  -17.756 -16.834 1.00 42.96  ? 50  G   A OP1   1 
ATOM   1056 O  OP2   . G   A 1 50 ? 17.858  -17.033 -14.356 1.00 39.69  ? 50  G   A OP2   1 
ATOM   1057 O  "O5'" . G   A 1 50 ? 17.306  -15.385 -16.132 1.00 41.20  ? 50  G   A "O5'" 1 
ATOM   1058 C  "C5'" . G   A 1 50 ? 16.821  -14.977 -17.403 1.00 43.20  ? 50  G   A "C5'" 1 
ATOM   1059 C  "C4'" . G   A 1 50 ? 16.883  -13.481 -17.572 1.00 40.34  ? 50  G   A "C4'" 1 
ATOM   1060 O  "O4'" . G   A 1 50 ? 16.092  -12.820 -16.548 1.00 41.36  ? 50  G   A "O4'" 1 
ATOM   1061 C  "C3'" . G   A 1 50 ? 18.251  -12.842 -17.434 1.00 38.56  ? 50  G   A "C3'" 1 
ATOM   1062 O  "O3'" . G   A 1 50 ? 19.037  -12.982 -18.597 1.00 42.86  ? 50  G   A "O3'" 1 
ATOM   1063 C  "C2'" . G   A 1 50 ? 17.903  -11.398 -17.120 1.00 38.58  ? 50  G   A "C2'" 1 
ATOM   1064 O  "O2'" . G   A 1 50 ? 17.488  -10.729 -18.299 1.00 43.77  ? 50  G   A "O2'" 1 
ATOM   1065 C  "C1'" . G   A 1 50 ? 16.682  -11.579 -16.215 1.00 41.31  ? 50  G   A "C1'" 1 
ATOM   1066 N  N9    . G   A 1 50 ? 17.079  -11.626 -14.800 1.00 39.86  ? 50  G   A N9    1 
ATOM   1067 C  C8    . G   A 1 50 ? 17.126  -12.737 -13.997 1.00 38.35  ? 50  G   A C8    1 
ATOM   1068 N  N7    . G   A 1 50 ? 17.524  -12.464 -12.781 1.00 36.43  ? 50  G   A N7    1 
ATOM   1069 C  C5    . G   A 1 50 ? 17.776  -11.103 -12.792 1.00 38.21  ? 50  G   A C5    1 
ATOM   1070 C  C6    . G   A 1 50 ? 18.244  -10.263 -11.755 1.00 40.60  ? 50  G   A C6    1 
ATOM   1071 O  O6    . G   A 1 50 ? 18.521  -10.579 -10.589 1.00 39.33  ? 50  G   A O6    1 
ATOM   1072 N  N1    . G   A 1 50 ? 18.360  -8.945  -12.188 1.00 40.93  ? 50  G   A N1    1 
ATOM   1073 C  C2    . G   A 1 50 ? 18.067  -8.510  -13.454 1.00 43.47  ? 50  G   A C2    1 
ATOM   1074 N  N2    . G   A 1 50 ? 18.244  -7.208  -13.676 1.00 40.98  ? 50  G   A N2    1 
ATOM   1075 N  N3    . G   A 1 50 ? 17.626  -9.288  -14.437 1.00 40.95  ? 50  G   A N3    1 
ATOM   1076 C  C4    . G   A 1 50 ? 17.507  -10.566 -14.031 1.00 40.17  ? 50  G   A C4    1 
ATOM   1077 P  P     . C   A 1 51 ? 20.619  -13.233 -18.470 1.00 44.85  ? 51  C   A P     1 
ATOM   1078 O  OP1   . C   A 1 51 ? 21.079  -13.455 -19.851 1.00 41.35  ? 51  C   A OP1   1 
ATOM   1079 O  OP2   . C   A 1 51 ? 20.908  -14.219 -17.397 1.00 37.87  ? 51  C   A OP2   1 
ATOM   1080 O  "O5'" . C   A 1 51 ? 21.178  -11.826 -17.990 1.00 42.07  ? 51  C   A "O5'" 1 
ATOM   1081 C  "C5'" . C   A 1 51 ? 21.004  -10.673 -18.796 1.00 41.59  ? 51  C   A "C5'" 1 
ATOM   1082 C  "C4'" . C   A 1 51 ? 21.433  -9.436  -18.066 1.00 41.15  ? 51  C   A "C4'" 1 
ATOM   1083 O  "O4'" . C   A 1 51 ? 20.548  -9.207  -16.931 1.00 43.24  ? 51  C   A "O4'" 1 
ATOM   1084 C  "C3'" . C   A 1 51 ? 22.812  -9.487  -17.436 1.00 41.55  ? 51  C   A "C3'" 1 
ATOM   1085 O  "O3'" . C   A 1 51 ? 23.869  -9.293  -18.367 1.00 46.05  ? 51  C   A "O3'" 1 
ATOM   1086 C  "C2'" . C   A 1 51 ? 22.703  -8.410  -16.373 1.00 41.96  ? 51  C   A "C2'" 1 
ATOM   1087 O  "O2'" . C   A 1 51 ? 22.698  -7.131  -16.981 1.00 39.55  ? 51  C   A "O2'" 1 
ATOM   1088 C  "C1'" . C   A 1 51 ? 21.287  -8.665  -15.857 1.00 43.11  ? 51  C   A "C1'" 1 
ATOM   1089 N  N1    . C   A 1 51 ? 21.275  -9.634  -14.739 1.00 40.42  ? 51  C   A N1    1 
ATOM   1090 C  C2    . C   A 1 51 ? 21.541  -9.159  -13.457 1.00 43.19  ? 51  C   A C2    1 
ATOM   1091 O  O2    . C   A 1 51 ? 21.755  -7.954  -13.305 1.00 42.69  ? 51  C   A O2    1 
ATOM   1092 N  N3    . C   A 1 51 ? 21.540  -10.013 -12.414 1.00 42.32  ? 51  C   A N3    1 
ATOM   1093 C  C4    . C   A 1 51 ? 21.296  -11.301 -12.616 1.00 41.16  ? 51  C   A C4    1 
ATOM   1094 N  N4    . C   A 1 51 ? 21.304  -12.101 -11.548 1.00 43.46  ? 51  C   A N4    1 
ATOM   1095 C  C5    . C   A 1 51 ? 21.035  -11.828 -13.912 1.00 38.37  ? 51  C   A C5    1 
ATOM   1096 C  C6    . C   A 1 51 ? 21.030  -10.963 -14.934 1.00 41.24  ? 51  C   A C6    1 
ATOM   1097 P  P     . C   A 1 52 ? 25.298  -10.006 -18.145 1.00 49.27  ? 52  C   A P     1 
ATOM   1098 O  OP1   . C   A 1 52 ? 26.109  -9.704  -19.344 1.00 50.04  ? 52  C   A OP1   1 
ATOM   1099 O  OP2   . C   A 1 52 ? 25.139  -11.415 -17.725 1.00 47.48  ? 52  C   A OP2   1 
ATOM   1100 O  "O5'" . C   A 1 52 ? 25.933  -9.208  -16.924 1.00 47.23  ? 52  C   A "O5'" 1 
ATOM   1101 C  "C5'" . C   A 1 52 ? 26.128  -7.804  -17.007 1.00 49.10  ? 52  C   A "C5'" 1 
ATOM   1102 C  "C4'" . C   A 1 52 ? 26.595  -7.231  -15.697 1.00 47.70  ? 52  C   A "C4'" 1 
ATOM   1103 O  "O4'" . C   A 1 52 ? 25.536  -7.320  -14.709 1.00 49.34  ? 52  C   A "O4'" 1 
ATOM   1104 C  "C3'" . C   A 1 52 ? 27.773  -7.932  -15.033 1.00 47.15  ? 52  C   A "C3'" 1 
ATOM   1105 O  "O3'" . C   A 1 52 ? 29.019  -7.559  -15.595 1.00 55.54  ? 52  C   A "O3'" 1 
ATOM   1106 C  "C2'" . C   A 1 52 ? 27.610  -7.517  -13.579 1.00 50.07  ? 52  C   A "C2'" 1 
ATOM   1107 O  "O2'" . C   A 1 52 ? 28.018  -6.168  -13.398 1.00 47.63  ? 52  C   A "O2'" 1 
ATOM   1108 C  "C1'" . C   A 1 52 ? 26.089  -7.561  -13.433 1.00 48.75  ? 52  C   A "C1'" 1 
ATOM   1109 N  N1    . C   A 1 52 ? 25.630  -8.882  -12.949 1.00 46.48  ? 52  C   A N1    1 
ATOM   1110 C  C2    . C   A 1 52 ? 25.712  -9.110  -11.577 1.00 48.60  ? 52  C   A C2    1 
ATOM   1111 O  O2    . C   A 1 52 ? 26.140  -8.195  -10.855 1.00 52.09  ? 52  C   A O2    1 
ATOM   1112 N  N3    . C   A 1 52 ? 25.316  -10.301 -11.072 1.00 46.14  ? 52  C   A N3    1 
ATOM   1113 C  C4    . C   A 1 52 ? 24.861  -11.246 -11.894 1.00 48.61  ? 52  C   A C4    1 
ATOM   1114 N  N4    . C   A 1 52 ? 24.483  -12.404 -11.344 1.00 47.81  ? 52  C   A N4    1 
ATOM   1115 C  C5    . C   A 1 52 ? 24.781  -11.048 -13.312 1.00 45.26  ? 52  C   A C5    1 
ATOM   1116 C  C6    . C   A 1 52 ? 25.175  -9.861  -13.794 1.00 46.07  ? 52  C   A C6    1 
ATOM   1117 P  P     . U   A 1 53 ? 30.240  -8.601  -15.669 1.00 54.37  ? 53  U   A P     1 
ATOM   1118 O  OP1   . U   A 1 53 ? 31.219  -7.922  -16.538 1.00 56.19  ? 53  U   A OP1   1 
ATOM   1119 O  OP2   . U   A 1 53 ? 29.792  -9.974  -15.995 1.00 55.61  ? 53  U   A OP2   1 
ATOM   1120 O  "O5'" . U   A 1 53 ? 30.789  -8.681  -14.171 1.00 55.35  ? 53  U   A "O5'" 1 
ATOM   1121 C  "C5'" . U   A 1 53 ? 31.142  -7.498  -13.459 1.00 55.09  ? 53  U   A "C5'" 1 
ATOM   1122 C  "C4'" . U   A 1 53 ? 31.220  -7.712  -11.962 1.00 57.75  ? 53  U   A "C4'" 1 
ATOM   1123 O  "O4'" . U   A 1 53 ? 30.031  -8.410  -11.490 1.00 56.52  ? 53  U   A "O4'" 1 
ATOM   1124 C  "C3'" . U   A 1 53 ? 32.430  -8.511  -11.460 1.00 61.69  ? 53  U   A "C3'" 1 
ATOM   1125 O  "O3'" . U   A 1 53 ? 32.974  -7.898  -10.292 1.00 66.71  ? 53  U   A "O3'" 1 
ATOM   1126 C  "C2'" . U   A 1 53 ? 31.835  -9.863  -11.080 1.00 57.46  ? 53  U   A "C2'" 1 
ATOM   1127 O  "O2'" . U   A 1 53 ? 32.513  -10.510 -10.024 1.00 62.89  ? 53  U   A "O2'" 1 
ATOM   1128 C  "C1'" . U   A 1 53 ? 30.410  -9.498  -10.670 1.00 60.73  ? 53  U   A "C1'" 1 
ATOM   1129 N  N1    . U   A 1 53 ? 29.468  -10.613 -10.873 1.00 56.95  ? 53  U   A N1    1 
ATOM   1130 C  C2    . U   A 1 53 ? 29.031  -11.313 -9.758  1.00 57.71  ? 53  U   A C2    1 
ATOM   1131 O  O2    . U   A 1 53 ? 29.349  -11.023 -8.615  1.00 59.71  ? 53  U   A O2    1 
ATOM   1132 N  N3    . U   A 1 53 ? 28.187  -12.364 -10.026 1.00 54.21  ? 53  U   A N3    1 
ATOM   1133 C  C4    . U   A 1 53 ? 27.755  -12.790 -11.266 1.00 52.71  ? 53  U   A C4    1 
ATOM   1134 O  O4    . U   A 1 53 ? 26.990  -13.756 -11.339 1.00 57.24  ? 53  U   A O4    1 
ATOM   1135 C  C5    . U   A 1 53 ? 28.258  -12.033 -12.371 1.00 52.48  ? 53  U   A C5    1 
ATOM   1136 C  C6    . U   A 1 53 ? 29.085  -11.001 -12.141 1.00 55.55  ? 53  U   A C6    1 
HETATM 1137 MG MG    . MG  B 2 .  ? 34.219  -9.372  -10.039 1.00 65.59  ? 101 MG  A MG    1 
HETATM 1138 MG MG    . MG  C 2 .  ? 7.922   -4.582  -4.638  1.00 58.07  ? 102 MG  A MG    1 
HETATM 1139 MG MG    . MG  D 2 .  ? 14.068  -7.333  -5.209  1.00 54.62  ? 103 MG  A MG    1 
HETATM 1140 MG MG    . MG  E 2 .  ? 3.145   -5.579  -5.962  1.00 60.69  ? 104 MG  A MG    1 
HETATM 1141 MG MG    . MG  F 2 .  ? -8.448  6.314   2.046   1.00 51.01  ? 105 MG  A MG    1 
HETATM 1142 N  N1    . NPR G 3 .  ? -2.564  4.287   -2.800  1.00 38.15  ? 106 NPR A N1    1 
HETATM 1143 C  C2    . NPR G 3 .  ? -3.003  3.720   -1.654  1.00 38.64  ? 106 NPR A C2    1 
HETATM 1144 N  N3    . NPR G 3 .  ? -2.820  4.408   -0.511  1.00 37.95  ? 106 NPR A N3    1 
HETATM 1145 C  C4    . NPR G 3 .  ? -3.221  3.941   0.684   1.00 37.92  ? 106 NPR A C4    1 
HETATM 1146 O  O5    . NPR G 3 .  ? -3.026  4.632   1.705   1.00 39.51  ? 106 NPR A O5    1 
HETATM 1147 C  C6    . NPR G 3 .  ? -3.876  2.614   0.736   1.00 36.83  ? 106 NPR A C6    1 
HETATM 1148 N  N7    . NPR G 3 .  ? -4.319  2.047   1.879   1.00 39.39  ? 106 NPR A N7    1 
HETATM 1149 C  C8    . NPR G 3 .  ? -4.893  0.817   1.868   1.00 41.28  ? 106 NPR A C8    1 
HETATM 1150 C  C9    . NPR G 3 .  ? -5.106  0.058   0.576   1.00 37.58  ? 106 NPR A C9    1 
HETATM 1151 N  N10   . NPR G 3 .  ? -4.618  0.729   -0.617  1.00 37.74  ? 106 NPR A N10   1 
HETATM 1152 C  C11   . NPR G 3 .  ? -4.037  1.929   -0.561  1.00 34.87  ? 106 NPR A C11   1 
HETATM 1153 N  N12   . NPR G 3 .  ? -3.606  2.523   -1.675  1.00 33.68  ? 106 NPR A N12   1 
HETATM 1154 C  C13   . NPR G 3 .  ? -5.444  0.157   3.084   1.00 41.59  ? 106 NPR A C13   1 
HETATM 1155 O  O14   . NPR G 3 .  ? -6.604  0.917   3.472   1.00 55.19  ? 106 NPR A O14   1 
HETATM 1156 C  C15   . NPR G 3 .  ? -4.592  0.014   4.343   1.00 50.31  ? 106 NPR A C15   1 
HETATM 1157 O  O16   . NPR G 3 .  ? -3.247  0.488   4.197   1.00 51.49  ? 106 NPR A O16   1 
HETATM 1158 C  C17   . NPR G 3 .  ? -4.616  -1.456  4.759   1.00 53.25  ? 106 NPR A C17   1 
HETATM 1159 O  O18   . NPR G 3 .  ? -4.187  -1.645  6.119   1.00 54.10  ? 106 NPR A O18   1 
HETATM 1160 N  N1    . SPM H 4 .  ? -18.311 26.529  12.860  1.00 60.80  ? 107 SPM A N1    1 
HETATM 1161 C  C2    . SPM H 4 .  ? -18.348 25.237  13.526  1.00 64.17  ? 107 SPM A C2    1 
HETATM 1162 C  C3    . SPM H 4 .  ? -18.355 24.101  12.501  1.00 60.87  ? 107 SPM A C3    1 
HETATM 1163 C  C4    . SPM H 4 .  ? -19.694 23.999  11.766  1.00 63.53  ? 107 SPM A C4    1 
HETATM 1164 N  N5    . SPM H 4 .  ? -19.802 22.780  10.979  1.00 62.18  ? 107 SPM A N5    1 
HETATM 1165 C  C6    . SPM H 4 .  ? -18.635 22.298  10.270  1.00 54.13  ? 107 SPM A C6    1 
HETATM 1166 C  C7    . SPM H 4 .  ? -18.887 21.276  9.164   1.00 52.43  ? 107 SPM A C7    1 
HETATM 1167 C  C8    . SPM H 4 .  ? -18.696 19.840  9.651   1.00 60.35  ? 107 SPM A C8    1 
HETATM 1168 C  C9    . SPM H 4 .  ? -17.762 19.046  8.732   1.00 57.73  ? 107 SPM A C9    1 
HETATM 1169 N  N10   . SPM H 4 .  ? -17.717 17.633  9.076   1.00 58.81  ? 107 SPM A N10   1 
HETATM 1170 C  C11   . SPM H 4 .  ? -17.772 16.592  8.062   1.00 59.52  ? 107 SPM A C11   1 
HETATM 1171 C  C12   . SPM H 4 .  ? -18.823 15.518  8.355   1.00 56.76  ? 107 SPM A C12   1 
HETATM 1172 C  C13   . SPM H 4 .  ? -18.487 14.202  7.656   1.00 58.58  ? 107 SPM A C13   1 
HETATM 1173 N  N14   . SPM H 4 .  ? -19.529 13.205  7.856   1.00 57.11  ? 107 SPM A N14   1 
HETATM 1174 O  O     . HOH I 5 .  ? -5.773  18.087  3.415   1.00 44.23  ? 201 HOH A O     1 
HETATM 1175 O  O     . HOH I 5 .  ? 34.191  -7.936  -8.517  1.00 60.23  ? 202 HOH A O     1 
HETATM 1176 O  O     . HOH I 5 .  ? 18.693  -12.284 -8.866  1.00 44.34  ? 203 HOH A O     1 
HETATM 1177 O  O     . HOH I 5 .  ? 19.496  -10.965 -4.859  1.00 57.24  ? 204 HOH A O     1 
HETATM 1178 O  O     . HOH I 5 .  ? 12.386  -10.181 -2.832  1.00 47.59  ? 205 HOH A O     1 
HETATM 1179 O  O     . HOH I 5 .  ? 16.235  -9.716  -6.822  1.00 49.88  ? 206 HOH A O     1 
HETATM 1180 O  O     . HOH I 5 .  ? 13.450  -13.709 -5.446  1.00 43.12  ? 207 HOH A O     1 
HETATM 1181 O  O     . HOH I 5 .  ? -2.591  -5.746  -1.186  1.00 37.76  ? 208 HOH A O     1 
HETATM 1182 O  O     . HOH I 5 .  ? -10.957 20.256  5.424   1.00 48.67  ? 209 HOH A O     1 
HETATM 1183 O  O     . HOH I 5 .  ? -7.075  10.206  1.255   1.00 43.72  ? 210 HOH A O     1 
HETATM 1184 O  O     . HOH I 5 .  ? -4.628  4.532   3.852   1.00 45.92  ? 211 HOH A O     1 
HETATM 1185 O  O     . HOH I 5 .  ? 5.262   -18.514 -4.031  1.00 53.38  ? 212 HOH A O     1 
HETATM 1186 O  O     . HOH I 5 .  ? -3.326  17.555  3.726   1.00 46.54  ? 213 HOH A O     1 
HETATM 1187 O  O     . HOH I 5 .  ? 9.111   -6.430  -3.487  1.00 46.02  ? 214 HOH A O     1 
HETATM 1188 O  O     . HOH I 5 .  ? 17.098  -11.711 -6.471  1.00 50.66  ? 215 HOH A O     1 
HETATM 1189 O  O     . HOH I 5 .  ? 8.480   -16.894 -0.196  1.00 55.16  ? 216 HOH A O     1 
HETATM 1190 O  O     . HOH I 5 .  ? -22.250 13.230  10.106  1.00 50.10  ? 217 HOH A O     1 
HETATM 1191 O  O     . HOH I 5 .  ? -6.889  4.092   1.751   1.00 41.29  ? 218 HOH A O     1 
HETATM 1192 O  O     . HOH I 5 .  ? 3.886   -6.579  -4.029  1.00 45.97  ? 219 HOH A O     1 
HETATM 1193 O  O     . HOH I 5 .  ? -9.919  11.393  -0.889  1.00 37.60  ? 220 HOH A O     1 
HETATM 1194 O  O     . HOH I 5 .  ? 16.285  -7.182  -6.582  1.00 49.84  ? 221 HOH A O     1 
HETATM 1195 O  O     . HOH I 5 .  ? -2.002  -8.105  -3.306  1.00 46.57  ? 222 HOH A O     1 
HETATM 1196 O  O     . HOH I 5 .  ? -0.158  12.609  2.582   1.00 51.50  ? 223 HOH A O     1 
HETATM 1197 O  O     . HOH I 5 .  ? -5.886  6.530   2.332   1.00 47.11  ? 224 HOH A O     1 
HETATM 1198 O  O     . HOH I 5 .  ? 18.184  -14.548 -10.827 1.00 36.73  ? 225 HOH A O     1 
HETATM 1199 O  O     . HOH I 5 .  ? 5.275   -5.829  -6.918  1.00 46.96  ? 226 HOH A O     1 
HETATM 1200 O  O     . HOH I 5 .  ? 3.924   -4.160  -4.665  1.00 44.35  ? 227 HOH A O     1 
HETATM 1201 O  O     . HOH I 5 .  ? 18.104  -6.332  -16.567 1.00 47.36  ? 228 HOH A O     1 
HETATM 1202 O  O     . HOH I 5 .  ? 6.556   -5.553  -3.659  1.00 52.28  ? 229 HOH A O     1 
HETATM 1203 O  O     . HOH I 5 .  ? 14.162  -11.147 -6.236  1.00 40.74  ? 230 HOH A O     1 
HETATM 1204 O  O     . HOH I 5 .  ? -10.660 5.268   3.412   1.00 54.82  ? 231 HOH A O     1 
HETATM 1205 O  O     . HOH I 5 .  ? 21.692  -13.552 -7.515  1.00 63.61  ? 232 HOH A O     1 
HETATM 1206 O  O     . HOH I 5 .  ? 32.584  -13.049 -7.498  1.00 58.21  ? 233 HOH A O     1 
HETATM 1207 O  O     . HOH I 5 .  ? -0.574  13.799  4.288   1.00 57.61  ? 234 HOH A O     1 
# 
